data_9EKU
#
_entry.id   9EKU
#
_cell.length_a   1.00
_cell.length_b   1.00
_cell.length_c   1.00
_cell.angle_alpha   90.00
_cell.angle_beta   90.00
_cell.angle_gamma   90.00
#
_symmetry.space_group_name_H-M   'P 1'
#
loop_
_entity.id
_entity.type
_entity.pdbx_description
1 polymer Mucolipin-1
2 non-polymer N-{(1S,2S)-2-[4-(2-methoxyphenyl)piperazin-1-yl]cyclohexyl}benzenesulfonamide
#
_entity_poly.entity_id   1
_entity_poly.type   'polypeptide(L)'
_entity_poly.pdbx_seq_one_letter_code
;MDYKDDDDKTAPAGPRGSETERLLTPNPGYGTQAGPSPAPPTPPEEEDLRRRLKYFFMSPCDKFRAKGRKPCKLMLQVVK
ILVVTVQLILFGLSNQLAVTFREENTIAFRHLFLLGYSDGADDTFAAYTREQLYQAIFHAVDQYLALPDVSLGRYAYVRG
GGDPWTNGSGLALCQRYYHRGHVDPANDTFDIDPMVVTDCIQVDPPERPPPPPSDDLTLLESSSSYKNLTLKFHKLVNVT
IHFRLKTINLQSLINNEIPDCYTFSVLITFDNKAHSGRIPISLETQAHIQECKHPSVFQHGDNSFRLLFDVVVILTCSLS
FLLCARSLLRGFLLQNEFVGFMWRQRGRVISLWERLEFVNGWYILLVTSDVLTISGTIMKIGIEAKNLASYDVCSILLGT
STLLVWVGVIRYLTFFHNYNILIATLRVALPSVMRFCCCAGVIYLGYCFCGWIVLGPYHVKFRSLSMVSECLFSLINGDD
MFVTFAAMQAQQGRSSLVWLFSQLYLYSFISLFIYMVLSLFIALITGAYDTIKHPGGAGAEESELQAYIAQCQDSPTSGK
FRRGSGSACSLLCCCGRDPSEEHSLLVN
;
_entity_poly.pdbx_strand_id   A,B,C,D
#
loop_
_chem_comp.id
_chem_comp.type
_chem_comp.name
_chem_comp.formula
ZB4 non-polymer N-{(1S,2S)-2-[4-(2-methoxyphenyl)piperazin-1-yl]cyclohexyl}benzenesulfonamide 'C23 H31 N3 O3 S'
#
# COMPACT_ATOMS: atom_id res chain seq x y z
N GLY A 68 41.72 49.66 5.32
CA GLY A 68 41.09 49.20 4.11
C GLY A 68 39.65 48.76 4.30
N ARG A 69 39.08 48.11 3.28
CA ARG A 69 37.70 47.64 3.34
C ARG A 69 37.63 46.42 4.25
N LYS A 70 37.00 46.58 5.40
CA LYS A 70 36.86 45.47 6.34
C LYS A 70 35.98 44.38 5.75
N PRO A 71 36.26 43.12 6.06
CA PRO A 71 35.42 42.02 5.55
C PRO A 71 34.08 42.00 6.23
N CYS A 72 33.11 41.37 5.56
CA CYS A 72 31.75 41.33 6.07
C CYS A 72 31.68 40.45 7.31
N LYS A 73 30.95 40.93 8.32
CA LYS A 73 30.71 40.16 9.55
C LYS A 73 29.65 39.09 9.37
N LEU A 74 29.19 38.90 8.14
CA LEU A 74 28.16 37.91 7.84
C LEU A 74 28.62 36.49 8.14
N MET A 75 29.93 36.28 8.33
CA MET A 75 30.42 34.98 8.79
C MET A 75 29.76 34.57 10.10
N LEU A 76 29.37 35.56 10.92
CA LEU A 76 28.64 35.24 12.14
C LEU A 76 27.41 34.39 11.85
N GLN A 77 26.66 34.75 10.81
CA GLN A 77 25.50 33.95 10.43
C GLN A 77 25.92 32.54 10.00
N VAL A 78 27.07 32.42 9.33
CA VAL A 78 27.59 31.11 8.98
C VAL A 78 27.83 30.29 10.24
N VAL A 79 28.18 30.96 11.35
CA VAL A 79 28.26 30.27 12.63
C VAL A 79 26.88 29.76 13.03
N LYS A 80 25.88 30.62 12.95
CA LYS A 80 24.51 30.26 13.34
C LYS A 80 24.07 28.97 12.69
N ILE A 81 24.08 28.95 11.35
CA ILE A 81 23.65 27.79 10.59
C ILE A 81 24.31 26.52 11.13
N LEU A 82 25.57 26.62 11.52
CA LEU A 82 26.21 25.49 12.20
C LEU A 82 25.66 25.32 13.60
N VAL A 83 25.89 26.31 14.47
CA VAL A 83 25.70 26.12 15.90
C VAL A 83 24.26 25.72 16.20
N VAL A 84 23.30 26.50 15.70
CA VAL A 84 21.89 26.21 15.95
C VAL A 84 21.58 24.79 15.51
N THR A 85 22.01 24.42 14.30
CA THR A 85 21.73 23.07 13.80
C THR A 85 22.23 22.02 14.77
N VAL A 86 23.47 22.18 15.25
CA VAL A 86 24.02 21.20 16.17
C VAL A 86 23.11 21.05 17.38
N GLN A 87 22.70 22.19 17.95
CA GLN A 87 21.81 22.15 19.10
C GLN A 87 20.60 21.30 18.80
N LEU A 88 19.94 21.58 17.68
CA LEU A 88 18.74 20.83 17.31
C LEU A 88 19.03 19.34 17.32
N ILE A 89 20.11 18.93 16.63
CA ILE A 89 20.42 17.52 16.54
C ILE A 89 20.56 16.93 17.93
N LEU A 90 21.35 17.59 18.79
CA LEU A 90 21.52 17.09 20.14
C LEU A 90 20.16 16.91 20.81
N PHE A 91 19.37 17.98 20.81
CA PHE A 91 18.05 17.90 21.43
C PHE A 91 17.27 16.74 20.85
N GLY A 92 17.25 16.66 19.51
CA GLY A 92 16.47 15.61 18.88
C GLY A 92 16.84 14.25 19.41
N LEU A 93 18.14 13.96 19.45
CA LEU A 93 18.57 12.63 19.90
C LEU A 93 18.01 12.35 21.28
N SER A 94 18.23 13.27 22.22
CA SER A 94 17.73 13.05 23.58
C SER A 94 16.24 12.81 23.55
N ASN A 95 15.50 13.66 22.84
CA ASN A 95 14.05 13.55 22.84
C ASN A 95 13.62 12.18 22.34
N GLN A 96 14.30 11.68 21.30
CA GLN A 96 13.91 10.38 20.76
C GLN A 96 13.93 9.32 21.86
N LEU A 97 15.03 9.27 22.62
CA LEU A 97 15.13 8.26 23.66
C LEU A 97 13.92 8.32 24.57
N ALA A 98 13.56 9.53 25.02
CA ALA A 98 12.47 9.65 25.98
C ALA A 98 11.18 9.08 25.40
N VAL A 99 10.88 9.42 24.15
CA VAL A 99 9.60 8.97 23.61
C VAL A 99 9.59 7.46 23.48
N THR A 100 10.75 6.87 23.13
CA THR A 100 10.82 5.41 23.09
C THR A 100 10.49 4.82 24.44
N PHE A 101 11.11 5.35 25.50
CA PHE A 101 10.85 4.82 26.83
C PHE A 101 9.38 4.97 27.19
N ARG A 102 8.73 6.01 26.65
CA ARG A 102 7.32 6.20 26.92
C ARG A 102 6.46 5.26 26.07
N GLU A 103 6.87 4.98 24.83
CA GLU A 103 6.02 4.14 23.98
C GLU A 103 6.15 2.67 24.36
N GLU A 104 7.38 2.19 24.57
CA GLU A 104 7.58 0.78 24.89
C GLU A 104 6.81 0.40 26.14
N ASN A 105 6.96 1.19 27.20
CA ASN A 105 6.21 0.95 28.43
C ASN A 105 4.72 0.84 28.14
N THR A 106 4.18 1.79 27.35
CA THR A 106 2.77 1.75 27.04
C THR A 106 2.39 0.42 26.40
N ILE A 107 3.18 -0.03 25.43
CA ILE A 107 2.91 -1.31 24.79
C ILE A 107 2.83 -2.40 25.84
N ALA A 108 3.83 -2.45 26.72
CA ALA A 108 3.85 -3.45 27.77
C ALA A 108 2.57 -3.39 28.59
N PHE A 109 2.17 -2.17 28.97
CA PHE A 109 0.97 -2.02 29.78
C PHE A 109 -0.23 -2.64 29.09
N ARG A 110 -0.38 -2.40 27.78
CA ARG A 110 -1.46 -3.02 27.05
C ARG A 110 -1.39 -4.53 27.19
N HIS A 111 -0.22 -5.10 26.86
CA HIS A 111 -0.06 -6.55 26.94
C HIS A 111 -0.22 -7.05 28.36
N LEU A 112 -0.05 -6.18 29.36
CA LEU A 112 -0.22 -6.60 30.74
C LEU A 112 -1.68 -6.51 31.17
N PHE A 113 -2.43 -5.54 30.64
CA PHE A 113 -3.72 -5.20 31.24
C PHE A 113 -4.92 -5.44 30.34
N LEU A 114 -4.73 -5.59 29.03
CA LEU A 114 -5.83 -5.82 28.11
C LEU A 114 -5.93 -7.31 27.82
N LEU A 115 -7.07 -7.90 28.14
CA LEU A 115 -7.24 -9.35 28.01
C LEU A 115 -7.38 -9.75 26.55
N GLY A 116 -6.56 -10.71 26.12
CA GLY A 116 -6.58 -11.15 24.75
C GLY A 116 -6.14 -10.10 23.75
N TYR A 117 -5.19 -9.25 24.13
CA TYR A 117 -4.72 -8.18 23.27
C TYR A 117 -3.54 -8.66 22.43
N SER A 118 -3.52 -8.24 21.17
CA SER A 118 -2.44 -8.56 20.25
C SER A 118 -2.01 -7.29 19.52
N ASP A 119 -0.75 -7.28 19.09
CA ASP A 119 -0.21 -6.11 18.41
C ASP A 119 -0.97 -5.82 17.13
N GLY A 120 -1.28 -4.55 16.90
CA GLY A 120 -2.02 -4.11 15.75
C GLY A 120 -3.51 -4.04 15.92
N ALA A 121 -4.05 -4.64 16.98
CA ALA A 121 -5.49 -4.59 17.26
C ALA A 121 -5.77 -3.49 18.27
N ASP A 122 -5.63 -2.26 17.81
CA ASP A 122 -5.84 -1.08 18.66
C ASP A 122 -7.18 -0.40 18.40
N ASP A 123 -7.57 -0.22 17.14
CA ASP A 123 -8.83 0.43 16.81
C ASP A 123 -10.00 -0.55 16.78
N THR A 124 -9.75 -1.82 16.51
CA THR A 124 -10.80 -2.83 16.45
C THR A 124 -10.96 -3.61 17.74
N PHE A 125 -10.20 -3.27 18.80
CA PHE A 125 -10.29 -3.96 20.06
C PHE A 125 -11.53 -3.50 20.82
N ALA A 126 -12.44 -4.42 21.08
CA ALA A 126 -13.71 -4.08 21.73
C ALA A 126 -14.30 -5.33 22.36
N ALA A 127 -15.30 -5.12 23.21
CA ALA A 127 -16.05 -6.18 23.85
C ALA A 127 -17.48 -6.20 23.33
N TYR A 128 -18.04 -7.39 23.20
CA TYR A 128 -19.36 -7.55 22.59
C TYR A 128 -20.37 -8.29 23.46
N THR A 129 -19.96 -8.89 24.57
CA THR A 129 -20.87 -9.56 25.49
C THR A 129 -20.58 -9.08 26.91
N ARG A 130 -21.57 -9.25 27.79
CA ARG A 130 -21.40 -8.84 29.18
C ARG A 130 -20.30 -9.64 29.86
N GLU A 131 -20.22 -10.94 29.56
CA GLU A 131 -19.17 -11.77 30.14
C GLU A 131 -17.80 -11.30 29.69
N GLN A 132 -17.66 -10.91 28.41
CA GLN A 132 -16.39 -10.39 27.92
C GLN A 132 -15.98 -9.14 28.69
N LEU A 133 -16.92 -8.22 28.91
CA LEU A 133 -16.61 -7.00 29.65
C LEU A 133 -16.20 -7.32 31.08
N TYR A 134 -16.92 -8.22 31.74
CA TYR A 134 -16.60 -8.58 33.12
C TYR A 134 -15.22 -9.21 33.21
N GLN A 135 -14.90 -10.13 32.29
CA GLN A 135 -13.58 -10.76 32.29
C GLN A 135 -12.48 -9.76 32.02
N ALA A 136 -12.73 -8.81 31.09
CA ALA A 136 -11.71 -7.80 30.81
C ALA A 136 -11.43 -6.94 32.04
N ILE A 137 -12.49 -6.48 32.72
CA ILE A 137 -12.30 -5.64 33.89
C ILE A 137 -11.58 -6.40 34.99
N PHE A 138 -12.04 -7.63 35.27
CA PHE A 138 -11.44 -8.41 36.34
C PHE A 138 -10.00 -8.77 36.02
N HIS A 139 -9.68 -9.06 34.76
CA HIS A 139 -8.31 -9.35 34.36
C HIS A 139 -7.43 -8.12 34.56
N ALA A 140 -7.93 -6.94 34.19
CA ALA A 140 -7.14 -5.72 34.40
C ALA A 140 -6.83 -5.52 35.88
N VAL A 141 -7.84 -5.66 36.73
CA VAL A 141 -7.61 -5.43 38.15
C VAL A 141 -6.68 -6.49 38.74
N ASP A 142 -6.86 -7.76 38.35
CA ASP A 142 -6.02 -8.82 38.87
C ASP A 142 -4.57 -8.65 38.42
N GLN A 143 -4.36 -8.25 37.17
CA GLN A 143 -3.00 -8.01 36.69
C GLN A 143 -2.38 -6.82 37.39
N TYR A 144 -3.18 -5.81 37.76
CA TYR A 144 -2.65 -4.74 38.61
C TYR A 144 -2.24 -5.28 39.97
N LEU A 145 -3.05 -6.16 40.55
CA LEU A 145 -2.75 -6.68 41.88
C LEU A 145 -1.54 -7.61 41.87
N ALA A 146 -1.29 -8.32 40.76
CA ALA A 146 -0.20 -9.27 40.67
C ALA A 146 0.98 -8.72 39.88
N LEU A 147 1.11 -7.40 39.78
CA LEU A 147 2.16 -6.81 38.96
C LEU A 147 3.57 -7.14 39.45
N PRO A 148 3.92 -6.99 40.74
CA PRO A 148 5.32 -7.24 41.14
C PRO A 148 5.77 -8.68 40.94
N ASP A 149 4.84 -9.63 40.84
CA ASP A 149 5.22 -11.03 40.69
C ASP A 149 5.31 -11.46 39.23
N VAL A 150 4.45 -10.95 38.36
CA VAL A 150 4.39 -11.40 36.98
C VAL A 150 5.05 -10.44 36.00
N SER A 151 5.22 -9.18 36.36
CA SER A 151 5.73 -8.18 35.43
C SER A 151 7.23 -7.98 35.64
N LEU A 152 7.97 -7.97 34.53
CA LEU A 152 9.39 -7.61 34.54
C LEU A 152 9.52 -6.15 34.15
N GLY A 153 10.30 -5.40 34.92
CA GLY A 153 10.45 -3.98 34.66
C GLY A 153 10.55 -3.12 35.90
N ARG A 154 10.22 -3.68 37.07
CA ARG A 154 10.38 -3.02 38.37
C ARG A 154 9.56 -1.72 38.42
N TYR A 155 8.24 -1.91 38.40
CA TYR A 155 7.32 -0.81 38.63
C TYR A 155 6.99 -0.72 40.12
N ALA A 156 6.48 0.44 40.53
CA ALA A 156 6.16 0.69 41.92
C ALA A 156 4.76 1.28 42.04
N TYR A 157 4.06 0.90 43.11
CA TYR A 157 2.77 1.49 43.40
C TYR A 157 2.93 2.90 43.95
N VAL A 158 1.86 3.69 43.83
CA VAL A 158 1.90 5.10 44.20
C VAL A 158 1.04 5.40 45.42
N ARG A 159 0.12 4.52 45.80
CA ARG A 159 -0.76 4.74 46.95
C ARG A 159 -1.50 6.06 46.80
N GLY A 160 -2.08 6.25 45.62
CA GLY A 160 -2.61 7.52 45.15
C GLY A 160 -3.36 8.36 46.16
N GLY A 161 -2.96 9.63 46.25
CA GLY A 161 -3.62 10.58 47.13
C GLY A 161 -4.18 11.77 46.36
N GLY A 162 -4.69 11.52 45.17
CA GLY A 162 -5.26 12.55 44.33
C GLY A 162 -6.77 12.66 44.48
N ASP A 163 -7.42 13.15 43.44
CA ASP A 163 -8.87 13.30 43.46
C ASP A 163 -9.55 11.95 43.26
N PRO A 164 -9.30 11.22 42.15
CA PRO A 164 -10.03 9.96 41.94
C PRO A 164 -9.74 8.91 43.00
N TRP A 165 -8.59 8.95 43.64
CA TRP A 165 -8.21 7.97 44.66
C TRP A 165 -8.33 8.58 46.05
N THR A 166 -8.81 7.79 47.00
CA THR A 166 -8.84 8.23 48.39
C THR A 166 -7.45 8.09 49.00
N ASN A 167 -7.30 8.57 50.23
CA ASN A 167 -6.00 8.54 50.89
C ASN A 167 -5.67 7.11 51.29
N GLY A 168 -4.90 6.43 50.44
CA GLY A 168 -4.50 5.06 50.72
C GLY A 168 -5.05 4.04 49.75
N SER A 169 -5.38 4.46 48.54
CA SER A 169 -5.89 3.56 47.51
C SER A 169 -5.05 3.71 46.24
N GLY A 170 -4.77 2.58 45.60
CA GLY A 170 -3.94 2.57 44.42
C GLY A 170 -4.71 2.65 43.11
N LEU A 171 -5.74 1.83 42.97
CA LEU A 171 -6.51 1.73 41.74
C LEU A 171 -7.93 2.20 41.99
N ALA A 172 -8.53 2.79 40.96
CA ALA A 172 -9.89 3.32 41.05
C ALA A 172 -10.69 2.80 39.87
N LEU A 173 -11.66 1.91 40.14
CA LEU A 173 -12.58 1.42 39.13
C LEU A 173 -13.88 2.21 39.24
N CYS A 174 -14.16 3.04 38.25
CA CYS A 174 -15.28 3.97 38.31
C CYS A 174 -16.24 3.66 37.16
N GLN A 175 -17.47 3.29 37.50
CA GLN A 175 -18.52 3.06 36.54
C GLN A 175 -19.40 4.30 36.48
N ARG A 176 -19.64 4.79 35.26
CA ARG A 176 -20.26 6.09 35.05
C ARG A 176 -21.51 5.88 34.21
N TYR A 177 -22.66 6.25 34.77
CA TYR A 177 -23.95 5.89 34.21
C TYR A 177 -24.97 6.96 34.55
N TYR A 178 -26.09 6.99 33.81
CA TYR A 178 -27.12 7.99 34.02
C TYR A 178 -27.80 7.80 35.39
N HIS A 179 -28.52 8.83 35.81
CA HIS A 179 -29.21 8.84 37.10
C HIS A 179 -30.57 8.16 37.02
N ARG A 180 -31.44 8.64 36.12
CA ARG A 180 -32.75 8.04 35.88
C ARG A 180 -32.77 7.59 34.43
N GLY A 181 -32.62 6.30 34.19
CA GLY A 181 -32.69 5.81 32.83
C GLY A 181 -33.62 4.62 32.71
N HIS A 182 -34.69 4.75 31.93
CA HIS A 182 -35.61 3.64 31.70
C HIS A 182 -35.77 3.48 30.19
N VAL A 183 -34.81 2.77 29.59
CA VAL A 183 -34.89 2.46 28.17
C VAL A 183 -35.69 1.18 27.98
N ASP A 184 -36.76 1.26 27.20
CA ASP A 184 -37.72 0.17 27.06
C ASP A 184 -38.23 0.11 25.63
N PRO A 185 -37.45 -0.48 24.73
CA PRO A 185 -38.01 -0.91 23.45
C PRO A 185 -39.04 -2.02 23.63
N ALA A 186 -39.75 -2.32 22.55
CA ALA A 186 -40.92 -3.20 22.43
C ALA A 186 -42.16 -2.49 22.95
N ASN A 187 -42.02 -1.32 23.57
CA ASN A 187 -43.11 -0.40 23.86
C ASN A 187 -42.88 0.99 23.31
N ASP A 188 -41.62 1.34 22.99
CA ASP A 188 -41.19 2.58 22.35
C ASP A 188 -41.16 3.76 23.33
N THR A 189 -41.39 3.53 24.61
CA THR A 189 -41.32 4.59 25.60
C THR A 189 -39.93 4.66 26.22
N PHE A 190 -39.61 5.82 26.80
CA PHE A 190 -38.32 6.02 27.46
C PHE A 190 -38.32 7.34 28.23
N ASP A 191 -37.76 7.34 29.45
CA ASP A 191 -37.40 8.57 30.13
C ASP A 191 -35.95 8.49 30.62
N ILE A 192 -35.19 9.54 30.30
CA ILE A 192 -33.76 9.61 30.61
C ILE A 192 -33.47 10.98 31.22
N ASP A 193 -32.67 10.97 32.28
CA ASP A 193 -32.13 12.20 32.88
C ASP A 193 -30.66 12.28 32.53
N PRO A 194 -30.24 13.19 31.65
CA PRO A 194 -28.84 13.21 31.21
C PRO A 194 -27.82 13.38 32.32
N MET A 195 -28.22 13.75 33.53
CA MET A 195 -27.28 13.86 34.63
C MET A 195 -26.62 12.50 34.88
N VAL A 196 -25.30 12.51 35.01
CA VAL A 196 -24.50 11.29 35.04
C VAL A 196 -23.95 11.11 36.44
N VAL A 197 -24.36 10.03 37.11
CA VAL A 197 -23.76 9.63 38.37
C VAL A 197 -22.52 8.77 38.10
N THR A 198 -21.63 8.73 39.08
CA THR A 198 -20.39 7.96 39.01
C THR A 198 -20.19 7.20 40.30
N ASP A 199 -19.99 5.89 40.20
CA ASP A 199 -19.76 5.03 41.36
C ASP A 199 -18.36 4.47 41.26
N CYS A 200 -17.52 4.74 42.27
CA CYS A 200 -16.12 4.36 42.25
C CYS A 200 -15.83 3.36 43.35
N ILE A 201 -15.11 2.30 42.99
CA ILE A 201 -14.60 1.30 43.92
C ILE A 201 -13.09 1.46 43.98
N GLN A 202 -12.57 1.69 45.19
CA GLN A 202 -11.15 1.88 45.39
C GLN A 202 -10.50 0.56 45.79
N VAL A 203 -9.38 0.24 45.15
CA VAL A 203 -8.62 -0.97 45.43
C VAL A 203 -7.24 -0.57 45.91
N ASP A 204 -6.80 -1.17 47.01
CA ASP A 204 -5.49 -0.86 47.55
C ASP A 204 -4.44 -1.83 47.01
N PRO A 205 -3.23 -1.35 46.78
CA PRO A 205 -2.16 -2.22 46.28
C PRO A 205 -1.89 -3.36 47.24
N PRO A 206 -1.36 -4.48 46.73
CA PRO A 206 -1.07 -5.61 47.61
C PRO A 206 -0.11 -5.23 48.72
N GLU A 207 -0.32 -5.83 49.89
CA GLU A 207 0.53 -5.55 51.05
C GLU A 207 1.99 -5.86 50.75
N ARG A 208 2.31 -7.14 50.61
CA ARG A 208 3.64 -7.62 50.25
C ARG A 208 4.75 -6.99 51.09
N SER A 224 -10.34 -6.03 47.11
CA SER A 224 -10.90 -7.28 47.61
C SER A 224 -12.36 -7.44 47.22
N SER A 225 -13.10 -6.33 47.27
CA SER A 225 -14.53 -6.33 46.95
C SER A 225 -14.81 -5.86 45.54
N TYR A 226 -13.79 -5.71 44.70
CA TYR A 226 -14.02 -5.32 43.31
C TYR A 226 -14.78 -6.38 42.54
N LYS A 227 -14.66 -7.66 42.94
CA LYS A 227 -15.34 -8.73 42.24
C LYS A 227 -16.86 -8.56 42.28
N ASN A 228 -17.39 -8.08 43.40
CA ASN A 228 -18.83 -7.86 43.55
C ASN A 228 -19.19 -6.51 42.94
N LEU A 229 -19.19 -6.47 41.61
CA LEU A 229 -19.45 -5.24 40.86
C LEU A 229 -20.52 -5.52 39.81
N THR A 230 -21.68 -4.91 39.98
CA THR A 230 -22.67 -4.87 38.91
C THR A 230 -22.36 -3.71 37.97
N LEU A 231 -22.92 -3.78 36.75
CA LEU A 231 -22.56 -2.81 35.73
C LEU A 231 -23.71 -1.93 35.26
N LYS A 232 -24.95 -2.39 35.31
CA LYS A 232 -26.11 -1.61 34.84
C LYS A 232 -25.93 -1.23 33.37
N PHE A 233 -25.92 -2.28 32.53
CA PHE A 233 -25.58 -2.09 31.12
C PHE A 233 -26.58 -1.20 30.39
N HIS A 234 -27.83 -1.15 30.85
CA HIS A 234 -28.82 -0.31 30.19
C HIS A 234 -28.57 1.16 30.43
N LYS A 235 -28.04 1.53 31.60
CA LYS A 235 -27.75 2.91 31.94
C LYS A 235 -26.29 3.29 31.69
N LEU A 236 -25.46 2.34 31.26
CA LEU A 236 -24.02 2.55 31.25
C LEU A 236 -23.62 3.64 30.26
N VAL A 237 -22.70 4.50 30.69
CA VAL A 237 -22.02 5.45 29.82
C VAL A 237 -20.58 5.03 29.55
N ASN A 238 -19.82 4.76 30.61
CA ASN A 238 -18.50 4.17 30.42
C ASN A 238 -18.01 3.55 31.72
N VAL A 239 -16.91 2.81 31.61
CA VAL A 239 -16.19 2.28 32.76
C VAL A 239 -14.73 2.68 32.62
N THR A 240 -14.14 3.18 33.72
CA THR A 240 -12.76 3.64 33.68
C THR A 240 -11.97 3.04 34.83
N ILE A 241 -10.72 2.68 34.54
CA ILE A 241 -9.78 2.20 35.54
C ILE A 241 -8.60 3.15 35.57
N HIS A 242 -8.34 3.74 36.73
CA HIS A 242 -7.25 4.71 36.89
C HIS A 242 -6.23 4.17 37.87
N PHE A 243 -4.95 4.25 37.51
CA PHE A 243 -3.89 3.97 38.48
C PHE A 243 -2.61 4.64 38.02
N ARG A 244 -1.56 4.54 38.84
CA ARG A 244 -0.26 5.09 38.54
C ARG A 244 0.83 4.08 38.89
N LEU A 245 1.98 4.21 38.21
CA LEU A 245 3.12 3.33 38.39
C LEU A 245 4.41 4.15 38.29
N LYS A 246 5.25 4.08 39.31
CA LYS A 246 6.53 4.78 39.29
C LYS A 246 7.64 3.85 38.81
N THR A 247 8.51 4.39 37.95
CA THR A 247 9.61 3.61 37.40
C THR A 247 10.84 4.49 37.24
N ILE A 248 11.98 3.84 37.02
CA ILE A 248 13.26 4.51 36.83
C ILE A 248 13.71 4.28 35.40
N ASN A 249 14.01 5.38 34.70
CA ASN A 249 14.52 5.30 33.33
C ASN A 249 16.00 4.96 33.39
N LEU A 250 16.34 3.73 33.04
CA LEU A 250 17.74 3.27 33.03
C LEU A 250 18.41 3.42 31.68
N GLN A 251 17.70 3.91 30.66
CA GLN A 251 18.29 4.09 29.34
C GLN A 251 19.31 5.23 29.29
N SER A 252 19.36 6.07 30.32
CA SER A 252 20.26 7.22 30.29
C SER A 252 21.71 6.80 30.22
N LEU A 253 22.05 5.69 30.91
CA LEU A 253 23.44 5.26 30.99
C LEU A 253 24.06 5.10 29.61
N ILE A 254 23.26 4.69 28.63
CA ILE A 254 23.72 4.65 27.24
C ILE A 254 24.14 6.04 26.78
N ASN A 255 23.35 7.05 27.11
CA ASN A 255 23.63 8.44 26.75
C ASN A 255 24.45 9.16 27.83
N ASN A 256 25.02 8.42 28.79
CA ASN A 256 25.86 8.96 29.86
C ASN A 256 25.12 10.02 30.69
N GLU A 257 23.79 9.97 30.72
CA GLU A 257 23.03 10.85 31.59
C GLU A 257 22.82 10.18 32.96
N ILE A 258 22.27 10.94 33.90
CA ILE A 258 21.87 10.41 35.19
C ILE A 258 20.48 9.80 35.03
N PRO A 259 20.30 8.51 35.37
CA PRO A 259 19.02 7.83 35.11
C PRO A 259 17.80 8.66 35.45
N ASP A 260 16.97 8.89 34.43
CA ASP A 260 15.78 9.72 34.56
C ASP A 260 14.73 8.91 35.31
N CYS A 261 13.53 9.46 35.48
CA CYS A 261 12.72 8.99 36.59
C CYS A 261 11.26 9.35 36.31
N TYR A 262 10.42 8.32 36.09
CA TYR A 262 9.10 8.52 35.52
C TYR A 262 8.00 8.07 36.47
N THR A 263 6.82 8.61 36.23
CA THR A 263 5.58 8.18 36.85
C THR A 263 4.51 8.17 35.77
N PHE A 264 3.97 6.99 35.48
CA PHE A 264 2.99 6.80 34.43
C PHE A 264 1.60 6.73 35.05
N SER A 265 0.71 7.59 34.59
CA SER A 265 -0.70 7.52 34.95
C SER A 265 -1.41 6.77 33.83
N VAL A 266 -2.04 5.64 34.17
CA VAL A 266 -2.65 4.74 33.22
C VAL A 266 -4.16 4.81 33.41
N LEU A 267 -4.88 4.99 32.30
CA LEU A 267 -6.33 5.04 32.28
C LEU A 267 -6.82 4.06 31.23
N ILE A 268 -7.63 3.09 31.66
CA ILE A 268 -8.24 2.12 30.77
C ILE A 268 -9.72 2.44 30.68
N THR A 269 -10.21 2.71 29.47
CA THR A 269 -11.60 3.10 29.27
C THR A 269 -12.32 2.06 28.41
N PHE A 270 -13.44 1.58 28.94
CA PHE A 270 -14.44 0.82 28.19
C PHE A 270 -15.57 1.79 27.89
N ASP A 271 -15.66 2.21 26.63
CA ASP A 271 -16.53 3.32 26.23
C ASP A 271 -17.84 2.79 25.65
N ASN A 272 -18.96 3.14 26.27
CA ASN A 272 -20.29 2.76 25.81
C ASN A 272 -21.11 3.99 25.44
N LYS A 273 -20.48 5.00 24.86
CA LYS A 273 -21.19 6.22 24.50
C LYS A 273 -22.20 5.97 23.38
N ALA A 274 -21.85 5.11 22.42
CA ALA A 274 -22.72 4.88 21.27
C ALA A 274 -23.93 4.02 21.61
N HIS A 275 -23.86 3.21 22.67
CA HIS A 275 -24.94 2.29 23.04
C HIS A 275 -25.34 1.41 21.86
N SER A 276 -24.34 0.98 21.09
CA SER A 276 -24.57 0.22 19.87
C SER A 276 -24.29 -1.26 20.03
N GLY A 277 -24.03 -1.73 21.25
CA GLY A 277 -23.70 -3.12 21.48
C GLY A 277 -22.22 -3.44 21.33
N ARG A 278 -21.40 -2.47 20.95
CA ARG A 278 -19.97 -2.65 20.79
C ARG A 278 -19.27 -1.65 21.70
N ILE A 279 -18.51 -2.13 22.67
CA ILE A 279 -17.86 -1.27 23.65
C ILE A 279 -16.36 -1.27 23.38
N PRO A 280 -15.82 -0.23 22.75
CA PRO A 280 -14.37 -0.16 22.55
C PRO A 280 -13.62 -0.10 23.87
N ILE A 281 -12.45 -0.74 23.89
CA ILE A 281 -11.59 -0.78 25.06
C ILE A 281 -10.24 -0.20 24.66
N SER A 282 -9.75 0.76 25.44
CA SER A 282 -8.47 1.37 25.12
C SER A 282 -7.71 1.71 26.39
N LEU A 283 -6.40 1.87 26.26
CA LEU A 283 -5.51 2.21 27.35
C LEU A 283 -4.66 3.41 26.96
N GLU A 284 -4.66 4.43 27.79
CA GLU A 284 -3.87 5.64 27.57
C GLU A 284 -2.99 5.90 28.78
N THR A 285 -1.87 6.58 28.54
CA THR A 285 -0.90 6.86 29.58
C THR A 285 -0.46 8.31 29.51
N GLN A 286 0.00 8.82 30.66
CA GLN A 286 0.57 10.16 30.76
C GLN A 286 1.75 10.10 31.71
N ALA A 287 2.93 10.48 31.24
CA ALA A 287 4.14 10.42 32.05
C ALA A 287 4.46 11.78 32.65
N HIS A 288 5.02 11.76 33.86
CA HIS A 288 5.40 12.96 34.60
C HIS A 288 6.86 12.79 35.01
N ILE A 289 7.76 13.29 34.15
CA ILE A 289 9.20 13.14 34.41
C ILE A 289 9.61 14.09 35.52
N GLN A 290 10.35 13.56 36.49
CA GLN A 290 10.82 14.37 37.61
C GLN A 290 12.11 13.77 38.15
N GLU A 291 13.04 14.63 38.54
CA GLU A 291 14.27 14.16 39.18
C GLU A 291 13.95 13.47 40.49
N CYS A 292 14.46 12.25 40.65
CA CYS A 292 14.25 11.55 41.91
C CYS A 292 15.39 11.76 42.90
N LYS A 293 15.16 11.28 44.11
CA LYS A 293 15.72 11.86 45.32
C LYS A 293 17.25 11.73 45.36
N HIS A 294 17.75 10.50 45.36
CA HIS A 294 19.18 10.24 45.60
C HIS A 294 19.76 9.40 44.48
N PRO A 295 20.31 10.03 43.44
CA PRO A 295 20.93 9.27 42.34
C PRO A 295 22.39 8.91 42.59
N SER A 296 22.64 7.84 43.34
CA SER A 296 24.01 7.46 43.68
C SER A 296 24.67 6.69 42.54
N VAL A 297 24.68 7.28 41.34
CA VAL A 297 25.29 6.63 40.19
C VAL A 297 26.78 6.91 40.16
N PHE A 298 27.55 5.98 39.59
CA PHE A 298 28.99 6.10 39.47
C PHE A 298 29.35 6.89 38.21
N GLN A 299 30.32 7.81 38.37
CA GLN A 299 30.87 8.64 37.30
C GLN A 299 29.88 9.71 36.85
N HIS A 300 28.66 9.67 37.39
CA HIS A 300 27.64 10.69 37.17
C HIS A 300 27.45 11.06 35.69
N SER A 304 27.77 19.67 31.69
CA SER A 304 28.52 20.92 31.63
C SER A 304 28.79 21.32 30.18
N PHE A 305 28.24 20.55 29.25
CA PHE A 305 28.37 20.83 27.82
C PHE A 305 27.07 21.32 27.20
N ARG A 306 25.94 20.70 27.52
CA ARG A 306 24.66 21.19 27.01
C ARG A 306 24.34 22.57 27.57
N LEU A 307 24.58 22.78 28.87
CA LEU A 307 24.26 24.07 29.48
C LEU A 307 25.08 25.19 28.86
N LEU A 308 26.36 24.95 28.61
CA LEU A 308 27.19 25.96 27.94
C LEU A 308 26.79 26.14 26.49
N PHE A 309 26.32 25.08 25.83
CA PHE A 309 25.97 25.20 24.42
C PHE A 309 24.77 26.12 24.21
N ASP A 310 23.74 26.00 25.06
CA ASP A 310 22.55 26.81 24.85
C ASP A 310 22.83 28.29 25.10
N VAL A 311 23.68 28.61 26.08
CA VAL A 311 24.01 30.02 26.30
C VAL A 311 24.84 30.56 25.14
N VAL A 312 25.64 29.70 24.49
CA VAL A 312 26.33 30.10 23.28
C VAL A 312 25.32 30.43 22.18
N VAL A 313 24.27 29.62 22.06
CA VAL A 313 23.21 29.91 21.10
C VAL A 313 22.55 31.24 21.43
N ILE A 314 22.31 31.49 22.72
CA ILE A 314 21.68 32.75 23.15
C ILE A 314 22.56 33.93 22.75
N LEU A 315 23.85 33.86 23.04
CA LEU A 315 24.76 34.94 22.71
C LEU A 315 24.77 35.23 21.22
N THR A 316 24.93 34.19 20.40
CA THR A 316 25.00 34.38 18.95
C THR A 316 23.69 34.94 18.40
N CYS A 317 22.56 34.41 18.85
CA CYS A 317 21.27 34.89 18.37
C CYS A 317 20.99 36.31 18.85
N SER A 318 21.39 36.63 20.08
CA SER A 318 21.25 38.01 20.56
C SER A 318 22.09 38.96 19.73
N LEU A 319 23.30 38.54 19.37
CA LEU A 319 24.15 39.36 18.52
C LEU A 319 23.48 39.66 17.19
N SER A 320 22.90 38.62 16.56
CA SER A 320 22.23 38.81 15.28
C SER A 320 21.06 39.77 15.41
N PHE A 321 20.28 39.64 16.49
CA PHE A 321 19.17 40.55 16.73
C PHE A 321 19.63 42.00 16.75
N LEU A 322 20.70 42.28 17.50
CA LEU A 322 21.23 43.65 17.57
C LEU A 322 21.70 44.13 16.20
N LEU A 323 22.44 43.30 15.47
CA LEU A 323 22.95 43.71 14.18
C LEU A 323 21.82 43.92 13.17
N CYS A 324 20.85 43.02 13.14
CA CYS A 324 19.73 43.18 12.21
C CYS A 324 18.85 44.35 12.58
N ALA A 325 18.66 44.61 13.88
CA ALA A 325 17.89 45.77 14.30
C ALA A 325 18.60 47.06 13.90
N ARG A 326 19.93 47.08 13.99
CA ARG A 326 20.70 48.23 13.53
C ARG A 326 20.48 48.47 12.04
N SER A 327 20.51 47.38 11.25
CA SER A 327 20.26 47.50 9.82
C SER A 327 18.85 47.99 9.54
N LEU A 328 17.87 47.47 10.29
CA LEU A 328 16.49 47.90 10.11
C LEU A 328 16.33 49.39 10.40
N LEU A 329 16.95 49.86 11.48
CA LEU A 329 16.85 51.27 11.83
C LEU A 329 17.53 52.16 10.79
N ARG A 330 18.74 51.80 10.37
CA ARG A 330 19.46 52.61 9.39
C ARG A 330 18.71 52.66 8.07
N GLY A 331 18.17 51.52 7.63
CA GLY A 331 17.37 51.52 6.42
C GLY A 331 16.12 52.37 6.54
N PHE A 332 15.48 52.34 7.71
CA PHE A 332 14.27 53.14 7.90
C PHE A 332 14.56 54.63 7.95
N LEU A 333 15.72 55.02 8.51
CA LEU A 333 16.11 56.43 8.47
C LEU A 333 16.33 56.89 7.04
N LEU A 334 17.03 56.10 6.24
CA LEU A 334 17.23 56.44 4.83
C LEU A 334 15.90 56.50 4.10
N GLN A 335 14.99 55.57 4.40
CA GLN A 335 13.66 55.61 3.81
C GLN A 335 12.91 56.87 4.22
N ASN A 336 13.06 57.28 5.49
CA ASN A 336 12.35 58.46 5.97
C ASN A 336 12.74 59.71 5.19
N GLU A 337 14.04 59.87 4.92
CA GLU A 337 14.48 60.99 4.08
C GLU A 337 13.94 60.84 2.66
N PHE A 338 13.93 59.62 2.13
CA PHE A 338 13.43 59.38 0.78
C PHE A 338 11.96 59.76 0.67
N VAL A 339 11.20 59.67 1.76
CA VAL A 339 9.78 60.03 1.74
C VAL A 339 9.61 61.49 1.31
N GLY A 340 10.34 62.39 1.97
CA GLY A 340 10.31 63.79 1.55
C GLY A 340 10.93 64.01 0.20
N PHE A 341 12.02 63.30 -0.10
CA PHE A 341 12.69 63.42 -1.39
C PHE A 341 11.75 63.10 -2.54
N MET A 342 11.08 61.95 -2.47
CA MET A 342 10.14 61.58 -3.52
C MET A 342 8.86 62.41 -3.47
N TRP A 343 8.51 62.93 -2.29
CA TRP A 343 7.36 63.80 -2.14
C TRP A 343 7.46 65.04 -3.03
N GLU A 354 5.91 49.99 -4.21
CA GLU A 354 7.34 49.76 -4.15
C GLU A 354 8.01 50.74 -3.18
N ARG A 355 7.41 51.91 -3.03
CA ARG A 355 7.92 52.88 -2.07
C ARG A 355 7.76 52.39 -0.63
N LEU A 356 6.74 51.56 -0.38
CA LEU A 356 6.54 50.99 0.94
C LEU A 356 7.53 49.86 1.23
N GLU A 357 8.25 49.38 0.22
CA GLU A 357 9.21 48.29 0.38
C GLU A 357 10.61 48.85 0.14
N PHE A 358 11.22 49.36 1.21
CA PHE A 358 12.60 49.80 1.19
C PHE A 358 13.48 49.00 2.14
N VAL A 359 12.92 47.96 2.76
CA VAL A 359 13.66 47.10 3.68
C VAL A 359 13.65 45.68 3.13
N ASN A 360 14.79 45.01 3.22
CA ASN A 360 14.90 43.64 2.74
C ASN A 360 14.28 42.69 3.75
N GLY A 361 13.39 41.82 3.29
CA GLY A 361 12.77 40.84 4.16
C GLY A 361 13.73 39.82 4.74
N TRP A 362 14.98 39.79 4.25
CA TRP A 362 15.96 38.87 4.80
C TRP A 362 16.26 39.18 6.26
N TYR A 363 16.37 40.47 6.60
CA TYR A 363 16.61 40.84 7.99
C TYR A 363 15.41 40.54 8.87
N ILE A 364 14.20 40.70 8.33
CA ILE A 364 13.00 40.32 9.10
C ILE A 364 12.99 38.82 9.36
N LEU A 365 13.36 38.03 8.34
CA LEU A 365 13.44 36.58 8.51
C LEU A 365 14.48 36.21 9.55
N LEU A 366 15.63 36.86 9.53
CA LEU A 366 16.69 36.58 10.50
C LEU A 366 16.25 36.98 11.92
N VAL A 367 15.57 38.12 12.05
CA VAL A 367 15.07 38.56 13.34
C VAL A 367 14.10 37.53 13.91
N THR A 368 13.17 37.06 13.07
CA THR A 368 12.23 36.05 13.52
C THR A 368 12.95 34.76 13.92
N SER A 369 13.97 34.38 13.14
CA SER A 369 14.75 33.19 13.47
C SER A 369 15.40 33.32 14.84
N ASP A 370 16.02 34.47 15.11
CA ASP A 370 16.66 34.69 16.40
C ASP A 370 15.64 34.65 17.53
N VAL A 371 14.49 35.30 17.34
CA VAL A 371 13.47 35.32 18.39
C VAL A 371 13.01 33.90 18.71
N LEU A 372 12.74 33.10 17.67
CA LEU A 372 12.27 31.74 17.90
C LEU A 372 13.36 30.86 18.47
N THR A 373 14.62 31.06 18.07
CA THR A 373 15.69 30.26 18.64
C THR A 373 15.93 30.57 20.10
N ILE A 374 15.81 31.85 20.49
CA ILE A 374 16.00 32.21 21.89
C ILE A 374 14.86 31.67 22.74
N SER A 375 13.61 31.84 22.28
CA SER A 375 12.48 31.28 23.01
C SER A 375 12.60 29.77 23.15
N GLY A 376 12.92 29.09 22.05
CA GLY A 376 13.04 27.64 22.09
C GLY A 376 14.16 27.17 22.99
N THR A 377 15.30 27.87 22.98
CA THR A 377 16.42 27.45 23.81
C THR A 377 16.17 27.72 25.29
N ILE A 378 15.45 28.80 25.63
CA ILE A 378 15.05 29.01 27.02
C ILE A 378 14.09 27.91 27.46
N MET A 379 13.14 27.57 26.60
CA MET A 379 12.19 26.51 26.93
C MET A 379 12.90 25.17 27.09
N LYS A 380 13.91 24.91 26.25
CA LYS A 380 14.69 23.68 26.36
C LYS A 380 15.56 23.66 27.61
N ILE A 381 16.09 24.82 28.02
CA ILE A 381 16.79 24.91 29.29
C ILE A 381 15.86 24.47 30.41
N GLY A 382 14.64 25.00 30.41
CA GLY A 382 13.69 24.62 31.44
C GLY A 382 13.32 23.15 31.38
N ILE A 383 13.16 22.61 30.17
CA ILE A 383 12.81 21.20 30.00
C ILE A 383 13.90 20.30 30.55
N GLU A 384 15.16 20.59 30.20
CA GLU A 384 16.27 19.80 30.71
C GLU A 384 16.40 19.93 32.22
N ALA A 385 16.13 21.13 32.76
CA ALA A 385 16.16 21.30 34.20
C ALA A 385 14.98 20.63 34.90
N LYS A 386 13.98 20.16 34.15
CA LYS A 386 12.76 19.47 34.62
C LYS A 386 11.77 20.41 35.28
N ASN A 387 11.97 21.73 35.21
CA ASN A 387 11.04 22.66 35.83
C ASN A 387 9.74 22.80 35.06
N LEU A 388 9.74 22.51 33.76
CA LEU A 388 8.51 22.50 32.97
C LEU A 388 8.58 21.35 31.97
N ALA A 389 7.41 20.84 31.61
CA ALA A 389 7.29 19.67 30.74
C ALA A 389 6.31 19.99 29.61
N SER A 390 6.83 20.57 28.53
CA SER A 390 6.04 20.81 27.32
C SER A 390 7.00 20.73 26.13
N TYR A 391 7.08 19.54 25.54
CA TYR A 391 8.02 19.26 24.47
C TYR A 391 7.46 19.53 23.09
N ASP A 392 6.24 20.05 23.00
CA ASP A 392 5.63 20.36 21.71
C ASP A 392 6.00 21.76 21.24
N VAL A 393 5.85 22.75 22.11
CA VAL A 393 6.16 24.13 21.74
C VAL A 393 7.65 24.29 21.46
N CYS A 394 8.50 23.74 22.31
CA CYS A 394 9.95 23.92 22.16
C CYS A 394 10.45 23.31 20.86
N SER A 395 10.01 22.09 20.54
CA SER A 395 10.44 21.43 19.32
C SER A 395 9.96 22.20 18.08
N ILE A 396 8.72 22.68 18.12
CA ILE A 396 8.17 23.45 16.99
C ILE A 396 8.99 24.72 16.79
N LEU A 397 9.28 25.42 17.88
CA LEU A 397 10.06 26.66 17.78
C LEU A 397 11.44 26.39 17.21
N LEU A 398 12.11 25.34 17.71
CA LEU A 398 13.46 25.05 17.24
C LEU A 398 13.46 24.63 15.77
N GLY A 399 12.49 23.83 15.35
CA GLY A 399 12.43 23.43 13.96
C GLY A 399 12.16 24.58 13.02
N THR A 400 11.21 25.45 13.38
CA THR A 400 10.94 26.62 12.55
C THR A 400 12.17 27.52 12.48
N SER A 401 12.88 27.68 13.60
CA SER A 401 14.11 28.47 13.60
C SER A 401 15.15 27.87 12.66
N THR A 402 15.32 26.54 12.71
CA THR A 402 16.30 25.89 11.85
C THR A 402 15.96 26.08 10.37
N LEU A 403 14.67 25.93 10.02
CA LEU A 403 14.27 26.09 8.63
C LEU A 403 14.50 27.53 8.15
N LEU A 404 14.04 28.51 8.95
CA LEU A 404 14.22 29.91 8.59
C LEU A 404 15.69 30.30 8.57
N VAL A 405 16.55 29.57 9.29
CA VAL A 405 17.97 29.83 9.22
C VAL A 405 18.60 29.22 7.97
N TRP A 406 18.09 28.06 7.53
CA TRP A 406 18.61 27.46 6.31
C TRP A 406 18.11 28.15 5.05
N VAL A 407 17.13 29.07 5.16
CA VAL A 407 16.80 29.93 4.03
C VAL A 407 17.81 31.08 3.86
N GLY A 408 18.58 31.39 4.90
CA GLY A 408 19.64 32.38 4.75
C GLY A 408 20.75 31.93 3.83
N VAL A 409 20.89 30.62 3.62
CA VAL A 409 21.86 30.15 2.63
C VAL A 409 21.41 30.55 1.23
N ILE A 410 20.10 30.48 0.96
CA ILE A 410 19.59 31.03 -0.30
C ILE A 410 19.87 32.52 -0.38
N ARG A 411 19.69 33.23 0.75
CA ARG A 411 20.04 34.65 0.75
C ARG A 411 21.47 34.85 0.26
N TYR A 412 22.42 34.10 0.84
CA TYR A 412 23.81 34.23 0.43
C TYR A 412 24.08 33.72 -0.98
N LEU A 413 23.22 32.84 -1.51
CA LEU A 413 23.38 32.38 -2.88
C LEU A 413 22.95 33.44 -3.89
N THR A 414 21.91 34.21 -3.56
CA THR A 414 21.44 35.29 -4.43
C THR A 414 22.56 36.14 -5.00
N PHE A 415 23.59 36.40 -4.19
CA PHE A 415 24.70 37.29 -4.56
C PHE A 415 25.21 37.02 -5.97
N PHE A 416 25.58 35.76 -6.24
CA PHE A 416 26.10 35.41 -7.56
C PHE A 416 25.02 35.55 -8.63
N HIS A 417 25.44 36.03 -9.80
CA HIS A 417 24.51 36.34 -10.88
C HIS A 417 23.75 35.10 -11.35
N ASN A 418 24.48 33.99 -11.52
CA ASN A 418 23.88 32.77 -12.06
C ASN A 418 22.70 32.29 -11.21
N TYR A 419 22.90 32.22 -9.89
CA TYR A 419 21.80 31.86 -9.01
C TYR A 419 20.73 32.95 -8.97
N ASN A 420 21.16 34.21 -9.08
CA ASN A 420 20.23 35.34 -8.99
C ASN A 420 19.21 35.30 -10.12
N ILE A 421 19.64 34.92 -11.32
CA ILE A 421 18.71 34.89 -12.45
C ILE A 421 17.58 33.89 -12.19
N LEU A 422 17.93 32.69 -11.72
CA LEU A 422 16.93 31.68 -11.42
C LEU A 422 16.02 32.13 -10.28
N ILE A 423 16.60 32.74 -9.25
CA ILE A 423 15.80 33.20 -8.12
C ILE A 423 14.81 34.28 -8.56
N ALA A 424 15.26 35.19 -9.44
CA ALA A 424 14.36 36.20 -9.98
C ALA A 424 13.25 35.58 -10.81
N THR A 425 13.57 34.52 -11.57
CA THR A 425 12.52 33.81 -12.31
C THR A 425 11.48 33.23 -11.37
N LEU A 426 11.92 32.60 -10.28
CA LEU A 426 10.99 32.11 -9.27
C LEU A 426 10.10 33.23 -8.75
N ARG A 427 10.72 34.35 -8.38
CA ARG A 427 9.99 35.46 -7.78
C ARG A 427 8.96 36.04 -8.73
N VAL A 428 9.31 36.16 -10.01
CA VAL A 428 8.37 36.70 -10.98
C VAL A 428 7.27 35.69 -11.31
N ALA A 429 7.55 34.38 -11.17
CA ALA A 429 6.53 33.39 -11.44
C ALA A 429 5.50 33.28 -10.31
N LEU A 430 5.88 33.64 -9.09
CA LEU A 430 4.99 33.47 -7.92
C LEU A 430 3.59 34.09 -8.06
N PRO A 431 3.44 35.36 -8.47
CA PRO A 431 2.10 35.98 -8.38
C PRO A 431 1.03 35.31 -9.21
N SER A 432 1.34 34.93 -10.45
CA SER A 432 0.36 34.24 -11.28
C SER A 432 0.00 32.89 -10.68
N VAL A 433 0.96 32.23 -10.02
CA VAL A 433 0.67 30.97 -9.35
C VAL A 433 -0.35 31.18 -8.23
N MET A 434 -0.16 32.24 -7.43
CA MET A 434 -1.16 32.54 -6.40
C MET A 434 -2.52 32.86 -7.00
N ARG A 435 -2.53 33.63 -8.08
CA ARG A 435 -3.77 34.03 -8.72
C ARG A 435 -4.55 32.83 -9.24
N PHE A 436 -3.85 31.88 -9.88
CA PHE A 436 -4.49 30.64 -10.30
C PHE A 436 -4.93 29.81 -9.10
N CYS A 437 -4.13 29.82 -8.03
CA CYS A 437 -4.45 29.05 -6.84
C CYS A 437 -5.76 29.49 -6.22
N CYS A 438 -6.12 30.76 -6.34
CA CYS A 438 -7.41 31.21 -5.80
C CYS A 438 -8.58 30.47 -6.46
N CYS A 439 -8.64 30.49 -7.80
CA CYS A 439 -9.74 29.83 -8.50
C CYS A 439 -9.70 28.31 -8.32
N ALA A 440 -8.51 27.72 -8.43
CA ALA A 440 -8.39 26.30 -8.16
C ALA A 440 -8.86 25.97 -6.75
N GLY A 441 -8.61 26.87 -5.80
CA GLY A 441 -9.03 26.64 -4.43
C GLY A 441 -10.53 26.67 -4.26
N VAL A 442 -11.20 27.60 -4.94
CA VAL A 442 -12.65 27.61 -4.77
C VAL A 442 -13.28 26.37 -5.43
N ILE A 443 -12.76 25.94 -6.58
CA ILE A 443 -13.25 24.68 -7.13
C ILE A 443 -12.94 23.50 -6.21
N TYR A 444 -11.79 23.54 -5.54
CA TYR A 444 -11.36 22.43 -4.69
C TYR A 444 -12.20 22.37 -3.43
N LEU A 445 -12.52 23.53 -2.84
CA LEU A 445 -13.43 23.60 -1.71
C LEU A 445 -14.83 23.08 -2.08
N GLY A 446 -15.34 23.48 -3.24
CA GLY A 446 -16.62 22.94 -3.67
C GLY A 446 -16.61 21.43 -3.78
N TYR A 447 -15.56 20.89 -4.42
CA TYR A 447 -15.45 19.44 -4.56
C TYR A 447 -15.30 18.76 -3.20
N CYS A 448 -14.57 19.38 -2.28
CA CYS A 448 -14.40 18.81 -0.94
C CYS A 448 -15.74 18.71 -0.23
N PHE A 449 -16.54 19.78 -0.27
CA PHE A 449 -17.84 19.75 0.40
C PHE A 449 -18.74 18.68 -0.22
N CYS A 450 -18.77 18.62 -1.56
CA CYS A 450 -19.62 17.63 -2.22
C CYS A 450 -19.19 16.22 -1.86
N GLY A 451 -17.89 15.94 -1.90
CA GLY A 451 -17.40 14.61 -1.58
C GLY A 451 -17.67 14.22 -0.14
N TRP A 452 -17.47 15.14 0.79
CA TRP A 452 -17.74 14.84 2.19
C TRP A 452 -19.22 14.55 2.40
N ILE A 453 -20.10 15.35 1.81
CA ILE A 453 -21.52 15.17 2.06
C ILE A 453 -22.06 13.90 1.39
N VAL A 454 -21.50 13.50 0.25
CA VAL A 454 -22.05 12.35 -0.46
C VAL A 454 -21.37 11.05 -0.06
N LEU A 455 -20.05 10.99 -0.11
CA LEU A 455 -19.32 9.75 0.11
C LEU A 455 -18.88 9.55 1.56
N GLY A 456 -19.27 10.45 2.46
CA GLY A 456 -18.93 10.30 3.86
C GLY A 456 -19.48 9.05 4.51
N PRO A 457 -20.79 8.78 4.34
CA PRO A 457 -21.34 7.55 4.94
C PRO A 457 -20.71 6.27 4.43
N TYR A 458 -20.29 6.22 3.17
CA TYR A 458 -19.89 4.96 2.56
C TYR A 458 -18.38 4.78 2.45
N HIS A 459 -17.63 5.84 2.25
CA HIS A 459 -16.20 5.74 1.95
C HIS A 459 -15.39 6.04 3.21
N VAL A 460 -14.41 5.17 3.49
CA VAL A 460 -13.60 5.31 4.70
C VAL A 460 -12.67 6.52 4.61
N LYS A 461 -12.37 7.01 3.42
CA LYS A 461 -11.44 8.11 3.22
C LYS A 461 -12.13 9.47 3.23
N PHE A 462 -13.43 9.53 3.44
CA PHE A 462 -14.20 10.76 3.39
C PHE A 462 -14.96 10.99 4.70
N ARG A 463 -14.35 10.60 5.82
CA ARG A 463 -15.06 10.70 7.10
C ARG A 463 -15.13 12.13 7.61
N SER A 464 -14.07 12.91 7.45
CA SER A 464 -14.03 14.29 7.92
C SER A 464 -13.58 15.21 6.80
N LEU A 465 -13.83 16.50 6.98
CA LEU A 465 -13.48 17.49 5.96
C LEU A 465 -11.97 17.53 5.75
N SER A 466 -11.19 17.45 6.83
CA SER A 466 -9.74 17.43 6.69
C SER A 466 -9.29 16.16 5.97
N MET A 467 -9.91 15.03 6.28
CA MET A 467 -9.59 13.79 5.56
C MET A 467 -9.95 13.91 4.08
N VAL A 468 -11.09 14.52 3.78
CA VAL A 468 -11.49 14.71 2.38
C VAL A 468 -10.48 15.58 1.65
N SER A 469 -10.04 16.67 2.29
CA SER A 469 -9.06 17.55 1.68
C SER A 469 -7.74 16.83 1.44
N GLU A 470 -7.30 16.04 2.43
CA GLU A 470 -6.07 15.27 2.27
C GLU A 470 -6.18 14.27 1.13
N CYS A 471 -7.32 13.57 1.04
CA CYS A 471 -7.53 12.60 -0.02
C CYS A 471 -7.51 13.27 -1.39
N LEU A 472 -8.18 14.41 -1.52
CA LEU A 472 -8.20 15.10 -2.81
C LEU A 472 -6.82 15.64 -3.17
N PHE A 473 -6.09 16.18 -2.19
CA PHE A 473 -4.75 16.70 -2.47
C PHE A 473 -3.81 15.59 -2.91
N SER A 474 -3.88 14.43 -2.24
CA SER A 474 -3.05 13.31 -2.67
C SER A 474 -3.50 12.74 -4.00
N LEU A 475 -4.80 12.85 -4.31
CA LEU A 475 -5.31 12.38 -5.58
C LEU A 475 -4.85 13.27 -6.74
N ILE A 476 -4.68 14.56 -6.47
CA ILE A 476 -4.18 15.47 -7.50
C ILE A 476 -2.78 15.05 -7.94
N ASN A 477 -1.93 14.69 -6.99
CA ASN A 477 -0.55 14.31 -7.27
C ASN A 477 -0.41 12.87 -7.73
N GLY A 478 -1.49 12.11 -7.79
CA GLY A 478 -1.44 10.74 -8.26
C GLY A 478 -1.07 9.73 -7.20
N ASP A 479 -1.80 9.75 -6.08
CA ASP A 479 -1.56 8.81 -4.99
C ASP A 479 -2.88 8.27 -4.48
N ASP A 480 -2.92 6.96 -4.22
CA ASP A 480 -4.07 6.29 -3.63
C ASP A 480 -5.32 6.42 -4.49
N MET A 481 -5.15 6.52 -5.82
CA MET A 481 -6.29 6.60 -6.72
C MET A 481 -7.04 5.26 -6.78
N PHE A 482 -6.31 4.17 -6.99
CA PHE A 482 -6.95 2.88 -7.17
C PHE A 482 -7.55 2.37 -5.87
N VAL A 483 -6.95 2.71 -4.72
CA VAL A 483 -7.55 2.29 -3.46
C VAL A 483 -8.87 3.01 -3.23
N THR A 484 -8.97 4.27 -3.65
CA THR A 484 -10.24 4.99 -3.59
C THR A 484 -11.27 4.33 -4.50
N PHE A 485 -10.88 4.04 -5.74
CA PHE A 485 -11.81 3.41 -6.67
C PHE A 485 -12.27 2.05 -6.18
N ALA A 486 -11.37 1.27 -5.59
CA ALA A 486 -11.73 -0.06 -5.10
C ALA A 486 -12.59 0.01 -3.85
N ALA A 487 -12.31 0.97 -2.96
CA ALA A 487 -13.16 1.17 -1.79
C ALA A 487 -14.57 1.55 -2.21
N MET A 488 -14.71 2.31 -3.29
CA MET A 488 -16.06 2.61 -3.78
C MET A 488 -16.68 1.42 -4.50
N GLN A 489 -15.86 0.63 -5.19
CA GLN A 489 -16.36 -0.57 -5.87
C GLN A 489 -16.88 -1.60 -4.87
N ALA A 490 -16.32 -1.62 -3.66
CA ALA A 490 -16.73 -2.60 -2.67
C ALA A 490 -18.19 -2.45 -2.27
N GLN A 491 -18.82 -1.31 -2.57
CA GLN A 491 -20.21 -1.05 -2.24
C GLN A 491 -21.04 -0.80 -3.50
N GLN A 492 -20.75 -1.54 -4.57
CA GLN A 492 -21.54 -1.40 -5.79
C GLN A 492 -22.89 -2.10 -5.68
N GLY A 493 -22.98 -3.15 -4.87
CA GLY A 493 -24.24 -3.88 -4.75
C GLY A 493 -25.34 -3.04 -4.14
N ARG A 494 -25.01 -2.25 -3.13
CA ARG A 494 -25.98 -1.37 -2.47
C ARG A 494 -25.80 0.06 -2.96
N SER A 495 -26.91 0.71 -3.26
CA SER A 495 -26.94 2.10 -3.75
C SER A 495 -26.05 2.27 -4.98
N SER A 496 -26.48 1.63 -6.07
CA SER A 496 -25.76 1.76 -7.33
C SER A 496 -25.72 3.20 -7.82
N LEU A 497 -26.74 4.00 -7.48
CA LEU A 497 -26.72 5.41 -7.82
C LEU A 497 -25.56 6.13 -7.15
N VAL A 498 -25.29 5.80 -5.89
CA VAL A 498 -24.15 6.37 -5.19
C VAL A 498 -22.84 5.98 -5.87
N TRP A 499 -22.74 4.72 -6.30
CA TRP A 499 -21.54 4.27 -6.99
C TRP A 499 -21.34 5.02 -8.31
N LEU A 500 -22.41 5.20 -9.07
CA LEU A 500 -22.30 5.95 -10.32
C LEU A 500 -21.90 7.39 -10.08
N PHE A 501 -22.49 8.02 -9.05
CA PHE A 501 -22.12 9.39 -8.73
C PHE A 501 -20.66 9.48 -8.30
N SER A 502 -20.19 8.50 -7.53
CA SER A 502 -18.79 8.49 -7.11
C SER A 502 -17.86 8.35 -8.30
N GLN A 503 -18.22 7.48 -9.26
CA GLN A 503 -17.41 7.34 -10.47
C GLN A 503 -17.32 8.68 -11.21
N LEU A 504 -18.46 9.31 -11.46
CA LEU A 504 -18.47 10.58 -12.16
C LEU A 504 -17.68 11.63 -11.40
N TYR A 505 -17.86 11.69 -10.08
CA TYR A 505 -17.20 12.70 -9.25
C TYR A 505 -15.68 12.54 -9.30
N LEU A 506 -15.19 11.33 -9.11
CA LEU A 506 -13.75 11.11 -9.09
C LEU A 506 -13.13 11.36 -10.46
N TYR A 507 -13.74 10.83 -11.52
CA TYR A 507 -13.19 11.04 -12.86
C TYR A 507 -13.17 12.51 -13.21
N SER A 508 -14.27 13.22 -12.94
CA SER A 508 -14.34 14.64 -13.27
C SER A 508 -13.31 15.44 -12.48
N PHE A 509 -13.16 15.15 -11.18
CA PHE A 509 -12.19 15.89 -10.38
C PHE A 509 -10.78 15.70 -10.92
N ILE A 510 -10.38 14.45 -11.16
CA ILE A 510 -9.01 14.19 -11.59
C ILE A 510 -8.75 14.83 -12.95
N SER A 511 -9.65 14.59 -13.91
CA SER A 511 -9.43 15.13 -15.26
C SER A 511 -9.43 16.65 -15.25
N LEU A 512 -10.38 17.26 -14.54
CA LEU A 512 -10.47 18.71 -14.51
C LEU A 512 -9.23 19.32 -13.90
N PHE A 513 -8.72 18.76 -12.80
CA PHE A 513 -7.59 19.41 -12.15
C PHE A 513 -6.28 19.20 -12.91
N ILE A 514 -6.08 18.03 -13.52
CA ILE A 514 -4.84 17.89 -14.34
C ILE A 514 -4.91 18.90 -15.50
N TYR A 515 -6.06 19.02 -16.14
CA TYR A 515 -6.23 19.96 -17.27
C TYR A 515 -5.88 21.36 -16.82
N MET A 516 -6.41 21.79 -15.67
CA MET A 516 -6.18 23.18 -15.20
C MET A 516 -4.67 23.39 -14.99
N VAL A 517 -3.90 22.49 -14.38
CA VAL A 517 -2.44 22.78 -14.23
C VAL A 517 -1.77 23.08 -15.59
N LEU A 518 -1.98 22.20 -16.56
CA LEU A 518 -1.37 22.36 -17.91
C LEU A 518 -1.77 23.71 -18.53
N SER A 519 -3.03 24.11 -18.41
CA SER A 519 -3.50 25.38 -19.02
C SER A 519 -2.81 26.54 -18.30
N LEU A 520 -2.76 26.47 -16.97
CA LEU A 520 -2.03 27.49 -16.20
C LEU A 520 -0.65 27.67 -16.84
N PHE A 521 0.05 26.57 -17.10
CA PHE A 521 1.43 26.81 -17.63
C PHE A 521 1.49 27.24 -19.06
N ILE A 522 0.67 26.69 -19.94
CA ILE A 522 0.86 27.15 -21.35
C ILE A 522 0.67 28.67 -21.31
N ALA A 523 -0.07 29.21 -20.33
CA ALA A 523 -0.12 30.68 -20.16
C ALA A 523 1.25 31.13 -19.72
N LEU A 524 1.93 30.35 -18.88
CA LEU A 524 3.21 30.80 -18.29
C LEU A 524 4.33 30.58 -19.32
N ILE A 525 4.02 29.94 -20.45
CA ILE A 525 5.05 29.78 -21.51
C ILE A 525 4.72 30.79 -22.61
N THR A 526 3.49 31.31 -22.63
CA THR A 526 3.17 32.39 -23.58
C THR A 526 3.70 33.71 -23.02
N GLY A 527 3.16 34.20 -21.88
CA GLY A 527 3.61 35.45 -21.26
C GLY A 527 5.11 35.64 -21.45
N ALA A 528 5.88 34.55 -21.30
CA ALA A 528 7.34 34.63 -21.53
C ALA A 528 7.60 35.01 -22.99
N GLY B 68 -28.44 58.02 -7.47
CA GLY B 68 -27.18 57.60 -8.05
C GLY B 68 -27.19 56.15 -8.50
N ARG B 69 -26.00 55.63 -8.84
CA ARG B 69 -25.87 54.25 -9.28
C ARG B 69 -26.02 53.32 -8.09
N LYS B 70 -27.12 52.57 -8.05
CA LYS B 70 -27.36 51.64 -6.96
C LYS B 70 -26.31 50.52 -6.98
N PRO B 71 -25.92 50.02 -5.81
CA PRO B 71 -24.96 48.92 -5.78
C PRO B 71 -25.59 47.61 -6.24
N CYS B 72 -24.73 46.69 -6.67
CA CYS B 72 -25.20 45.42 -7.20
C CYS B 72 -25.81 44.58 -6.08
N LYS B 73 -26.96 43.96 -6.38
CA LYS B 73 -27.62 43.04 -5.46
C LYS B 73 -26.95 41.67 -5.42
N LEU B 74 -25.81 41.53 -6.10
CA LEU B 74 -25.09 40.27 -6.14
C LEU B 74 -24.61 39.82 -4.77
N MET B 75 -24.59 40.74 -3.79
CA MET B 75 -24.29 40.34 -2.42
C MET B 75 -25.24 39.25 -1.94
N LEU B 76 -26.46 39.21 -2.46
CA LEU B 76 -27.38 38.12 -2.14
C LEU B 76 -26.74 36.76 -2.39
N GLN B 77 -26.06 36.62 -3.53
CA GLN B 77 -25.38 35.36 -3.82
C GLN B 77 -24.26 35.10 -2.81
N VAL B 78 -23.58 36.16 -2.36
CA VAL B 78 -22.58 35.99 -1.32
C VAL B 78 -23.23 35.44 -0.06
N VAL B 79 -24.50 35.76 0.18
CA VAL B 79 -25.24 35.13 1.27
C VAL B 79 -25.37 33.64 1.00
N LYS B 80 -25.80 33.28 -0.22
CA LYS B 80 -26.01 31.88 -0.58
C LYS B 80 -24.79 31.03 -0.24
N ILE B 81 -23.63 31.39 -0.81
CA ILE B 81 -22.41 30.64 -0.60
C ILE B 81 -22.19 30.39 0.88
N LEU B 82 -22.52 31.36 1.72
CA LEU B 82 -22.48 31.13 3.16
C LEU B 82 -23.62 30.21 3.59
N VAL B 83 -24.87 30.67 3.42
CA VAL B 83 -26.01 30.03 4.07
C VAL B 83 -26.12 28.57 3.66
N VAL B 84 -26.12 28.33 2.34
CA VAL B 84 -26.24 26.96 1.84
C VAL B 84 -25.16 26.09 2.44
N THR B 85 -23.91 26.59 2.41
CA THR B 85 -22.80 25.80 2.93
C THR B 85 -23.07 25.41 4.37
N VAL B 86 -23.50 26.37 5.20
CA VAL B 86 -23.76 26.07 6.60
C VAL B 86 -24.75 24.92 6.71
N GLN B 87 -25.85 25.02 5.95
CA GLN B 87 -26.85 23.96 5.97
C GLN B 87 -26.20 22.61 5.71
N LEU B 88 -25.42 22.53 4.64
CA LEU B 88 -24.76 21.27 4.30
C LEU B 88 -24.00 20.74 5.50
N ILE B 89 -23.15 21.60 6.09
CA ILE B 89 -22.32 21.15 7.20
C ILE B 89 -23.21 20.59 8.30
N LEU B 90 -24.24 21.33 8.68
CA LEU B 90 -25.13 20.85 9.73
C LEU B 90 -25.67 19.48 9.36
N PHE B 91 -26.26 19.36 8.17
CA PHE B 91 -26.81 18.10 7.74
C PHE B 91 -25.74 17.02 7.83
N GLY B 92 -24.56 17.31 7.27
CA GLY B 92 -23.51 16.32 7.26
C GLY B 92 -23.24 15.78 8.64
N LEU B 93 -23.07 16.67 9.61
CA LEU B 93 -22.76 16.22 10.96
C LEU B 93 -23.81 15.25 11.45
N SER B 94 -25.08 15.64 11.36
CA SER B 94 -26.15 14.76 11.83
C SER B 94 -26.07 13.42 11.11
N ASN B 95 -25.93 13.46 9.79
CA ASN B 95 -25.92 12.22 9.03
C ASN B 95 -24.82 11.31 9.50
N GLN B 96 -23.63 11.87 9.76
CA GLN B 96 -22.52 11.04 10.20
C GLN B 96 -22.91 10.22 11.42
N LEU B 97 -23.49 10.88 12.42
CA LEU B 97 -23.86 10.17 13.64
C LEU B 97 -24.72 8.96 13.30
N ALA B 98 -25.74 9.17 12.46
CA ALA B 98 -26.67 8.08 12.17
C ALA B 98 -25.93 6.90 11.57
N VAL B 99 -25.05 7.15 10.60
CA VAL B 99 -24.40 6.03 9.92
C VAL B 99 -23.52 5.28 10.90
N THR B 100 -22.88 6.02 11.83
CA THR B 100 -22.08 5.34 12.84
C THR B 100 -22.94 4.40 13.66
N PHE B 101 -24.09 4.89 14.12
CA PHE B 101 -24.96 4.04 14.92
C PHE B 101 -25.41 2.83 14.13
N ARG B 102 -25.52 2.99 12.80
CA ARG B 102 -25.90 1.85 11.97
C ARG B 102 -24.74 0.90 11.75
N GLU B 103 -23.51 1.43 11.62
CA GLU B 103 -22.39 0.54 11.33
C GLU B 103 -21.95 -0.21 12.58
N GLU B 104 -21.82 0.48 13.71
CA GLU B 104 -21.36 -0.16 14.93
C GLU B 104 -22.26 -1.33 15.31
N ASN B 105 -23.57 -1.08 15.32
CA ASN B 105 -24.53 -2.14 15.59
C ASN B 105 -24.29 -3.33 14.69
N THR B 106 -24.13 -3.07 13.38
CA THR B 106 -23.90 -4.17 12.44
C THR B 106 -22.69 -4.98 12.85
N ILE B 107 -21.59 -4.31 13.19
CA ILE B 107 -20.39 -5.01 13.61
C ILE B 107 -20.73 -5.92 14.79
N ALA B 108 -21.42 -5.36 15.79
CA ALA B 108 -21.79 -6.15 16.95
C ALA B 108 -22.58 -7.38 16.53
N PHE B 109 -23.55 -7.18 15.63
CA PHE B 109 -24.37 -8.30 15.21
C PHE B 109 -23.52 -9.41 14.62
N ARG B 110 -22.53 -9.05 13.80
CA ARG B 110 -21.63 -10.07 13.27
C ARG B 110 -20.96 -10.82 14.41
N HIS B 111 -20.34 -10.07 15.33
CA HIS B 111 -19.65 -10.70 16.45
C HIS B 111 -20.62 -11.47 17.33
N LEU B 112 -21.91 -11.15 17.27
CA LEU B 112 -22.88 -11.89 18.07
C LEU B 112 -23.35 -13.14 17.35
N PHE B 113 -23.44 -13.11 16.03
CA PHE B 113 -24.18 -14.15 15.32
C PHE B 113 -23.33 -15.01 14.39
N LEU B 114 -22.14 -14.58 14.02
CA LEU B 114 -21.27 -15.35 13.13
C LEU B 114 -20.26 -16.12 13.97
N LEU B 115 -20.27 -17.44 13.85
CA LEU B 115 -19.43 -18.28 14.69
C LEU B 115 -17.98 -18.20 14.23
N GLY B 116 -17.08 -17.91 15.18
CA GLY B 116 -15.68 -17.78 14.86
C GLY B 116 -15.35 -16.62 13.95
N TYR B 117 -16.08 -15.51 14.08
CA TYR B 117 -15.86 -14.34 13.24
C TYR B 117 -14.85 -13.40 13.88
N SER B 118 -13.99 -12.83 13.05
CA SER B 118 -13.00 -11.86 13.48
C SER B 118 -13.01 -10.67 12.54
N ASP B 119 -12.59 -9.52 13.07
CA ASP B 119 -12.59 -8.30 12.28
C ASP B 119 -11.67 -8.43 11.07
N GLY B 120 -12.16 -7.96 9.93
CA GLY B 120 -11.42 -8.03 8.69
C GLY B 120 -11.68 -9.26 7.85
N ALA B 121 -12.29 -10.29 8.42
CA ALA B 121 -12.62 -11.51 7.68
C ALA B 121 -14.07 -11.46 7.21
N ASP B 122 -14.31 -10.58 6.23
CA ASP B 122 -15.64 -10.37 5.69
C ASP B 122 -15.84 -11.05 4.34
N ASP B 123 -14.87 -10.93 3.43
CA ASP B 123 -14.97 -11.54 2.11
C ASP B 123 -14.49 -12.98 2.09
N THR B 124 -13.60 -13.36 2.98
CA THR B 124 -13.06 -14.71 3.04
C THR B 124 -13.78 -15.59 4.06
N PHE B 125 -14.81 -15.08 4.71
CA PHE B 125 -15.54 -15.86 5.71
C PHE B 125 -16.48 -16.83 5.02
N ALA B 126 -16.27 -18.13 5.24
CA ALA B 126 -17.06 -19.14 4.55
C ALA B 126 -16.97 -20.45 5.34
N ALA B 127 -17.85 -21.37 5.01
CA ALA B 127 -17.88 -22.71 5.59
C ALA B 127 -17.49 -23.73 4.53
N TYR B 128 -16.79 -24.78 4.97
CA TYR B 128 -16.24 -25.77 4.06
C TYR B 128 -16.65 -27.21 4.35
N THR B 129 -17.27 -27.48 5.49
CA THR B 129 -17.75 -28.81 5.83
C THR B 129 -19.19 -28.71 6.30
N ARG B 130 -19.90 -29.84 6.23
CA ARG B 130 -21.29 -29.87 6.67
C ARG B 130 -21.41 -29.56 8.16
N GLU B 131 -20.49 -30.10 8.96
CA GLU B 131 -20.50 -29.82 10.39
C GLU B 131 -20.30 -28.33 10.66
N GLN B 132 -19.41 -27.69 9.90
CA GLN B 132 -19.20 -26.25 10.07
C GLN B 132 -20.48 -25.47 9.79
N LEU B 133 -21.19 -25.82 8.71
CA LEU B 133 -22.44 -25.15 8.39
C LEU B 133 -23.48 -25.36 9.48
N TYR B 134 -23.61 -26.60 9.97
CA TYR B 134 -24.59 -26.88 11.01
C TYR B 134 -24.28 -26.10 12.28
N GLN B 135 -23.01 -26.07 12.69
CA GLN B 135 -22.63 -25.33 13.89
C GLN B 135 -22.87 -23.84 13.71
N ALA B 136 -22.57 -23.30 12.52
CA ALA B 136 -22.81 -21.88 12.28
C ALA B 136 -24.30 -21.55 12.40
N ILE B 137 -25.15 -22.35 11.78
CA ILE B 137 -26.59 -22.08 11.82
C ILE B 137 -27.11 -22.19 13.26
N PHE B 138 -26.73 -23.26 13.95
CA PHE B 138 -27.21 -23.46 15.31
C PHE B 138 -26.70 -22.38 16.26
N HIS B 139 -25.44 -21.95 16.06
CA HIS B 139 -24.90 -20.87 16.88
C HIS B 139 -25.66 -19.57 16.65
N ALA B 140 -25.98 -19.26 15.38
CA ALA B 140 -26.75 -18.06 15.09
C ALA B 140 -28.11 -18.10 15.79
N VAL B 141 -28.81 -19.23 15.68
CA VAL B 141 -30.14 -19.30 16.28
C VAL B 141 -30.06 -19.25 17.81
N ASP B 142 -29.07 -19.94 18.40
CA ASP B 142 -28.93 -19.94 19.85
C ASP B 142 -28.57 -18.56 20.36
N GLN B 143 -27.70 -17.83 19.66
CA GLN B 143 -27.36 -16.47 20.07
C GLN B 143 -28.55 -15.55 19.93
N TYR B 144 -29.41 -15.78 18.93
CA TYR B 144 -30.67 -15.03 18.88
C TYR B 144 -31.54 -15.34 20.10
N LEU B 145 -31.61 -16.61 20.48
CA LEU B 145 -32.47 -16.99 21.61
C LEU B 145 -31.94 -16.48 22.94
N ALA B 146 -30.61 -16.34 23.07
CA ALA B 146 -29.98 -15.92 24.32
C ALA B 146 -29.54 -14.45 24.27
N LEU B 147 -30.13 -13.65 23.39
CA LEU B 147 -29.70 -12.27 23.24
C LEU B 147 -29.88 -11.42 24.50
N PRO B 148 -31.05 -11.40 25.16
CA PRO B 148 -31.20 -10.50 26.33
C PRO B 148 -30.27 -10.83 27.48
N ASP B 149 -29.72 -12.04 27.55
CA ASP B 149 -28.86 -12.41 28.66
C ASP B 149 -27.39 -12.15 28.37
N VAL B 150 -26.94 -12.37 27.13
CA VAL B 150 -25.53 -12.28 26.80
C VAL B 150 -25.15 -10.98 26.10
N SER B 151 -26.12 -10.29 25.47
CA SER B 151 -25.82 -9.12 24.68
C SER B 151 -26.03 -7.85 25.50
N LEU B 152 -25.07 -6.93 25.43
CA LEU B 152 -25.20 -5.61 26.00
C LEU B 152 -25.61 -4.63 24.92
N GLY B 153 -26.62 -3.82 25.19
CA GLY B 153 -27.13 -2.90 24.19
C GLY B 153 -28.64 -2.71 24.20
N ARG B 154 -29.35 -3.58 24.92
CA ARG B 154 -30.79 -3.47 25.14
C ARG B 154 -31.54 -3.48 23.79
N TYR B 155 -31.48 -4.64 23.15
CA TYR B 155 -32.30 -4.89 21.96
C TYR B 155 -33.63 -5.51 22.37
N ALA B 156 -34.60 -5.45 21.47
CA ALA B 156 -35.93 -5.96 21.72
C ALA B 156 -36.40 -6.83 20.56
N TYR B 157 -37.16 -7.87 20.90
CA TYR B 157 -37.76 -8.72 19.88
C TYR B 157 -38.96 -8.00 19.25
N VAL B 158 -39.30 -8.44 18.04
CA VAL B 158 -40.34 -7.79 17.25
C VAL B 158 -41.58 -8.65 17.10
N ARG B 159 -41.49 -9.96 17.33
CA ARG B 159 -42.62 -10.87 17.19
C ARG B 159 -43.21 -10.75 15.78
N GLY B 160 -42.31 -10.81 14.79
CA GLY B 160 -42.60 -10.48 13.41
C GLY B 160 -43.94 -10.91 12.84
N GLY B 161 -44.66 -9.96 12.25
CA GLY B 161 -45.92 -10.26 11.60
C GLY B 161 -45.90 -9.88 10.13
N GLY B 162 -44.78 -10.11 9.47
CA GLY B 162 -44.61 -9.82 8.06
C GLY B 162 -44.86 -11.03 7.19
N ASP B 163 -44.25 -11.03 6.01
CA ASP B 163 -44.42 -12.14 5.08
C ASP B 163 -43.56 -13.33 5.52
N PRO B 164 -42.24 -13.21 5.66
CA PRO B 164 -41.44 -14.40 6.02
C PRO B 164 -41.78 -14.99 7.37
N TRP B 165 -42.31 -14.19 8.31
CA TRP B 165 -42.65 -14.67 9.64
C TRP B 165 -44.16 -14.83 9.77
N THR B 166 -44.59 -15.87 10.46
CA THR B 166 -46.00 -16.05 10.76
C THR B 166 -46.40 -15.15 11.92
N ASN B 167 -47.68 -15.12 12.24
CA ASN B 167 -48.18 -14.25 13.30
C ASN B 167 -47.76 -14.83 14.64
N GLY B 168 -46.65 -14.33 15.18
CA GLY B 168 -46.17 -14.76 16.47
C GLY B 168 -44.84 -15.49 16.42
N SER B 169 -44.03 -15.21 15.40
CA SER B 169 -42.71 -15.81 15.26
C SER B 169 -41.68 -14.71 15.09
N GLY B 170 -40.53 -14.88 15.74
CA GLY B 170 -39.47 -13.89 15.71
C GLY B 170 -38.43 -14.12 14.63
N LEU B 171 -37.93 -15.35 14.54
CA LEU B 171 -36.86 -15.70 13.61
C LEU B 171 -37.38 -16.68 12.57
N ALA B 172 -36.82 -16.60 11.36
CA ALA B 172 -37.23 -17.46 10.25
C ALA B 172 -35.99 -18.06 9.61
N LEU B 173 -35.80 -19.36 9.79
CA LEU B 173 -34.72 -20.10 9.15
C LEU B 173 -35.28 -20.79 7.92
N CYS B 174 -34.88 -20.31 6.74
CA CYS B 174 -35.46 -20.77 5.48
C CYS B 174 -34.36 -21.39 4.62
N GLN B 175 -34.51 -22.68 4.33
CA GLN B 175 -33.61 -23.40 3.44
C GLN B 175 -34.24 -23.46 2.06
N ARG B 176 -33.46 -23.07 1.05
CA ARG B 176 -33.98 -22.85 -0.30
C ARG B 176 -33.22 -23.75 -1.26
N TYR B 177 -33.93 -24.66 -1.92
CA TYR B 177 -33.31 -25.75 -2.67
C TYR B 177 -34.20 -26.11 -3.85
N TYR B 178 -33.63 -26.81 -4.83
CA TYR B 178 -34.38 -27.20 -6.02
C TYR B 178 -35.48 -28.21 -5.68
N HIS B 179 -36.40 -28.38 -6.62
CA HIS B 179 -37.53 -29.29 -6.45
C HIS B 179 -37.17 -30.73 -6.81
N ARG B 180 -36.71 -30.94 -8.04
CA ARG B 180 -36.23 -32.25 -8.47
C ARG B 180 -34.76 -32.11 -8.84
N GLY B 181 -33.88 -32.59 -7.97
CA GLY B 181 -32.47 -32.53 -8.27
C GLY B 181 -31.80 -33.86 -8.05
N HIS B 182 -31.25 -34.46 -9.11
CA HIS B 182 -30.51 -35.72 -8.98
C HIS B 182 -29.15 -35.52 -9.63
N VAL B 183 -28.23 -34.94 -8.86
CA VAL B 183 -26.84 -34.78 -9.32
C VAL B 183 -26.07 -36.05 -8.99
N ASP B 184 -25.49 -36.66 -10.01
CA ASP B 184 -24.84 -37.96 -9.88
C ASP B 184 -23.60 -38.03 -10.76
N PRO B 185 -22.49 -37.46 -10.30
CA PRO B 185 -21.20 -37.78 -10.92
C PRO B 185 -20.83 -39.24 -10.66
N ALA B 186 -19.78 -39.68 -11.35
CA ALA B 186 -19.28 -41.05 -11.47
C ALA B 186 -20.14 -41.85 -12.44
N ASN B 187 -21.26 -41.29 -12.89
CA ASN B 187 -22.04 -41.79 -14.03
C ASN B 187 -22.28 -40.73 -15.08
N ASP B 188 -22.13 -39.45 -14.75
CA ASP B 188 -22.21 -38.28 -15.62
C ASP B 188 -23.64 -37.92 -15.99
N THR B 189 -24.64 -38.57 -15.40
CA THR B 189 -26.03 -38.24 -15.64
C THR B 189 -26.55 -37.24 -14.60
N PHE B 190 -27.61 -36.54 -14.95
CA PHE B 190 -28.23 -35.57 -14.05
C PHE B 190 -29.57 -35.09 -14.60
N ASP B 191 -30.58 -34.96 -13.75
CA ASP B 191 -31.79 -34.22 -14.08
C ASP B 191 -32.10 -33.21 -12.99
N ILE B 192 -32.33 -31.97 -13.39
CA ILE B 192 -32.58 -30.85 -12.49
C ILE B 192 -33.80 -30.08 -12.98
N ASP B 193 -34.67 -29.71 -12.05
CA ASP B 193 -35.79 -28.81 -12.31
C ASP B 193 -35.48 -27.47 -11.67
N PRO B 194 -35.17 -26.43 -12.43
CA PRO B 194 -34.74 -25.17 -11.84
C PRO B 194 -35.74 -24.53 -10.87
N MET B 195 -36.98 -25.00 -10.82
CA MET B 195 -37.94 -24.47 -9.86
C MET B 195 -37.42 -24.70 -8.44
N VAL B 196 -37.48 -23.66 -7.63
CA VAL B 196 -36.84 -23.64 -6.31
C VAL B 196 -37.93 -23.66 -5.24
N VAL B 197 -37.95 -24.73 -4.45
CA VAL B 197 -38.80 -24.78 -3.27
C VAL B 197 -38.06 -24.15 -2.09
N THR B 198 -38.85 -23.70 -1.10
CA THR B 198 -38.34 -23.07 0.10
C THR B 198 -39.05 -23.65 1.31
N ASP B 199 -38.27 -24.13 2.28
CA ASP B 199 -38.81 -24.69 3.52
C ASP B 199 -38.37 -23.82 4.67
N CYS B 200 -39.33 -23.27 5.40
CA CYS B 200 -39.07 -22.31 6.47
C CYS B 200 -39.48 -22.89 7.82
N ILE B 201 -38.59 -22.75 8.80
CA ILE B 201 -38.85 -23.10 10.19
C ILE B 201 -38.92 -21.80 10.98
N GLN B 202 -40.04 -21.59 11.66
CA GLN B 202 -40.26 -20.38 12.44
C GLN B 202 -39.89 -20.64 13.90
N VAL B 203 -39.13 -19.72 14.48
CA VAL B 203 -38.71 -19.80 15.87
C VAL B 203 -39.27 -18.59 16.61
N ASP B 204 -39.88 -18.85 17.76
CA ASP B 204 -40.44 -17.77 18.55
C ASP B 204 -39.44 -17.27 19.58
N PRO B 205 -39.44 -15.96 19.85
CA PRO B 205 -38.52 -15.39 20.84
C PRO B 205 -38.73 -16.03 22.20
N PRO B 206 -37.70 -16.03 23.05
CA PRO B 206 -37.85 -16.62 24.38
C PRO B 206 -38.95 -15.94 25.18
N GLU B 207 -39.66 -16.73 25.98
CA GLU B 207 -40.75 -16.21 26.79
C GLU B 207 -40.27 -15.10 27.71
N ARG B 208 -39.47 -15.47 28.71
CA ARG B 208 -38.86 -14.52 29.65
C ARG B 208 -39.86 -13.53 30.24
N SER B 224 -37.60 -24.25 19.08
CA SER B 224 -37.40 -25.48 19.85
C SER B 224 -37.05 -26.65 18.93
N SER B 225 -37.70 -26.70 17.77
CA SER B 225 -37.49 -27.78 16.81
C SER B 225 -36.54 -27.38 15.68
N TYR B 226 -35.85 -26.25 15.81
CA TYR B 226 -34.88 -25.86 14.79
C TYR B 226 -33.70 -26.82 14.73
N LYS B 227 -33.39 -27.49 15.85
CA LYS B 227 -32.25 -28.40 15.89
C LYS B 227 -32.44 -29.56 14.92
N ASN B 228 -33.67 -30.05 14.76
CA ASN B 228 -33.97 -31.15 13.85
C ASN B 228 -34.17 -30.59 12.44
N LEU B 229 -33.05 -30.20 11.84
CA LEU B 229 -33.05 -29.58 10.52
C LEU B 229 -32.07 -30.32 9.61
N THR B 230 -32.57 -30.99 8.59
CA THR B 230 -31.72 -31.49 7.53
C THR B 230 -31.51 -30.39 6.49
N LEU B 231 -30.45 -30.55 5.69
CA LEU B 231 -30.06 -29.48 4.77
C LEU B 231 -30.16 -29.84 3.29
N LYS B 232 -30.02 -31.11 2.91
CA LYS B 232 -30.07 -31.52 1.51
C LYS B 232 -29.01 -30.78 0.69
N PHE B 233 -27.75 -31.08 1.04
CA PHE B 233 -26.62 -30.33 0.49
C PHE B 233 -26.51 -30.49 -1.02
N HIS B 234 -26.98 -31.61 -1.57
CA HIS B 234 -26.88 -31.81 -3.00
C HIS B 234 -27.85 -30.91 -3.77
N LYS B 235 -29.01 -30.61 -3.20
CA LYS B 235 -30.00 -29.75 -3.83
C LYS B 235 -29.93 -28.31 -3.34
N LEU B 236 -29.03 -28.00 -2.42
CA LEU B 236 -29.07 -26.71 -1.73
C LEU B 236 -28.77 -25.56 -2.69
N VAL B 237 -29.54 -24.49 -2.55
CA VAL B 237 -29.26 -23.21 -3.19
C VAL B 237 -28.75 -22.19 -2.19
N ASN B 238 -29.48 -21.98 -1.09
CA ASN B 238 -28.95 -21.16 -0.02
C ASN B 238 -29.73 -21.43 1.27
N VAL B 239 -29.20 -20.88 2.36
CA VAL B 239 -29.88 -20.88 3.65
C VAL B 239 -29.91 -19.45 4.16
N THR B 240 -31.07 -19.01 4.65
CA THR B 240 -31.22 -17.63 5.11
C THR B 240 -31.86 -17.60 6.49
N ILE B 241 -31.38 -16.70 7.32
CA ILE B 241 -31.94 -16.45 8.64
C ILE B 241 -32.41 -15.01 8.68
N HIS B 242 -33.69 -14.80 8.96
CA HIS B 242 -34.29 -13.47 8.99
C HIS B 242 -34.80 -13.17 10.39
N PHE B 243 -34.48 -11.99 10.92
CA PHE B 243 -35.13 -11.53 12.14
C PHE B 243 -35.02 -10.01 12.22
N ARG B 244 -35.63 -9.45 13.26
CA ARG B 244 -35.59 -8.01 13.51
C ARG B 244 -35.32 -7.74 14.98
N LEU B 245 -34.76 -6.55 15.24
CA LEU B 245 -34.42 -6.13 16.60
C LEU B 245 -34.69 -4.64 16.73
N LYS B 246 -35.49 -4.26 17.73
CA LYS B 246 -35.78 -2.85 17.98
C LYS B 246 -34.84 -2.30 19.04
N THR B 247 -34.34 -1.07 18.79
CA THR B 247 -33.43 -0.44 19.71
C THR B 247 -33.69 1.06 19.75
N ILE B 248 -33.12 1.72 20.75
CA ILE B 248 -33.25 3.15 20.96
C ILE B 248 -31.90 3.80 20.74
N ASN B 249 -31.84 4.79 19.85
CA ASN B 249 -30.62 5.54 19.60
C ASN B 249 -30.42 6.56 20.72
N LEU B 250 -29.47 6.30 21.60
CA LEU B 250 -29.17 7.20 22.72
C LEU B 250 -28.07 8.19 22.40
N GLN B 251 -27.47 8.13 21.20
CA GLN B 251 -26.41 9.06 20.83
C GLN B 251 -26.91 10.49 20.63
N SER B 252 -28.24 10.69 20.53
CA SER B 252 -28.77 12.01 20.25
C SER B 252 -28.43 13.00 21.36
N LEU B 253 -28.42 12.53 22.61
CA LEU B 253 -28.21 13.41 23.76
C LEU B 253 -26.92 14.21 23.60
N ILE B 254 -25.90 13.62 22.98
CA ILE B 254 -24.68 14.34 22.67
C ILE B 254 -24.99 15.52 21.75
N ASN B 255 -25.84 15.31 20.74
CA ASN B 255 -26.22 16.35 19.80
C ASN B 255 -27.48 17.09 20.26
N ASN B 256 -27.89 16.92 21.52
CA ASN B 256 -29.06 17.58 22.10
C ASN B 256 -30.34 17.31 21.33
N GLU B 257 -30.41 16.19 20.61
CA GLU B 257 -31.64 15.78 19.95
C GLU B 257 -32.47 14.91 20.89
N ILE B 258 -33.69 14.59 20.47
CA ILE B 258 -34.54 13.64 21.17
C ILE B 258 -34.14 12.25 20.71
N PRO B 259 -33.78 11.33 21.64
CA PRO B 259 -33.25 10.01 21.26
C PRO B 259 -34.03 9.36 20.13
N ASP B 260 -33.31 9.08 19.05
CA ASP B 260 -33.89 8.50 17.85
C ASP B 260 -34.16 7.02 18.13
N CYS B 261 -34.65 6.29 17.12
CA CYS B 261 -35.40 5.08 17.46
C CYS B 261 -35.39 4.15 16.26
N TYR B 262 -34.71 3.01 16.38
CA TYR B 262 -34.38 2.19 15.23
C TYR B 262 -35.01 0.80 15.33
N THR B 263 -35.14 0.18 14.16
CA THR B 263 -35.49 -1.22 14.01
C THR B 263 -34.60 -1.80 12.93
N PHE B 264 -33.78 -2.77 13.30
CA PHE B 264 -32.83 -3.38 12.39
C PHE B 264 -33.37 -4.72 11.91
N SER B 265 -33.47 -4.88 10.60
CA SER B 265 -33.79 -6.16 10.00
C SER B 265 -32.48 -6.82 9.61
N VAL B 266 -32.22 -8.00 10.17
CA VAL B 266 -30.96 -8.71 10.00
C VAL B 266 -31.23 -9.96 9.18
N LEU B 267 -30.42 -10.15 8.14
CA LEU B 267 -30.48 -11.30 7.25
C LEU B 267 -29.09 -11.92 7.18
N ILE B 268 -28.99 -13.19 7.56
CA ILE B 268 -27.75 -13.95 7.47
C ILE B 268 -27.91 -14.97 6.35
N THR B 269 -27.03 -14.90 5.36
CA THR B 269 -27.12 -15.77 4.20
C THR B 269 -25.88 -16.67 4.11
N PHE B 270 -26.13 -17.97 4.03
CA PHE B 270 -25.14 -18.97 3.64
C PHE B 270 -25.43 -19.32 2.19
N ASP B 271 -24.58 -18.83 1.29
CA ASP B 271 -24.85 -18.86 -0.15
C ASP B 271 -24.13 -20.04 -0.80
N ASN B 272 -24.90 -20.94 -1.42
CA ASN B 272 -24.37 -22.09 -2.13
C ASN B 272 -24.72 -22.04 -3.60
N LYS B 273 -24.72 -20.84 -4.19
CA LYS B 273 -25.07 -20.70 -5.60
C LYS B 273 -24.03 -21.35 -6.50
N ALA B 274 -22.74 -21.25 -6.15
CA ALA B 274 -21.69 -21.77 -7.00
C ALA B 274 -21.58 -23.29 -6.96
N HIS B 275 -22.06 -23.93 -5.90
CA HIS B 275 -21.95 -25.38 -5.73
C HIS B 275 -20.51 -25.84 -5.87
N SER B 276 -19.58 -25.04 -5.35
CA SER B 276 -18.15 -25.29 -5.50
C SER B 276 -17.51 -25.87 -4.24
N GLY B 277 -18.31 -26.23 -3.24
CA GLY B 277 -17.76 -26.73 -1.99
C GLY B 277 -17.41 -25.66 -0.99
N ARG B 278 -17.56 -24.38 -1.34
CA ARG B 278 -17.26 -23.26 -0.46
C ARG B 278 -18.52 -22.42 -0.35
N ILE B 279 -19.07 -22.32 0.86
CA ILE B 279 -20.32 -21.60 1.08
C ILE B 279 -20.03 -20.31 1.83
N PRO B 280 -20.01 -19.16 1.14
CA PRO B 280 -19.81 -17.89 1.85
C PRO B 280 -20.94 -17.61 2.83
N ILE B 281 -20.58 -17.00 3.96
CA ILE B 281 -21.52 -16.62 5.00
C ILE B 281 -21.42 -15.12 5.21
N SER B 282 -22.56 -14.44 5.17
CA SER B 282 -22.55 -12.99 5.35
C SER B 282 -23.78 -12.55 6.13
N LEU B 283 -23.68 -11.36 6.71
CA LEU B 283 -24.76 -10.76 7.49
C LEU B 283 -25.00 -9.35 6.98
N GLU B 284 -26.26 -9.04 6.64
CA GLU B 284 -26.65 -7.72 6.18
C GLU B 284 -27.78 -7.19 7.05
N THR B 285 -27.88 -5.87 7.12
CA THR B 285 -28.88 -5.21 7.96
C THR B 285 -29.55 -4.09 7.18
N GLN B 286 -30.78 -3.77 7.61
CA GLN B 286 -31.53 -2.64 7.07
C GLN B 286 -32.26 -1.96 8.21
N ALA B 287 -32.01 -0.68 8.42
CA ALA B 287 -32.61 0.06 9.52
C ALA B 287 -33.81 0.85 9.04
N HIS B 288 -34.81 0.97 9.91
CA HIS B 288 -36.05 1.70 9.64
C HIS B 288 -36.24 2.69 10.77
N ILE B 289 -35.74 3.91 10.59
CA ILE B 289 -35.81 4.94 11.63
C ILE B 289 -37.25 5.46 11.71
N GLN B 290 -37.77 5.53 12.93
CA GLN B 290 -39.13 6.02 13.14
C GLN B 290 -39.22 6.62 14.54
N GLU B 291 -39.96 7.72 14.66
CA GLU B 291 -40.21 8.31 15.98
C GLU B 291 -40.99 7.33 16.85
N CYS B 292 -40.48 7.08 18.04
CA CYS B 292 -41.18 6.21 18.96
C CYS B 292 -42.09 6.98 19.91
N LYS B 293 -42.90 6.21 20.65
CA LYS B 293 -44.20 6.66 21.11
C LYS B 293 -44.11 7.82 22.10
N HIS B 294 -43.45 7.60 23.24
CA HIS B 294 -43.46 8.55 24.34
C HIS B 294 -42.04 8.90 24.76
N PRO B 295 -41.46 9.95 24.19
CA PRO B 295 -40.10 10.37 24.58
C PRO B 295 -40.06 11.30 25.77
N SER B 296 -40.14 10.75 26.99
CA SER B 296 -40.17 11.58 28.19
C SER B 296 -38.77 12.04 28.60
N VAL B 297 -38.05 12.66 27.67
CA VAL B 297 -36.71 13.15 27.94
C VAL B 297 -36.76 14.52 28.61
N PHE B 298 -35.76 14.80 29.45
CA PHE B 298 -35.65 16.08 30.14
C PHE B 298 -34.98 17.12 29.25
N GLN B 299 -35.54 18.33 29.24
CA GLN B 299 -35.04 19.49 28.52
C GLN B 299 -35.24 19.36 27.02
N HIS B 300 -35.74 18.20 26.58
CA HIS B 300 -36.13 17.95 25.19
C HIS B 300 -35.06 18.38 24.18
N SER B 304 -36.08 24.15 16.68
CA SER B 304 -36.64 25.42 16.24
C SER B 304 -35.59 26.24 15.49
N PHE B 305 -34.42 25.65 15.28
CA PHE B 305 -33.34 26.28 14.52
C PHE B 305 -33.12 25.65 13.16
N ARG B 306 -33.12 24.31 13.08
CA ARG B 306 -33.00 23.66 11.79
C ARG B 306 -34.20 23.95 10.90
N LEU B 307 -35.41 23.91 11.47
CA LEU B 307 -36.61 24.14 10.67
C LEU B 307 -36.63 25.55 10.10
N LEU B 308 -36.23 26.54 10.89
CA LEU B 308 -36.15 27.91 10.39
C LEU B 308 -35.01 28.07 9.39
N PHE B 309 -33.92 27.33 9.55
CA PHE B 309 -32.79 27.48 8.64
C PHE B 309 -33.14 27.03 7.22
N ASP B 310 -33.84 25.90 7.08
CA ASP B 310 -34.15 25.41 5.74
C ASP B 310 -35.11 26.33 5.00
N VAL B 311 -36.09 26.92 5.71
CA VAL B 311 -36.98 27.85 5.03
C VAL B 311 -36.23 29.12 4.64
N VAL B 312 -35.20 29.50 5.40
CA VAL B 312 -34.33 30.60 4.98
C VAL B 312 -33.62 30.25 3.69
N VAL B 313 -33.13 29.00 3.59
CA VAL B 313 -32.52 28.54 2.35
C VAL B 313 -33.51 28.60 1.20
N ILE B 314 -34.75 28.18 1.46
CA ILE B 314 -35.79 28.21 0.42
C ILE B 314 -36.04 29.63 -0.06
N LEU B 315 -36.18 30.58 0.88
CA LEU B 315 -36.42 31.97 0.51
C LEU B 315 -35.29 32.52 -0.36
N THR B 316 -34.05 32.34 0.11
CA THR B 316 -32.91 32.88 -0.63
C THR B 316 -32.79 32.25 -2.02
N CYS B 317 -32.94 30.93 -2.11
CA CYS B 317 -32.84 30.26 -3.40
C CYS B 317 -33.99 30.63 -4.31
N SER B 318 -35.19 30.79 -3.77
CA SER B 318 -36.33 31.24 -4.57
C SER B 318 -36.07 32.65 -5.10
N LEU B 319 -35.49 33.52 -4.28
CA LEU B 319 -35.15 34.87 -4.72
C LEU B 319 -34.19 34.83 -5.90
N SER B 320 -33.14 34.00 -5.82
CA SER B 320 -32.18 33.89 -6.90
C SER B 320 -32.84 33.39 -8.18
N PHE B 321 -33.73 32.41 -8.06
CA PHE B 321 -34.45 31.90 -9.22
C PHE B 321 -35.20 33.01 -9.93
N LEU B 322 -35.94 33.83 -9.17
CA LEU B 322 -36.68 34.94 -9.77
C LEU B 322 -35.74 35.93 -10.44
N LEU B 323 -34.66 36.31 -9.76
CA LEU B 323 -33.74 37.29 -10.32
C LEU B 323 -33.04 36.75 -11.57
N CYS B 324 -32.59 35.50 -11.52
CA CYS B 324 -31.91 34.92 -12.68
C CYS B 324 -32.88 34.71 -13.84
N ALA B 325 -34.13 34.34 -13.55
CA ALA B 325 -35.13 34.19 -14.60
C ALA B 325 -35.43 35.54 -15.25
N ARG B 326 -35.46 36.61 -14.46
CA ARG B 326 -35.63 37.95 -15.02
C ARG B 326 -34.48 38.30 -15.96
N SER B 327 -33.24 37.97 -15.55
CA SER B 327 -32.09 38.22 -16.40
C SER B 327 -32.17 37.39 -17.67
N LEU B 328 -32.58 36.12 -17.56
CA LEU B 328 -32.70 35.27 -18.74
C LEU B 328 -33.73 35.84 -19.72
N LEU B 329 -34.88 36.29 -19.20
CA LEU B 329 -35.91 36.84 -20.07
C LEU B 329 -35.45 38.12 -20.75
N ARG B 330 -34.85 39.04 -19.99
CA ARG B 330 -34.40 40.30 -20.56
C ARG B 330 -33.33 40.08 -21.61
N GLY B 331 -32.39 39.17 -21.35
CA GLY B 331 -31.38 38.84 -22.34
C GLY B 331 -31.98 38.23 -23.60
N PHE B 332 -32.99 37.39 -23.43
CA PHE B 332 -33.62 36.74 -24.58
C PHE B 332 -34.41 37.75 -25.41
N LEU B 333 -35.05 38.73 -24.76
CA LEU B 333 -35.72 39.78 -25.52
C LEU B 333 -34.74 40.59 -26.35
N LEU B 334 -33.61 40.97 -25.74
CA LEU B 334 -32.58 41.69 -26.49
C LEU B 334 -32.03 40.83 -27.63
N GLN B 335 -31.85 39.53 -27.38
CA GLN B 335 -31.42 38.63 -28.45
C GLN B 335 -32.47 38.55 -29.56
N ASN B 336 -33.75 38.54 -29.19
CA ASN B 336 -34.81 38.44 -30.20
C ASN B 336 -34.76 39.61 -31.16
N GLU B 337 -34.56 40.82 -30.65
CA GLU B 337 -34.40 41.98 -31.53
C GLU B 337 -33.13 41.86 -32.37
N PHE B 338 -32.05 41.36 -31.77
CA PHE B 338 -30.79 41.18 -32.50
C PHE B 338 -30.96 40.22 -33.67
N VAL B 339 -31.88 39.26 -33.55
CA VAL B 339 -32.12 38.29 -34.63
C VAL B 339 -32.50 39.02 -35.91
N GLY B 340 -33.50 39.90 -35.81
CA GLY B 340 -33.87 40.70 -36.98
C GLY B 340 -32.79 41.70 -37.37
N PHE B 341 -32.12 42.30 -36.39
CA PHE B 341 -31.06 43.26 -36.66
C PHE B 341 -29.94 42.63 -37.49
N MET B 342 -29.45 41.47 -37.06
CA MET B 342 -28.40 40.79 -37.81
C MET B 342 -28.93 40.18 -39.10
N TRP B 343 -30.21 39.83 -39.14
CA TRP B 343 -30.85 39.31 -40.34
C TRP B 343 -30.72 40.26 -41.52
N GLU B 354 -21.99 31.59 -32.63
CA GLU B 354 -21.87 32.62 -31.61
C GLU B 354 -23.17 33.40 -31.47
N ARG B 355 -23.94 33.49 -32.56
CA ARG B 355 -25.24 34.14 -32.50
C ARG B 355 -26.21 33.36 -31.62
N LEU B 356 -26.04 32.04 -31.53
CA LEU B 356 -26.89 31.23 -30.66
C LEU B 356 -26.52 31.38 -29.19
N GLU B 357 -25.37 31.99 -28.89
CA GLU B 357 -24.90 32.16 -27.52
C GLU B 357 -24.92 33.66 -27.20
N PHE B 358 -26.08 34.12 -26.72
CA PHE B 358 -26.22 35.49 -26.24
C PHE B 358 -26.58 35.52 -24.76
N VAL B 359 -26.59 34.37 -24.09
CA VAL B 359 -26.92 34.29 -22.67
C VAL B 359 -25.71 33.69 -21.95
N ASN B 360 -25.38 34.26 -20.79
CA ASN B 360 -24.27 33.78 -20.00
C ASN B 360 -24.67 32.51 -19.26
N GLY B 361 -23.87 31.46 -19.38
CA GLY B 361 -24.12 30.22 -18.68
C GLY B 361 -24.06 30.33 -17.18
N TRP B 362 -23.57 31.46 -16.65
CA TRP B 362 -23.51 31.64 -15.21
C TRP B 362 -24.92 31.65 -14.60
N TYR B 363 -25.86 32.30 -15.27
CA TYR B 363 -27.24 32.32 -14.76
C TYR B 363 -27.89 30.94 -14.86
N ILE B 364 -27.56 30.18 -15.91
CA ILE B 364 -28.07 28.82 -16.00
C ILE B 364 -27.52 27.97 -14.86
N LEU B 365 -26.23 28.13 -14.57
CA LEU B 365 -25.61 27.42 -13.45
C LEU B 365 -26.27 27.77 -12.13
N LEU B 366 -26.53 29.07 -11.92
CA LEU B 366 -27.18 29.51 -10.69
C LEU B 366 -28.61 28.98 -10.59
N VAL B 367 -29.34 28.98 -11.71
CA VAL B 367 -30.70 28.45 -11.71
C VAL B 367 -30.70 26.97 -11.33
N THR B 368 -29.77 26.21 -11.91
CA THR B 368 -29.67 24.79 -11.57
C THR B 368 -29.31 24.61 -10.09
N SER B 369 -28.42 25.45 -9.59
CA SER B 369 -28.05 25.39 -8.17
C SER B 369 -29.25 25.63 -7.28
N ASP B 370 -30.05 26.65 -7.59
CA ASP B 370 -31.25 26.93 -6.80
C ASP B 370 -32.24 25.78 -6.86
N VAL B 371 -32.46 25.22 -8.06
CA VAL B 371 -33.40 24.11 -8.19
C VAL B 371 -32.97 22.93 -7.35
N LEU B 372 -31.68 22.59 -7.41
CA LEU B 372 -31.20 21.44 -6.66
C LEU B 372 -31.18 21.71 -5.17
N THR B 373 -30.89 22.94 -4.75
CA THR B 373 -30.91 23.27 -3.33
C THR B 373 -32.32 23.22 -2.76
N ILE B 374 -33.31 23.68 -3.53
CA ILE B 374 -34.69 23.64 -3.04
C ILE B 374 -35.19 22.20 -2.97
N SER B 375 -34.92 21.40 -4.01
CA SER B 375 -35.31 20.00 -3.95
C SER B 375 -34.65 19.28 -2.79
N GLY B 376 -33.34 19.49 -2.62
CA GLY B 376 -32.62 18.83 -1.54
C GLY B 376 -33.10 19.26 -0.17
N THR B 377 -33.40 20.55 0.00
CA THR B 377 -33.85 21.01 1.31
C THR B 377 -35.26 20.56 1.63
N ILE B 378 -36.14 20.43 0.62
CA ILE B 378 -37.46 19.85 0.87
C ILE B 378 -37.31 18.38 1.26
N MET B 379 -36.44 17.66 0.56
CA MET B 379 -36.21 16.25 0.89
C MET B 379 -35.62 16.11 2.28
N LYS B 380 -34.72 17.02 2.67
CA LYS B 380 -34.15 16.99 4.02
C LYS B 380 -35.18 17.35 5.08
N ILE B 381 -36.09 18.27 4.78
CA ILE B 381 -37.20 18.54 5.69
C ILE B 381 -37.98 17.26 5.95
N GLY B 382 -38.30 16.54 4.87
CA GLY B 382 -39.03 15.29 5.04
C GLY B 382 -38.23 14.24 5.81
N ILE B 383 -36.92 14.17 5.55
CA ILE B 383 -36.07 13.20 6.24
C ILE B 383 -36.02 13.49 7.74
N GLU B 384 -35.82 14.75 8.10
CA GLU B 384 -35.79 15.12 9.52
C GLU B 384 -37.15 14.88 10.18
N ALA B 385 -38.23 15.13 9.44
CA ALA B 385 -39.57 14.84 9.97
C ALA B 385 -39.87 13.35 10.06
N LYS B 386 -39.02 12.50 9.47
CA LYS B 386 -39.11 11.03 9.45
C LYS B 386 -40.21 10.53 8.52
N ASN B 387 -40.82 11.39 7.71
CA ASN B 387 -41.88 10.93 6.80
C ASN B 387 -41.35 10.16 5.61
N LEU B 388 -40.08 10.36 5.24
CA LEU B 388 -39.45 9.58 4.19
C LEU B 388 -38.01 9.31 4.57
N ALA B 389 -37.47 8.18 4.09
CA ALA B 389 -36.13 7.72 4.43
C ALA B 389 -35.38 7.39 3.14
N SER B 390 -34.74 8.40 2.56
CA SER B 390 -33.86 8.21 1.41
C SER B 390 -32.77 9.27 1.49
N TYR B 391 -31.64 8.89 2.09
CA TYR B 391 -30.53 9.80 2.36
C TYR B 391 -29.52 9.85 1.24
N ASP B 392 -29.76 9.15 0.14
CA ASP B 392 -28.85 9.16 -1.00
C ASP B 392 -29.15 10.30 -1.96
N VAL B 393 -30.43 10.46 -2.34
CA VAL B 393 -30.80 11.52 -3.27
C VAL B 393 -30.58 12.89 -2.66
N CYS B 394 -30.98 13.07 -1.38
CA CYS B 394 -30.89 14.38 -0.75
C CYS B 394 -29.44 14.83 -0.62
N SER B 395 -28.56 13.92 -0.18
CA SER B 395 -27.15 14.27 -0.03
C SER B 395 -26.52 14.60 -1.37
N ILE B 396 -26.84 13.83 -2.41
CA ILE B 396 -26.30 14.10 -3.74
C ILE B 396 -26.75 15.46 -4.24
N LEU B 397 -28.03 15.77 -4.07
CA LEU B 397 -28.55 17.06 -4.51
C LEU B 397 -27.87 18.20 -3.77
N LEU B 398 -27.72 18.08 -2.45
CA LEU B 398 -27.12 19.15 -1.67
C LEU B 398 -25.65 19.33 -2.03
N GLY B 399 -24.91 18.25 -2.24
CA GLY B 399 -23.51 18.37 -2.61
C GLY B 399 -23.31 18.99 -3.98
N THR B 400 -24.12 18.56 -4.96
CA THR B 400 -24.02 19.17 -6.28
C THR B 400 -24.38 20.66 -6.22
N SER B 401 -25.38 21.01 -5.42
CA SER B 401 -25.75 22.41 -5.25
C SER B 401 -24.59 23.21 -4.65
N THR B 402 -23.93 22.66 -3.63
CA THR B 402 -22.82 23.36 -3.00
C THR B 402 -21.67 23.56 -3.98
N LEU B 403 -21.35 22.54 -4.77
CA LEU B 403 -20.26 22.66 -5.74
C LEU B 403 -20.59 23.72 -6.81
N LEU B 404 -21.79 23.63 -7.38
CA LEU B 404 -22.19 24.59 -8.39
C LEU B 404 -22.32 25.99 -7.83
N VAL B 405 -22.52 26.13 -6.51
CA VAL B 405 -22.54 27.45 -5.89
C VAL B 405 -21.13 27.97 -5.66
N TRP B 406 -20.17 27.09 -5.36
CA TRP B 406 -18.79 27.52 -5.20
C TRP B 406 -18.10 27.81 -6.51
N VAL B 407 -18.71 27.46 -7.65
CA VAL B 407 -18.20 27.94 -8.94
C VAL B 407 -18.61 29.40 -9.21
N GLY B 408 -19.63 29.91 -8.53
CA GLY B 408 -19.96 31.31 -8.66
C GLY B 408 -18.90 32.24 -8.12
N VAL B 409 -18.03 31.74 -7.23
CA VAL B 409 -16.91 32.55 -6.78
C VAL B 409 -15.93 32.77 -7.94
N ILE B 410 -15.72 31.75 -8.77
CA ILE B 410 -14.96 31.95 -9.99
C ILE B 410 -15.65 32.95 -10.90
N ARG B 411 -16.98 32.88 -10.98
CA ARG B 411 -17.71 33.88 -11.75
C ARG B 411 -17.32 35.28 -11.28
N TYR B 412 -17.39 35.52 -9.97
CA TYR B 412 -17.04 36.83 -9.42
C TYR B 412 -15.57 37.17 -9.55
N LEU B 413 -14.70 36.16 -9.67
CA LEU B 413 -13.28 36.43 -9.86
C LEU B 413 -12.98 36.89 -11.29
N THR B 414 -13.71 36.34 -12.28
CA THR B 414 -13.54 36.75 -13.68
C THR B 414 -13.45 38.26 -13.86
N PHE B 415 -14.23 39.01 -13.08
CA PHE B 415 -14.32 40.46 -13.22
C PHE B 415 -12.95 41.12 -13.36
N PHE B 416 -12.05 40.86 -12.42
CA PHE B 416 -10.74 41.45 -12.45
C PHE B 416 -9.93 40.94 -13.64
N HIS B 417 -9.15 41.84 -14.25
CA HIS B 417 -8.44 41.53 -15.48
C HIS B 417 -7.43 40.40 -15.28
N ASN B 418 -6.68 40.47 -14.17
CA ASN B 418 -5.61 39.50 -13.92
C ASN B 418 -6.15 38.08 -13.90
N TYR B 419 -7.22 37.84 -13.16
CA TYR B 419 -7.84 36.51 -13.15
C TYR B 419 -8.49 36.20 -14.49
N ASN B 420 -9.02 37.22 -15.17
CA ASN B 420 -9.72 37.02 -16.43
C ASN B 420 -8.78 36.48 -17.50
N ILE B 421 -7.53 36.94 -17.52
CA ILE B 421 -6.59 36.48 -18.53
C ILE B 421 -6.35 34.98 -18.39
N LEU B 422 -6.11 34.52 -17.16
CA LEU B 422 -5.89 33.10 -16.92
C LEU B 422 -7.14 32.29 -17.24
N ILE B 423 -8.31 32.80 -16.87
CA ILE B 423 -9.55 32.08 -17.15
C ILE B 423 -9.77 31.95 -18.65
N ALA B 424 -9.47 33.01 -19.40
CA ALA B 424 -9.57 32.95 -20.85
C ALA B 424 -8.58 31.95 -21.44
N THR B 425 -7.38 31.87 -20.86
CA THR B 425 -6.43 30.86 -21.32
C THR B 425 -6.97 29.45 -21.11
N LEU B 426 -7.56 29.19 -19.94
CA LEU B 426 -8.21 27.91 -19.69
C LEU B 426 -9.27 27.62 -20.73
N ARG B 427 -10.13 28.60 -20.99
CA ARG B 427 -11.26 28.41 -21.90
C ARG B 427 -10.78 28.13 -23.32
N VAL B 428 -9.73 28.82 -23.76
CA VAL B 428 -9.24 28.59 -25.11
C VAL B 428 -8.47 27.26 -25.19
N ALA B 429 -7.90 26.80 -24.08
CA ALA B 429 -7.20 25.51 -24.10
C ALA B 429 -8.16 24.33 -24.13
N LEU B 430 -9.37 24.48 -23.60
CA LEU B 430 -10.32 23.36 -23.49
C LEU B 430 -10.58 22.58 -24.79
N PRO B 431 -10.89 23.21 -25.93
CA PRO B 431 -11.36 22.42 -27.08
C PRO B 431 -10.34 21.42 -27.62
N SER B 432 -9.07 21.82 -27.72
CA SER B 432 -8.05 20.88 -28.18
C SER B 432 -7.87 19.73 -27.20
N VAL B 433 -8.06 20.01 -25.91
CA VAL B 433 -7.99 18.94 -24.91
C VAL B 433 -9.09 17.92 -25.15
N MET B 434 -10.33 18.40 -25.41
CA MET B 434 -11.41 17.45 -25.73
C MET B 434 -11.11 16.67 -27.01
N ARG B 435 -10.58 17.36 -28.02
CA ARG B 435 -10.30 16.72 -29.29
C ARG B 435 -9.27 15.61 -29.15
N PHE B 436 -8.21 15.87 -28.38
CA PHE B 436 -7.22 14.83 -28.08
C PHE B 436 -7.85 13.72 -27.24
N CYS B 437 -8.73 14.09 -26.31
CA CYS B 437 -9.37 13.12 -25.44
C CYS B 437 -10.18 12.10 -26.22
N CYS B 438 -10.75 12.49 -27.36
CA CYS B 438 -11.50 11.53 -28.18
C CYS B 438 -10.60 10.37 -28.63
N CYS B 439 -9.47 10.69 -29.27
CA CYS B 439 -8.58 9.65 -29.77
C CYS B 439 -7.95 8.85 -28.63
N ALA B 440 -7.49 9.55 -27.58
CA ALA B 440 -6.98 8.83 -26.43
C ALA B 440 -8.03 7.91 -25.84
N GLY B 441 -9.30 8.32 -25.89
CA GLY B 441 -10.38 7.49 -25.36
C GLY B 441 -10.60 6.24 -26.18
N VAL B 442 -10.53 6.35 -27.51
CA VAL B 442 -10.75 5.12 -28.29
C VAL B 442 -9.56 4.16 -28.10
N ILE B 443 -8.33 4.68 -28.00
CA ILE B 443 -7.24 3.77 -27.67
C ILE B 443 -7.40 3.17 -26.27
N TYR B 444 -7.93 3.94 -25.34
CA TYR B 444 -8.08 3.50 -23.96
C TYR B 444 -9.17 2.43 -23.84
N LEU B 445 -10.28 2.62 -24.55
CA LEU B 445 -11.32 1.61 -24.63
C LEU B 445 -10.80 0.31 -25.24
N GLY B 446 -10.02 0.41 -26.33
CA GLY B 446 -9.43 -0.80 -26.89
C GLY B 446 -8.56 -1.53 -25.90
N TYR B 447 -7.69 -0.79 -25.21
CA TYR B 447 -6.82 -1.40 -24.21
C TYR B 447 -7.62 -2.00 -23.06
N CYS B 448 -8.70 -1.34 -22.65
CA CYS B 448 -9.54 -1.85 -21.58
C CYS B 448 -10.15 -3.19 -21.95
N PHE B 449 -10.71 -3.28 -23.17
CA PHE B 449 -11.31 -4.53 -23.61
C PHE B 449 -10.27 -5.64 -23.67
N CYS B 450 -9.10 -5.34 -24.25
CA CYS B 450 -8.06 -6.36 -24.35
C CYS B 450 -7.62 -6.84 -22.97
N GLY B 451 -7.39 -5.90 -22.04
CA GLY B 451 -6.94 -6.28 -20.72
C GLY B 451 -7.98 -7.08 -19.96
N TRP B 452 -9.25 -6.69 -20.06
CA TRP B 452 -10.30 -7.45 -19.40
C TRP B 452 -10.40 -8.87 -19.95
N ILE B 453 -10.35 -9.01 -21.28
CA ILE B 453 -10.53 -10.33 -21.86
C ILE B 453 -9.32 -11.23 -21.60
N VAL B 454 -8.12 -10.68 -21.51
CA VAL B 454 -6.94 -11.53 -21.36
C VAL B 454 -6.58 -11.75 -19.90
N LEU B 455 -6.45 -10.69 -19.11
CA LEU B 455 -5.96 -10.79 -17.75
C LEU B 455 -7.08 -10.93 -16.72
N GLY B 456 -8.34 -11.03 -17.16
CA GLY B 456 -9.44 -11.20 -16.25
C GLY B 456 -9.38 -12.47 -15.41
N PRO B 457 -9.14 -13.62 -16.05
CA PRO B 457 -9.05 -14.87 -15.27
C PRO B 457 -7.92 -14.87 -14.25
N TYR B 458 -6.80 -14.21 -14.53
CA TYR B 458 -5.60 -14.37 -13.71
C TYR B 458 -5.35 -13.21 -12.76
N HIS B 459 -5.70 -11.99 -13.14
CA HIS B 459 -5.33 -10.80 -12.37
C HIS B 459 -6.52 -10.34 -11.55
N VAL B 460 -6.27 -10.04 -10.27
CA VAL B 460 -7.34 -9.64 -9.37
C VAL B 460 -7.86 -8.24 -9.69
N LYS B 461 -7.07 -7.43 -10.38
CA LYS B 461 -7.45 -6.05 -10.68
C LYS B 461 -8.18 -5.90 -12.00
N PHE B 462 -8.44 -7.01 -12.70
CA PHE B 462 -9.07 -6.99 -14.02
C PHE B 462 -10.34 -7.84 -14.05
N ARG B 463 -11.08 -7.84 -12.93
CA ARG B 463 -12.25 -8.71 -12.83
C ARG B 463 -13.43 -8.18 -13.63
N SER B 464 -13.65 -6.87 -13.62
CA SER B 464 -14.76 -6.26 -14.33
C SER B 464 -14.26 -5.11 -15.19
N LEU B 465 -15.09 -4.71 -16.15
CA LEU B 465 -14.72 -3.64 -17.07
C LEU B 465 -14.49 -2.33 -16.32
N SER B 466 -15.35 -2.02 -15.34
CA SER B 466 -15.15 -0.82 -14.54
C SER B 466 -13.87 -0.90 -13.74
N MET B 467 -13.56 -2.08 -13.18
CA MET B 467 -12.30 -2.25 -12.47
C MET B 467 -11.11 -2.10 -13.41
N VAL B 468 -11.21 -2.62 -14.63
CA VAL B 468 -10.13 -2.48 -15.60
C VAL B 468 -9.91 -1.00 -15.94
N SER B 469 -11.01 -0.27 -16.15
CA SER B 469 -10.90 1.16 -16.46
C SER B 469 -10.27 1.91 -15.30
N GLU B 470 -10.67 1.60 -14.07
CA GLU B 470 -10.10 2.26 -12.91
C GLU B 470 -8.61 1.97 -12.79
N CYS B 471 -8.22 0.70 -13.01
CA CYS B 471 -6.83 0.32 -12.94
C CYS B 471 -6.00 1.05 -13.98
N LEU B 472 -6.51 1.12 -15.22
CA LEU B 472 -5.77 1.81 -16.28
C LEU B 472 -5.67 3.30 -16.01
N PHE B 473 -6.75 3.91 -15.52
CA PHE B 473 -6.74 5.34 -15.22
C PHE B 473 -5.74 5.65 -14.11
N SER B 474 -5.71 4.83 -13.06
CA SER B 474 -4.74 5.04 -12.00
C SER B 474 -3.32 4.74 -12.47
N LEU B 475 -3.17 3.83 -13.43
CA LEU B 475 -1.85 3.51 -13.97
C LEU B 475 -1.31 4.64 -14.81
N ILE B 476 -2.20 5.39 -15.49
CA ILE B 476 -1.76 6.54 -16.28
C ILE B 476 -1.11 7.58 -15.38
N ASN B 477 -1.71 7.83 -14.21
CA ASN B 477 -1.21 8.84 -13.29
C ASN B 477 -0.06 8.33 -12.41
N GLY B 478 0.33 7.07 -12.55
CA GLY B 478 1.45 6.55 -11.79
C GLY B 478 1.07 6.04 -10.41
N ASP B 479 0.09 5.15 -10.35
CA ASP B 479 -0.35 4.57 -9.09
C ASP B 479 -0.57 3.08 -9.26
N ASP B 480 -0.12 2.31 -8.27
CA ASP B 480 -0.32 0.87 -8.21
C ASP B 480 0.29 0.15 -9.41
N MET B 481 1.37 0.70 -9.96
CA MET B 481 2.06 0.05 -11.08
C MET B 481 2.76 -1.23 -10.63
N PHE B 482 3.55 -1.13 -9.54
CA PHE B 482 4.34 -2.29 -9.12
C PHE B 482 3.46 -3.38 -8.54
N VAL B 483 2.33 -3.03 -7.91
CA VAL B 483 1.44 -4.07 -7.41
C VAL B 483 0.83 -4.84 -8.56
N THR B 484 0.53 -4.15 -9.68
CA THR B 484 0.05 -4.84 -10.88
C THR B 484 1.12 -5.78 -11.42
N PHE B 485 2.35 -5.27 -11.55
CA PHE B 485 3.44 -6.09 -12.07
C PHE B 485 3.69 -7.31 -11.18
N ALA B 486 3.63 -7.12 -9.86
CA ALA B 486 3.89 -8.23 -8.94
C ALA B 486 2.74 -9.24 -8.94
N ALA B 487 1.50 -8.76 -9.04
CA ALA B 487 0.37 -9.67 -9.14
C ALA B 487 0.47 -10.51 -10.41
N MET B 488 0.97 -9.93 -11.50
CA MET B 488 1.18 -10.75 -12.70
C MET B 488 2.39 -11.67 -12.55
N GLN B 489 3.44 -11.23 -11.84
CA GLN B 489 4.60 -12.07 -11.62
C GLN B 489 4.27 -13.28 -10.76
N ALA B 490 3.27 -13.16 -9.89
CA ALA B 490 2.91 -14.28 -9.01
C ALA B 490 2.42 -15.49 -9.79
N GLN B 491 2.07 -15.33 -11.07
CA GLN B 491 1.59 -16.42 -11.91
C GLN B 491 2.50 -16.63 -13.11
N GLN B 492 3.81 -16.49 -12.91
CA GLN B 492 4.75 -16.74 -14.00
C GLN B 492 4.96 -18.22 -14.26
N GLY B 493 4.81 -19.06 -13.23
CA GLY B 493 5.02 -20.49 -13.40
C GLY B 493 4.02 -21.12 -14.35
N ARG B 494 2.76 -20.72 -14.25
CA ARG B 494 1.70 -21.23 -15.11
C ARG B 494 1.39 -20.21 -16.22
N SER B 495 1.27 -20.71 -17.44
CA SER B 495 0.96 -19.89 -18.61
C SER B 495 1.97 -18.75 -18.77
N SER B 496 3.21 -19.12 -19.06
CA SER B 496 4.25 -18.13 -19.29
C SER B 496 3.93 -17.23 -20.48
N LEU B 497 3.18 -17.75 -21.46
CA LEU B 497 2.74 -16.91 -22.57
C LEU B 497 1.85 -15.77 -22.09
N VAL B 498 0.95 -16.06 -21.15
CA VAL B 498 0.10 -15.03 -20.57
C VAL B 498 0.95 -13.98 -19.84
N TRP B 499 1.97 -14.43 -19.12
CA TRP B 499 2.85 -13.49 -18.42
C TRP B 499 3.59 -12.59 -19.40
N LEU B 500 4.11 -13.16 -20.49
CA LEU B 500 4.80 -12.35 -21.49
C LEU B 500 3.85 -11.36 -22.14
N PHE B 501 2.63 -11.79 -22.46
CA PHE B 501 1.65 -10.88 -23.03
C PHE B 501 1.31 -9.75 -22.06
N SER B 502 1.18 -10.08 -20.78
CA SER B 502 0.88 -9.06 -19.77
C SER B 502 2.01 -8.05 -19.68
N GLN B 503 3.27 -8.52 -19.70
CA GLN B 503 4.41 -7.61 -19.68
C GLN B 503 4.36 -6.66 -20.86
N LEU B 504 4.19 -7.21 -22.07
CA LEU B 504 4.13 -6.36 -23.27
C LEU B 504 2.97 -5.38 -23.19
N TYR B 505 1.81 -5.85 -22.75
CA TYR B 505 0.60 -5.02 -22.69
C TYR B 505 0.79 -3.85 -21.73
N LEU B 506 1.28 -4.13 -20.51
CA LEU B 506 1.44 -3.07 -19.52
C LEU B 506 2.50 -2.07 -19.96
N TYR B 507 3.66 -2.56 -20.41
CA TYR B 507 4.72 -1.65 -20.83
C TYR B 507 4.27 -0.77 -21.99
N SER B 508 3.62 -1.37 -22.99
CA SER B 508 3.15 -0.61 -24.14
C SER B 508 2.11 0.42 -23.74
N PHE B 509 1.16 0.04 -22.88
CA PHE B 509 0.14 1.00 -22.47
C PHE B 509 0.75 2.19 -21.77
N ILE B 510 1.62 1.94 -20.79
CA ILE B 510 2.18 3.05 -20.01
C ILE B 510 3.03 3.95 -20.90
N SER B 511 3.94 3.36 -21.68
CA SER B 511 4.81 4.16 -22.52
C SER B 511 4.02 4.95 -23.56
N LEU B 512 3.06 4.30 -24.21
CA LEU B 512 2.28 4.96 -25.24
C LEU B 512 1.49 6.13 -24.67
N PHE B 513 0.87 5.96 -23.50
CA PHE B 513 0.03 7.03 -23.00
C PHE B 513 0.84 8.19 -22.44
N ILE B 514 1.98 7.92 -21.80
CA ILE B 514 2.81 9.09 -21.34
C ILE B 514 3.27 9.86 -22.59
N TYR B 515 3.70 9.15 -23.63
CA TYR B 515 4.18 9.80 -24.87
C TYR B 515 3.09 10.69 -25.43
N MET B 516 1.85 10.16 -25.52
CA MET B 516 0.75 10.94 -26.12
C MET B 516 0.52 12.22 -25.31
N VAL B 517 0.50 12.22 -23.97
CA VAL B 517 0.28 13.52 -23.27
C VAL B 517 1.32 14.59 -23.68
N LEU B 518 2.60 14.23 -23.63
CA LEU B 518 3.69 15.18 -23.99
C LEU B 518 3.51 15.71 -25.42
N SER B 519 3.15 14.85 -26.37
CA SER B 519 2.98 15.29 -27.78
C SER B 519 1.80 16.25 -27.85
N LEU B 520 0.70 15.89 -27.19
CA LEU B 520 -0.46 16.80 -27.12
C LEU B 520 0.06 18.19 -26.73
N PHE B 521 0.89 18.27 -25.69
CA PHE B 521 1.26 19.66 -25.29
C PHE B 521 2.27 20.31 -26.18
N ILE B 522 3.27 19.60 -26.67
CA ILE B 522 4.25 20.36 -27.50
C ILE B 522 3.42 20.99 -28.64
N ALA B 523 2.27 20.40 -29.00
CA ALA B 523 1.37 21.07 -29.96
C ALA B 523 0.81 22.30 -29.28
N LEU B 524 0.53 22.22 -27.99
CA LEU B 524 -0.15 23.34 -27.29
C LEU B 524 0.89 24.42 -26.95
N ILE B 525 2.17 24.13 -27.18
CA ILE B 525 3.20 25.18 -26.95
C ILE B 525 3.60 25.72 -28.32
N THR B 526 3.31 24.99 -29.39
CA THR B 526 3.55 25.54 -30.74
C THR B 526 2.40 26.49 -31.09
N GLY B 527 1.17 26.01 -31.23
CA GLY B 527 0.00 26.85 -31.54
C GLY B 527 0.13 28.21 -30.91
N ALA B 528 0.59 28.25 -29.65
CA ALA B 528 0.82 29.54 -28.96
C ALA B 528 1.88 30.34 -29.72
N GLY C 68 -24.91 8.65 -59.47
CA GLY C 68 -24.14 9.62 -58.71
C GLY C 68 -23.01 9.00 -57.92
N ARG C 69 -22.40 9.78 -57.04
CA ARG C 69 -21.30 9.30 -56.21
C ARG C 69 -21.84 8.38 -55.13
N LYS C 70 -21.53 7.09 -55.24
CA LYS C 70 -22.00 6.12 -54.26
C LYS C 70 -21.35 6.41 -52.90
N PRO C 71 -22.06 6.15 -51.81
CA PRO C 71 -21.49 6.36 -50.48
C PRO C 71 -20.44 5.30 -50.16
N CYS C 72 -19.57 5.64 -49.22
CA CYS C 72 -18.47 4.75 -48.85
C CYS C 72 -19.00 3.51 -48.14
N LYS C 73 -18.49 2.36 -48.52
CA LYS C 73 -18.83 1.09 -47.86
C LYS C 73 -18.12 0.91 -46.52
N LEU C 74 -17.42 1.96 -46.06
CA LEU C 74 -16.69 1.90 -44.80
C LEU C 74 -17.61 1.70 -43.61
N MET C 75 -18.92 1.91 -43.79
CA MET C 75 -19.88 1.58 -42.74
C MET C 75 -19.77 0.12 -42.33
N LEU C 76 -19.34 -0.75 -43.24
CA LEU C 76 -19.10 -2.15 -42.88
C LEU C 76 -18.15 -2.24 -41.70
N GLN C 77 -17.07 -1.46 -41.71
CA GLN C 77 -16.14 -1.47 -40.59
C GLN C 77 -16.83 -0.98 -39.32
N VAL C 78 -17.73 0.00 -39.44
CA VAL C 78 -18.50 0.44 -38.28
C VAL C 78 -19.31 -0.71 -37.72
N VAL C 79 -19.74 -1.63 -38.58
CA VAL C 79 -20.37 -2.85 -38.09
C VAL C 79 -19.38 -3.67 -37.27
N LYS C 80 -18.16 -3.87 -37.80
CA LYS C 80 -17.14 -4.66 -37.13
C LYS C 80 -16.93 -4.19 -35.70
N ILE C 81 -16.59 -2.91 -35.54
CA ILE C 81 -16.32 -2.35 -34.21
C ILE C 81 -17.45 -2.71 -33.25
N LEU C 82 -18.69 -2.71 -33.74
CA LEU C 82 -19.79 -3.19 -32.91
C LEU C 82 -19.72 -4.70 -32.76
N VAL C 83 -19.88 -5.43 -33.87
CA VAL C 83 -20.15 -6.86 -33.79
C VAL C 83 -19.03 -7.58 -33.05
N VAL C 84 -17.79 -7.37 -33.47
CA VAL C 84 -16.66 -8.03 -32.83
C VAL C 84 -16.67 -7.74 -31.34
N THR C 85 -16.85 -6.48 -30.98
CA THR C 85 -16.86 -6.11 -29.56
C THR C 85 -17.88 -6.93 -28.81
N VAL C 86 -19.10 -7.01 -29.34
CA VAL C 86 -20.15 -7.75 -28.67
C VAL C 86 -19.69 -9.18 -28.42
N GLN C 87 -19.14 -9.82 -29.46
CA GLN C 87 -18.66 -11.18 -29.30
C GLN C 87 -17.71 -11.27 -28.11
N LEU C 88 -16.71 -10.39 -28.07
CA LEU C 88 -15.75 -10.42 -26.99
C LEU C 88 -16.47 -10.38 -25.65
N ILE C 89 -17.37 -9.41 -25.48
CA ILE C 89 -18.06 -9.27 -24.21
C ILE C 89 -18.74 -10.58 -23.84
N LEU C 90 -19.49 -11.15 -24.78
CA LEU C 90 -20.18 -12.40 -24.51
C LEU C 90 -19.18 -13.44 -24.04
N PHE C 91 -18.13 -13.65 -24.83
CA PHE C 91 -17.12 -14.64 -24.47
C PHE C 91 -16.60 -14.35 -23.08
N GLY C 92 -16.22 -13.08 -22.85
CA GLY C 92 -15.65 -12.74 -21.56
C GLY C 92 -16.53 -13.17 -20.43
N LEU C 93 -17.83 -12.83 -20.51
CA LEU C 93 -18.74 -13.17 -19.42
C LEU C 93 -18.68 -14.66 -19.14
N SER C 94 -18.88 -15.47 -20.19
CA SER C 94 -18.85 -16.92 -20.00
C SER C 94 -17.55 -17.34 -19.35
N ASN C 95 -16.42 -16.85 -19.88
CA ASN C 95 -15.14 -17.29 -19.38
C ASN C 95 -15.02 -16.99 -17.90
N GLN C 96 -15.49 -15.80 -17.48
CA GLN C 96 -15.37 -15.44 -16.07
C GLN C 96 -16.01 -16.50 -15.21
N LEU C 97 -17.24 -16.92 -15.54
CA LEU C 97 -17.92 -17.91 -14.72
C LEU C 97 -17.04 -19.14 -14.54
N ALA C 98 -16.48 -19.63 -15.65
CA ALA C 98 -15.71 -20.86 -15.57
C ALA C 98 -14.55 -20.71 -14.61
N VAL C 99 -13.82 -19.60 -14.71
CA VAL C 99 -12.64 -19.47 -13.87
C VAL C 99 -13.05 -19.40 -12.41
N THR C 100 -14.18 -18.75 -12.13
CA THR C 100 -14.67 -18.72 -10.74
C THR C 100 -14.90 -20.13 -10.25
N PHE C 101 -15.62 -20.93 -11.04
CA PHE C 101 -15.90 -22.30 -10.61
C PHE C 101 -14.61 -23.07 -10.39
N ARG C 102 -13.56 -22.72 -11.15
CA ARG C 102 -12.28 -23.38 -10.96
C ARG C 102 -11.55 -22.86 -9.74
N GLU C 103 -11.65 -21.56 -9.45
CA GLU C 103 -10.90 -21.03 -8.33
C GLU C 103 -11.56 -21.39 -6.99
N GLU C 104 -12.88 -21.24 -6.89
CA GLU C 104 -13.57 -21.52 -5.64
C GLU C 104 -13.33 -22.95 -5.21
N ASN C 105 -13.52 -23.91 -6.13
CA ASN C 105 -13.24 -25.30 -5.83
C ASN C 105 -11.83 -25.47 -5.28
N THR C 106 -10.85 -24.85 -5.94
CA THR C 106 -9.47 -24.97 -5.48
C THR C 106 -9.35 -24.52 -4.04
N ILE C 107 -9.94 -23.36 -3.71
CA ILE C 107 -9.89 -22.87 -2.34
C ILE C 107 -10.44 -23.93 -1.40
N ALA C 108 -11.61 -24.47 -1.73
CA ALA C 108 -12.21 -25.50 -0.89
C ALA C 108 -11.25 -26.66 -0.70
N PHE C 109 -10.62 -27.11 -1.80
CA PHE C 109 -9.70 -28.24 -1.70
C PHE C 109 -8.60 -27.94 -0.70
N ARG C 110 -8.03 -26.73 -0.75
CA ARG C 110 -7.02 -26.38 0.24
C ARG C 110 -7.58 -26.53 1.64
N HIS C 111 -8.72 -25.89 1.90
CA HIS C 111 -9.32 -25.95 3.22
C HIS C 111 -9.72 -27.38 3.59
N LEU C 112 -9.89 -28.25 2.59
CA LEU C 112 -10.23 -29.63 2.89
C LEU C 112 -8.99 -30.47 3.16
N PHE C 113 -7.87 -30.16 2.49
CA PHE C 113 -6.76 -31.11 2.46
C PHE C 113 -5.48 -30.61 3.13
N LEU C 114 -5.35 -29.31 3.36
CA LEU C 114 -4.15 -28.76 3.99
C LEU C 114 -4.42 -28.56 5.48
N LEU C 115 -3.64 -29.21 6.32
CA LEU C 115 -3.88 -29.19 7.76
C LEU C 115 -3.48 -27.85 8.34
N GLY C 116 -4.39 -27.22 9.09
CA GLY C 116 -4.13 -25.92 9.67
C GLY C 116 -3.94 -24.81 8.65
N TYR C 117 -4.66 -24.88 7.54
CA TYR C 117 -4.54 -23.87 6.48
C TYR C 117 -5.52 -22.74 6.72
N SER C 118 -5.07 -21.51 6.45
CA SER C 118 -5.91 -20.33 6.56
C SER C 118 -5.72 -19.47 5.32
N ASP C 119 -6.76 -18.68 5.01
CA ASP C 119 -6.72 -17.85 3.82
C ASP C 119 -5.58 -16.84 3.91
N GLY C 120 -4.86 -16.68 2.80
CA GLY C 120 -3.74 -15.78 2.72
C GLY C 120 -2.39 -16.39 3.04
N ALA C 121 -2.37 -17.57 3.64
CA ALA C 121 -1.12 -18.27 3.96
C ALA C 121 -0.81 -19.28 2.87
N ASP C 122 -0.44 -18.77 1.70
CA ASP C 122 -0.14 -19.60 0.55
C ASP C 122 1.36 -19.73 0.30
N ASP C 123 2.11 -18.64 0.37
CA ASP C 123 3.55 -18.68 0.14
C ASP C 123 4.34 -19.03 1.39
N THR C 124 3.81 -18.73 2.58
CA THR C 124 4.49 -19.01 3.83
C THR C 124 4.04 -20.32 4.47
N PHE C 125 3.17 -21.08 3.82
CA PHE C 125 2.69 -22.35 4.36
C PHE C 125 3.75 -23.41 4.17
N ALA C 126 4.25 -23.96 5.28
CA ALA C 126 5.32 -24.96 5.22
C ALA C 126 5.33 -25.76 6.51
N ALA C 127 6.06 -26.86 6.49
CA ALA C 127 6.25 -27.72 7.64
C ALA C 127 7.70 -27.66 8.10
N TYR C 128 7.90 -27.74 9.42
CA TYR C 128 9.22 -27.55 10.00
C TYR C 128 9.70 -28.70 10.88
N THR C 129 8.83 -29.65 11.23
CA THR C 129 9.22 -30.82 11.99
C THR C 129 8.71 -32.07 11.30
N ARG C 130 9.32 -33.21 11.64
CA ARG C 130 8.90 -34.48 11.05
C ARG C 130 7.46 -34.82 11.43
N GLU C 131 7.09 -34.55 12.68
CA GLU C 131 5.73 -34.81 13.12
C GLU C 131 4.74 -33.96 12.33
N GLN C 132 5.08 -32.69 12.08
CA GLN C 132 4.20 -31.84 11.29
C GLN C 132 3.99 -32.41 9.90
N LEU C 133 5.05 -32.87 9.25
CA LEU C 133 4.93 -33.46 7.92
C LEU C 133 4.06 -34.71 7.94
N TYR C 134 4.29 -35.58 8.93
CA TYR C 134 3.50 -36.80 9.02
C TYR C 134 2.02 -36.50 9.23
N GLN C 135 1.72 -35.56 10.13
CA GLN C 135 0.33 -35.20 10.36
C GLN C 135 -0.30 -34.57 9.13
N ALA C 136 0.44 -33.73 8.41
CA ALA C 136 -0.10 -33.14 7.19
C ALA C 136 -0.44 -34.20 6.16
N ILE C 137 0.47 -35.15 5.93
CA ILE C 137 0.23 -36.19 4.93
C ILE C 137 -0.95 -37.06 5.35
N PHE C 138 -0.98 -37.48 6.61
CA PHE C 138 -2.05 -38.35 7.06
C PHE C 138 -3.40 -37.63 7.05
N HIS C 139 -3.41 -36.34 7.39
CA HIS C 139 -4.65 -35.57 7.32
C HIS C 139 -5.14 -35.46 5.89
N ALA C 140 -4.24 -35.21 4.95
CA ALA C 140 -4.65 -35.14 3.55
C ALA C 140 -5.28 -36.45 3.10
N VAL C 141 -4.64 -37.59 3.41
CA VAL C 141 -5.17 -38.86 2.96
C VAL C 141 -6.49 -39.19 3.65
N ASP C 142 -6.59 -38.90 4.96
CA ASP C 142 -7.83 -39.18 5.68
C ASP C 142 -8.98 -38.31 5.16
N GLN C 143 -8.71 -37.04 4.88
CA GLN C 143 -9.75 -36.18 4.32
C GLN C 143 -10.16 -36.63 2.93
N TYR C 144 -9.23 -37.19 2.15
CA TYR C 144 -9.63 -37.81 0.89
C TYR C 144 -10.54 -39.00 1.13
N LEU C 145 -10.21 -39.83 2.13
CA LEU C 145 -11.01 -41.02 2.39
C LEU C 145 -12.39 -40.68 2.94
N ALA C 146 -12.51 -39.57 3.67
CA ALA C 146 -13.77 -39.18 4.29
C ALA C 146 -14.48 -38.06 3.54
N LEU C 147 -14.16 -37.89 2.26
CA LEU C 147 -14.74 -36.79 1.49
C LEU C 147 -16.26 -36.84 1.37
N PRO C 148 -16.89 -37.96 0.98
CA PRO C 148 -18.34 -37.94 0.79
C PRO C 148 -19.13 -37.67 2.06
N ASP C 149 -18.54 -37.85 3.23
CA ASP C 149 -19.25 -37.65 4.48
C ASP C 149 -19.07 -36.24 5.04
N VAL C 150 -17.88 -35.66 4.89
CA VAL C 150 -17.60 -34.37 5.50
C VAL C 150 -17.65 -33.20 4.51
N SER C 151 -17.52 -33.46 3.21
CA SER C 151 -17.44 -32.39 2.22
C SER C 151 -18.80 -32.14 1.60
N LEU C 152 -19.17 -30.87 1.50
CA LEU C 152 -20.36 -30.45 0.78
C LEU C 152 -19.96 -29.99 -0.61
N GLY C 153 -20.65 -30.47 -1.63
CA GLY C 153 -20.29 -30.15 -3.00
C GLY C 153 -20.47 -31.27 -3.99
N ARG C 154 -20.67 -32.49 -3.49
CA ARG C 154 -20.96 -33.67 -4.32
C ARG C 154 -19.84 -33.94 -5.33
N TYR C 155 -18.68 -34.30 -4.79
CA TYR C 155 -17.58 -34.76 -5.62
C TYR C 155 -17.66 -36.28 -5.79
N ALA C 156 -16.97 -36.79 -6.80
CA ALA C 156 -16.97 -38.21 -7.11
C ALA C 156 -15.56 -38.73 -7.29
N TYR C 157 -15.33 -39.96 -6.87
CA TYR C 157 -14.05 -40.61 -7.09
C TYR C 157 -13.93 -41.05 -8.56
N VAL C 158 -12.68 -41.22 -8.99
CA VAL C 158 -12.39 -41.52 -10.40
C VAL C 158 -11.87 -42.93 -10.60
N ARG C 159 -11.38 -43.59 -9.54
CA ARG C 159 -10.83 -44.94 -9.64
C ARG C 159 -9.72 -44.98 -10.67
N GLY C 160 -8.81 -44.01 -10.56
CA GLY C 160 -7.81 -43.70 -11.56
C GLY C 160 -7.16 -44.85 -12.29
N GLY C 161 -7.17 -44.80 -13.62
CA GLY C 161 -6.52 -45.80 -14.45
C GLY C 161 -5.46 -45.20 -15.34
N GLY C 162 -4.73 -44.21 -14.82
CA GLY C 162 -3.67 -43.55 -15.56
C GLY C 162 -2.31 -44.13 -15.26
N ASP C 163 -1.27 -43.32 -15.43
CA ASP C 163 0.09 -43.78 -15.18
C ASP C 163 0.36 -43.81 -13.68
N PRO C 164 0.23 -42.70 -12.92
CA PRO C 164 0.57 -42.76 -11.49
C PRO C 164 -0.29 -43.71 -10.69
N TRP C 165 -1.52 -43.99 -11.12
CA TRP C 165 -2.43 -44.87 -10.41
C TRP C 165 -2.52 -46.21 -11.12
N THR C 166 -2.58 -47.29 -10.34
CA THR C 166 -2.80 -48.61 -10.90
C THR C 166 -4.28 -48.79 -11.22
N ASN C 167 -4.61 -49.90 -11.86
CA ASN C 167 -5.99 -50.16 -12.28
C ASN C 167 -6.82 -50.47 -11.04
N GLY C 168 -7.50 -49.45 -10.50
CA GLY C 168 -8.35 -49.64 -9.34
C GLY C 168 -7.88 -48.92 -8.10
N SER C 169 -7.12 -47.83 -8.27
CA SER C 169 -6.64 -47.03 -7.16
C SER C 169 -7.02 -45.57 -7.39
N GLY C 170 -7.44 -44.91 -6.31
CA GLY C 170 -7.87 -43.53 -6.40
C GLY C 170 -6.79 -42.52 -6.12
N LEU C 171 -6.05 -42.71 -5.03
CA LEU C 171 -5.04 -41.76 -4.59
C LEU C 171 -3.66 -42.40 -4.68
N ALA C 172 -2.65 -41.59 -4.95
CA ALA C 172 -1.28 -42.06 -5.09
C ALA C 172 -0.37 -41.18 -4.24
N LEU C 173 0.16 -41.75 -3.16
CA LEU C 173 1.14 -41.08 -2.31
C LEU C 173 2.53 -41.53 -2.71
N CYS C 174 3.31 -40.65 -3.33
CA CYS C 174 4.60 -41.02 -3.91
C CYS C 174 5.70 -40.22 -3.23
N GLN C 175 6.61 -40.92 -2.56
CA GLN C 175 7.78 -40.31 -1.94
C GLN C 175 8.96 -40.47 -2.88
N ARG C 176 9.66 -39.38 -3.15
CA ARG C 176 10.67 -39.32 -4.20
C ARG C 176 11.99 -38.89 -3.56
N TYR C 177 12.99 -39.76 -3.65
CA TYR C 177 14.22 -39.61 -2.89
C TYR C 177 15.39 -40.21 -3.68
N TYR C 178 16.61 -39.83 -3.30
CA TYR C 178 17.79 -40.32 -4.00
C TYR C 178 17.98 -41.82 -3.79
N HIS C 179 18.84 -42.41 -4.63
CA HIS C 179 19.11 -43.84 -4.59
C HIS C 179 20.18 -44.19 -3.56
N ARG C 180 21.36 -43.58 -3.68
CA ARG C 180 22.43 -43.75 -2.70
C ARG C 180 22.73 -42.38 -2.11
N GLY C 181 22.28 -42.15 -0.89
CA GLY C 181 22.57 -40.88 -0.25
C GLY C 181 23.10 -41.09 1.15
N HIS C 182 24.34 -40.66 1.42
CA HIS C 182 24.90 -40.73 2.75
C HIS C 182 25.41 -39.34 3.12
N VAL C 183 24.50 -38.51 3.61
CA VAL C 183 24.86 -37.18 4.08
C VAL C 183 25.27 -37.28 5.55
N ASP C 184 26.50 -36.85 5.85
CA ASP C 184 27.08 -37.03 7.17
C ASP C 184 27.92 -35.82 7.55
N PRO C 185 27.28 -34.74 8.00
CA PRO C 185 28.02 -33.69 8.70
C PRO C 185 28.58 -34.21 10.02
N ALA C 186 29.43 -33.39 10.63
CA ALA C 186 30.28 -33.65 11.80
C ALA C 186 31.48 -34.50 11.42
N ASN C 187 31.53 -35.01 10.18
CA ASN C 187 32.72 -35.58 9.57
C ASN C 187 33.06 -34.95 8.24
N ASP C 188 32.12 -34.26 7.60
CA ASP C 188 32.26 -33.49 6.37
C ASP C 188 32.32 -34.37 5.12
N THR C 189 32.11 -35.68 5.27
CA THR C 189 32.10 -36.57 4.11
C THR C 189 30.66 -36.76 3.60
N PHE C 190 30.55 -37.17 2.34
CA PHE C 190 29.25 -37.42 1.72
C PHE C 190 29.43 -38.12 0.37
N ASP C 191 28.58 -39.11 0.08
CA ASP C 191 28.44 -39.63 -1.27
C ASP C 191 26.96 -39.66 -1.66
N ILE C 192 26.65 -39.10 -2.83
CA ILE C 192 25.29 -38.98 -3.33
C ILE C 192 25.26 -39.43 -4.78
N ASP C 193 24.24 -40.20 -5.12
CA ASP C 193 23.95 -40.58 -6.50
C ASP C 193 22.72 -39.81 -6.95
N PRO C 194 22.85 -38.83 -7.83
CA PRO C 194 21.69 -37.99 -8.18
C PRO C 194 20.51 -38.73 -8.76
N MET C 195 20.66 -40.00 -9.14
CA MET C 195 19.51 -40.77 -9.63
C MET C 195 18.45 -40.85 -8.55
N VAL C 196 17.20 -40.59 -8.93
CA VAL C 196 16.10 -40.42 -7.99
C VAL C 196 15.15 -41.59 -8.13
N VAL C 197 15.03 -42.38 -7.06
CA VAL C 197 14.01 -43.42 -6.99
C VAL C 197 12.70 -42.83 -6.47
N THR C 198 11.60 -43.50 -6.80
CA THR C 198 10.27 -43.08 -6.40
C THR C 198 9.50 -44.28 -5.88
N ASP C 199 8.96 -44.17 -4.67
CA ASP C 199 8.17 -45.23 -4.05
C ASP C 199 6.74 -44.73 -3.88
N CYS C 200 5.79 -45.44 -4.49
CA CYS C 200 4.40 -45.01 -4.50
C CYS C 200 3.53 -46.01 -3.75
N ILE C 201 2.65 -45.48 -2.90
CA ILE C 201 1.65 -46.25 -2.19
C ILE C 201 0.29 -45.86 -2.77
N GLN C 202 -0.45 -46.84 -3.26
CA GLN C 202 -1.75 -46.61 -3.87
C GLN C 202 -2.84 -46.84 -2.83
N VAL C 203 -3.79 -45.91 -2.76
CA VAL C 203 -4.92 -45.99 -1.84
C VAL C 203 -6.20 -46.02 -2.66
N ASP C 204 -7.08 -46.96 -2.33
CA ASP C 204 -8.34 -47.08 -3.06
C ASP C 204 -9.43 -46.29 -2.36
N PRO C 205 -10.34 -45.69 -3.12
CA PRO C 205 -11.43 -44.92 -2.54
C PRO C 205 -12.28 -45.78 -1.62
N PRO C 206 -12.95 -45.18 -0.65
CA PRO C 206 -13.80 -45.96 0.26
C PRO C 206 -14.88 -46.73 -0.50
N GLU C 207 -15.18 -47.93 0.00
CA GLU C 207 -16.18 -48.77 -0.64
C GLU C 207 -17.53 -48.06 -0.71
N ARG C 208 -18.16 -47.87 0.45
CA ARG C 208 -19.43 -47.15 0.58
C ARG C 208 -20.49 -47.60 -0.42
N SER C 224 -5.31 -48.24 3.27
CA SER C 224 -5.31 -48.92 4.55
C SER C 224 -3.91 -48.98 5.16
N SER C 225 -2.92 -49.22 4.30
CA SER C 225 -1.53 -49.34 4.72
C SER C 225 -0.73 -48.06 4.52
N TYR C 226 -1.40 -46.95 4.19
CA TYR C 226 -0.69 -45.69 4.03
C TYR C 226 -0.09 -45.20 5.35
N LYS C 227 -0.69 -45.59 6.48
CA LYS C 227 -0.19 -45.15 7.77
C LYS C 227 1.22 -45.63 8.04
N ASN C 228 1.55 -46.84 7.59
CA ASN C 228 2.89 -47.40 7.76
C ASN C 228 3.80 -46.90 6.64
N LEU C 229 4.17 -45.62 6.75
CA LEU C 229 4.97 -44.95 5.74
C LEU C 229 6.16 -44.28 6.41
N THR C 230 7.36 -44.76 6.13
CA THR C 230 8.56 -44.03 6.49
C THR C 230 8.89 -43.01 5.40
N LEU C 231 9.70 -42.01 5.76
CA LEU C 231 9.95 -40.90 4.86
C LEU C 231 11.39 -40.76 4.38
N LYS C 232 12.38 -41.20 5.16
CA LYS C 232 13.79 -41.07 4.79
C LYS C 232 14.15 -39.60 4.55
N PHE C 233 14.06 -38.83 5.64
CA PHE C 233 14.19 -37.38 5.53
C PHE C 233 15.56 -36.95 5.04
N HIS C 234 16.60 -37.77 5.28
CA HIS C 234 17.93 -37.39 4.84
C HIS C 234 18.08 -37.51 3.32
N LYS C 235 17.39 -38.46 2.70
CA LYS C 235 17.43 -38.65 1.26
C LYS C 235 16.28 -37.98 0.53
N LEU C 236 15.36 -37.35 1.25
CA LEU C 236 14.11 -36.90 0.65
C LEU C 236 14.34 -35.82 -0.39
N VAL C 237 13.63 -35.93 -1.51
CA VAL C 237 13.53 -34.87 -2.50
C VAL C 237 12.17 -34.20 -2.46
N ASN C 238 11.09 -34.98 -2.54
CA ASN C 238 9.77 -34.42 -2.31
C ASN C 238 8.78 -35.54 -2.01
N VAL C 239 7.58 -35.13 -1.60
CA VAL C 239 6.45 -36.04 -1.41
C VAL C 239 5.27 -35.46 -2.19
N THR C 240 4.58 -36.31 -2.95
CA THR C 240 3.47 -35.86 -3.77
C THR C 240 2.25 -36.73 -3.54
N ILE C 241 1.08 -36.11 -3.51
CA ILE C 241 -0.20 -36.80 -3.42
C ILE C 241 -1.00 -36.45 -4.67
N HIS C 242 -1.39 -37.46 -5.43
CA HIS C 242 -2.14 -37.28 -6.67
C HIS C 242 -3.51 -37.91 -6.55
N PHE C 243 -4.55 -37.19 -6.94
CA PHE C 243 -5.87 -37.81 -7.07
C PHE C 243 -6.72 -36.97 -8.02
N ARG C 244 -7.93 -37.46 -8.29
CA ARG C 244 -8.88 -36.76 -9.15
C ARG C 244 -10.27 -36.80 -8.53
N LEU C 245 -11.08 -35.80 -8.90
CA LEU C 245 -12.45 -35.67 -8.38
C LEU C 245 -13.34 -35.17 -9.50
N LYS C 246 -14.42 -35.89 -9.79
CA LYS C 246 -15.38 -35.48 -10.81
C LYS C 246 -16.53 -34.71 -10.18
N THR C 247 -16.94 -33.62 -10.82
CA THR C 247 -18.03 -32.79 -10.32
C THR C 247 -18.85 -32.25 -11.48
N ILE C 248 -20.01 -31.72 -11.16
CA ILE C 248 -20.94 -31.14 -12.13
C ILE C 248 -21.02 -29.64 -11.87
N ASN C 249 -20.78 -28.85 -12.91
CA ASN C 249 -20.91 -27.41 -12.82
C ASN C 249 -22.38 -27.02 -12.93
N LEU C 250 -22.96 -26.62 -11.80
CA LEU C 250 -24.36 -26.22 -11.75
C LEU C 250 -24.56 -24.73 -11.93
N GLN C 251 -23.49 -23.95 -12.06
CA GLN C 251 -23.61 -22.50 -12.25
C GLN C 251 -24.19 -22.13 -13.61
N SER C 252 -24.27 -23.07 -14.56
CA SER C 252 -24.74 -22.74 -15.90
C SER C 252 -26.18 -22.26 -15.89
N LEU C 253 -27.01 -22.85 -15.01
CA LEU C 253 -28.43 -22.53 -14.98
C LEU C 253 -28.66 -21.03 -14.84
N ILE C 254 -27.78 -20.34 -14.12
CA ILE C 254 -27.84 -18.88 -14.05
C ILE C 254 -27.68 -18.28 -15.44
N ASN C 255 -26.74 -18.81 -16.23
CA ASN C 255 -26.50 -18.34 -17.59
C ASN C 255 -27.33 -19.10 -18.62
N ASN C 256 -28.32 -19.86 -18.18
CA ASN C 256 -29.22 -20.63 -19.06
C ASN C 256 -28.47 -21.61 -19.94
N GLU C 257 -27.28 -22.04 -19.54
CA GLU C 257 -26.55 -23.08 -20.27
C GLU C 257 -26.94 -24.45 -19.73
N ILE C 258 -26.47 -25.49 -20.41
CA ILE C 258 -26.60 -26.86 -19.95
C ILE C 258 -25.48 -27.13 -18.96
N PRO C 259 -25.79 -27.55 -17.71
CA PRO C 259 -24.75 -27.70 -16.68
C PRO C 259 -23.48 -28.36 -17.19
N ASP C 260 -22.37 -27.63 -17.06
CA ASP C 260 -21.08 -28.08 -17.53
C ASP C 260 -20.56 -29.13 -16.55
N CYS C 261 -19.35 -29.63 -16.78
CA CYS C 261 -19.04 -30.94 -16.23
C CYS C 261 -17.53 -31.10 -16.13
N TYR C 262 -17.01 -31.15 -14.90
CA TYR C 262 -15.59 -31.00 -14.65
C TYR C 262 -14.98 -32.25 -14.03
N THR C 263 -13.66 -32.36 -14.20
CA THR C 263 -12.84 -33.33 -13.50
C THR C 263 -11.57 -32.62 -13.08
N PHE C 264 -11.34 -32.53 -11.78
CA PHE C 264 -10.21 -31.82 -11.20
C PHE C 264 -9.14 -32.83 -10.83
N SER C 265 -7.93 -32.62 -11.35
CA SER C 265 -6.76 -33.39 -10.93
C SER C 265 -6.03 -32.55 -9.90
N VAL C 266 -5.89 -33.10 -8.69
CA VAL C 266 -5.33 -32.39 -7.55
C VAL C 266 -3.98 -33.03 -7.21
N LEU C 267 -2.97 -32.17 -7.08
CA LEU C 267 -1.62 -32.58 -6.71
C LEU C 267 -1.17 -31.75 -5.52
N ILE C 268 -0.83 -32.43 -4.43
CA ILE C 268 -0.32 -31.78 -3.22
C ILE C 268 1.16 -32.13 -3.12
N THR C 269 2.01 -31.11 -3.10
CA THR C 269 3.45 -31.31 -3.07
C THR C 269 4.04 -30.74 -1.78
N PHE C 270 4.78 -31.59 -1.07
CA PHE C 270 5.67 -31.19 0.02
C PHE C 270 7.08 -31.21 -0.56
N ASP C 271 7.63 -30.03 -0.79
CA ASP C 271 8.86 -29.88 -1.57
C ASP C 271 10.06 -29.72 -0.64
N ASN C 272 11.02 -30.63 -0.74
CA ASN C 272 12.25 -30.60 0.05
C ASN C 272 13.47 -30.45 -0.85
N LYS C 273 13.34 -29.69 -1.94
CA LYS C 273 14.46 -29.51 -2.86
C LYS C 273 15.61 -28.76 -2.21
N ALA C 274 15.31 -27.76 -1.38
CA ALA C 274 16.35 -26.93 -0.79
C ALA C 274 17.11 -27.63 0.33
N HIS C 275 16.52 -28.65 0.96
CA HIS C 275 17.13 -29.34 2.09
C HIS C 275 17.55 -28.37 3.17
N SER C 276 16.73 -27.35 3.40
CA SER C 276 17.05 -26.26 4.32
C SER C 276 16.30 -26.38 5.65
N GLY C 277 15.60 -27.48 5.88
CA GLY C 277 14.81 -27.64 7.09
C GLY C 277 13.42 -27.07 7.01
N ARG C 278 13.06 -26.44 5.89
CA ARG C 278 11.73 -25.87 5.69
C ARG C 278 11.15 -26.50 4.44
N ILE C 279 10.03 -27.22 4.59
CA ILE C 279 9.43 -27.93 3.47
C ILE C 279 8.13 -27.23 3.09
N PRO C 280 8.12 -26.44 2.02
CA PRO C 280 6.86 -25.82 1.58
C PRO C 280 5.83 -26.86 1.16
N ILE C 281 4.57 -26.55 1.44
CA ILE C 281 3.44 -27.41 1.11
C ILE C 281 2.50 -26.61 0.24
N SER C 282 2.12 -27.19 -0.92
CA SER C 282 1.22 -26.48 -1.81
C SER C 282 0.28 -27.47 -2.48
N LEU C 283 -0.84 -26.94 -2.98
CA LEU C 283 -1.85 -27.71 -3.67
C LEU C 283 -2.16 -27.05 -5.01
N GLU C 284 -2.09 -27.82 -6.08
CA GLU C 284 -2.39 -27.33 -7.42
C GLU C 284 -3.46 -28.22 -8.06
N THR C 285 -4.21 -27.64 -8.99
CA THR C 285 -5.31 -28.34 -9.64
C THR C 285 -5.26 -28.11 -11.14
N GLN C 286 -5.84 -29.05 -11.87
CA GLN C 286 -5.99 -28.94 -13.32
C GLN C 286 -7.35 -29.51 -13.71
N ALA C 287 -8.19 -28.69 -14.34
CA ALA C 287 -9.53 -29.11 -14.71
C ALA C 287 -9.58 -29.55 -16.16
N HIS C 288 -10.44 -30.53 -16.43
CA HIS C 288 -10.63 -31.09 -17.77
C HIS C 288 -12.13 -31.06 -18.06
N ILE C 289 -12.58 -29.96 -18.69
CA ILE C 289 -14.00 -29.78 -18.97
C ILE C 289 -14.40 -30.70 -20.11
N GLN C 290 -15.50 -31.43 -19.92
CA GLN C 290 -16.00 -32.33 -20.96
C GLN C 290 -17.51 -32.48 -20.80
N GLU C 291 -18.21 -32.55 -21.92
CA GLU C 291 -19.65 -32.81 -21.88
C GLU C 291 -19.92 -34.18 -21.28
N CYS C 292 -20.79 -34.21 -20.28
CA CYS C 292 -21.15 -35.50 -19.69
C CYS C 292 -22.40 -36.10 -20.32
N LYS C 293 -22.67 -37.34 -19.93
CA LYS C 293 -23.35 -38.30 -20.80
C LYS C 293 -24.78 -37.89 -21.09
N HIS C 294 -25.62 -37.78 -20.06
CA HIS C 294 -27.06 -37.60 -20.23
C HIS C 294 -27.52 -36.38 -19.45
N PRO C 295 -27.56 -35.21 -20.08
CA PRO C 295 -28.06 -34.00 -19.41
C PRO C 295 -29.56 -33.81 -19.50
N SER C 296 -30.32 -34.48 -18.62
CA SER C 296 -31.78 -34.41 -18.68
C SER C 296 -32.30 -33.15 -17.99
N VAL C 297 -31.80 -31.99 -18.43
CA VAL C 297 -32.23 -30.72 -17.85
C VAL C 297 -33.51 -30.24 -18.53
N PHE C 298 -34.33 -29.51 -17.77
CA PHE C 298 -35.58 -28.95 -18.28
C PHE C 298 -35.33 -27.63 -18.99
N GLN C 299 -35.98 -27.47 -20.15
CA GLN C 299 -35.94 -26.26 -20.97
C GLN C 299 -34.60 -26.10 -21.67
N HIS C 300 -33.65 -26.97 -21.36
CA HIS C 300 -32.35 -27.03 -22.03
C HIS C 300 -31.66 -25.67 -22.15
N SER C 304 -28.30 -21.50 -30.02
CA SER C 304 -28.59 -21.19 -31.40
C SER C 304 -28.33 -19.71 -31.69
N PHE C 305 -27.80 -19.00 -30.70
CA PHE C 305 -27.44 -17.60 -30.84
C PHE C 305 -25.94 -17.37 -30.89
N ARG C 306 -25.18 -18.04 -30.01
CA ARG C 306 -23.72 -17.92 -30.07
C ARG C 306 -23.17 -18.51 -31.36
N LEU C 307 -23.69 -19.67 -31.78
CA LEU C 307 -23.18 -20.31 -32.99
C LEU C 307 -23.42 -19.44 -34.22
N LEU C 308 -24.60 -18.83 -34.31
CA LEU C 308 -24.86 -17.93 -35.42
C LEU C 308 -24.05 -16.64 -35.32
N PHE C 309 -23.76 -16.18 -34.10
CA PHE C 309 -23.02 -14.94 -33.96
C PHE C 309 -21.58 -15.07 -34.48
N ASP C 310 -20.91 -16.18 -34.17
CA ASP C 310 -19.52 -16.31 -34.61
C ASP C 310 -19.41 -16.43 -36.12
N VAL C 311 -20.36 -17.11 -36.78
CA VAL C 311 -20.31 -17.18 -38.24
C VAL C 311 -20.59 -15.81 -38.84
N VAL C 312 -21.40 -14.98 -38.17
CA VAL C 312 -21.58 -13.60 -38.60
C VAL C 312 -20.25 -12.84 -38.52
N VAL C 313 -19.51 -13.06 -37.44
CA VAL C 313 -18.17 -12.46 -37.31
C VAL C 313 -17.27 -12.93 -38.44
N ILE C 314 -17.33 -14.23 -38.76
CA ILE C 314 -16.51 -14.78 -39.84
C ILE C 314 -16.84 -14.11 -41.17
N LEU C 315 -18.14 -14.00 -41.49
CA LEU C 315 -18.55 -13.38 -42.74
C LEU C 315 -18.05 -11.95 -42.84
N THR C 316 -18.30 -11.15 -41.80
CA THR C 316 -17.89 -9.74 -41.83
C THR C 316 -16.39 -9.60 -41.95
N CYS C 317 -15.63 -10.37 -41.17
CA CYS C 317 -14.18 -10.28 -41.23
C CYS C 317 -13.63 -10.77 -42.56
N SER C 318 -14.24 -11.83 -43.12
CA SER C 318 -13.83 -12.29 -44.44
C SER C 318 -14.09 -11.22 -45.50
N LEU C 319 -15.23 -10.52 -45.38
CA LEU C 319 -15.53 -9.44 -46.31
C LEU C 319 -14.46 -8.36 -46.25
N SER C 320 -14.06 -7.95 -45.03
CA SER C 320 -13.04 -6.93 -44.88
C SER C 320 -11.72 -7.37 -45.49
N PHE C 321 -11.35 -8.64 -45.28
CA PHE C 321 -10.12 -9.17 -45.87
C PHE C 321 -10.12 -9.02 -47.38
N LEU C 322 -11.23 -9.40 -48.03
CA LEU C 322 -11.32 -9.27 -49.48
C LEU C 322 -11.22 -7.82 -49.91
N LEU C 323 -11.96 -6.93 -49.24
CA LEU C 323 -11.95 -5.52 -49.63
C LEU C 323 -10.57 -4.89 -49.41
N CYS C 324 -9.94 -5.18 -48.27
CA CYS C 324 -8.62 -4.62 -48.00
C CYS C 324 -7.57 -5.20 -48.93
N ALA C 325 -7.68 -6.48 -49.27
CA ALA C 325 -6.75 -7.08 -50.21
C ALA C 325 -6.90 -6.46 -51.60
N ARG C 326 -8.14 -6.15 -51.99
CA ARG C 326 -8.36 -5.45 -53.26
C ARG C 326 -7.69 -4.08 -53.25
N SER C 327 -7.82 -3.35 -52.13
CA SER C 327 -7.16 -2.06 -52.02
C SER C 327 -5.65 -2.20 -52.06
N LEU C 328 -5.11 -3.21 -51.37
CA LEU C 328 -3.67 -3.43 -51.38
C LEU C 328 -3.17 -3.71 -52.81
N LEU C 329 -3.89 -4.55 -53.54
CA LEU C 329 -3.47 -4.88 -54.91
C LEU C 329 -3.55 -3.66 -55.82
N ARG C 330 -4.65 -2.91 -55.76
CA ARG C 330 -4.80 -1.74 -56.62
C ARG C 330 -3.74 -0.69 -56.31
N GLY C 331 -3.46 -0.47 -55.03
CA GLY C 331 -2.39 0.46 -54.66
C GLY C 331 -1.03 0.00 -55.15
N PHE C 332 -0.78 -1.31 -55.08
CA PHE C 332 0.51 -1.84 -55.52
C PHE C 332 0.67 -1.74 -57.03
N LEU C 333 -0.42 -1.93 -57.78
CA LEU C 333 -0.35 -1.74 -59.23
C LEU C 333 -0.02 -0.30 -59.58
N LEU C 334 -0.68 0.66 -58.92
CA LEU C 334 -0.37 2.07 -59.14
C LEU C 334 1.06 2.38 -58.75
N GLN C 335 1.54 1.79 -57.64
CA GLN C 335 2.93 1.97 -57.25
C GLN C 335 3.88 1.38 -58.30
N ASN C 336 3.52 0.23 -58.88
CA ASN C 336 4.38 -0.41 -59.86
C ASN C 336 4.61 0.49 -61.07
N GLU C 337 3.54 1.14 -61.54
CA GLU C 337 3.70 2.10 -62.64
C GLU C 337 4.53 3.30 -62.18
N PHE C 338 4.33 3.76 -60.95
CA PHE C 338 5.09 4.89 -60.44
C PHE C 338 6.59 4.58 -60.38
N VAL C 339 6.94 3.30 -60.20
CA VAL C 339 8.36 2.91 -60.17
C VAL C 339 9.05 3.32 -61.45
N GLY C 340 8.48 2.94 -62.60
CA GLY C 340 9.04 3.35 -63.87
C GLY C 340 8.92 4.85 -64.10
N PHE C 341 7.78 5.44 -63.68
CA PHE C 341 7.57 6.86 -63.85
C PHE C 341 8.64 7.68 -63.15
N MET C 342 8.90 7.37 -61.87
CA MET C 342 9.94 8.09 -61.13
C MET C 342 11.34 7.68 -61.59
N TRP C 343 11.48 6.48 -62.12
CA TRP C 343 12.76 6.01 -62.66
C TRP C 343 13.28 6.93 -63.77
N GLU C 354 10.56 7.16 -48.83
CA GLU C 354 9.16 7.52 -49.02
C GLU C 354 8.57 6.82 -50.24
N ARG C 355 9.43 6.54 -51.23
CA ARG C 355 8.98 5.80 -52.40
C ARG C 355 8.60 4.37 -52.04
N LEU C 356 9.21 3.80 -51.00
CA LEU C 356 8.86 2.46 -50.55
C LEU C 356 7.54 2.44 -49.77
N GLU C 357 7.01 3.60 -49.39
CA GLU C 357 5.77 3.71 -48.64
C GLU C 357 4.72 4.37 -49.53
N PHE C 358 4.02 3.54 -50.31
CA PHE C 358 2.90 3.99 -51.12
C PHE C 358 1.60 3.31 -50.69
N VAL C 359 1.63 2.53 -49.61
CA VAL C 359 0.45 1.84 -49.12
C VAL C 359 0.19 2.32 -47.69
N ASN C 360 -1.08 2.56 -47.37
CA ASN C 360 -1.46 3.01 -46.05
C ASN C 360 -1.45 1.83 -45.08
N GLY C 361 -0.76 1.98 -43.95
CA GLY C 361 -0.74 0.95 -42.94
C GLY C 361 -2.07 0.64 -42.31
N TRP C 362 -3.09 1.47 -42.56
CA TRP C 362 -4.42 1.23 -42.02
C TRP C 362 -4.99 -0.07 -42.56
N TYR C 363 -4.81 -0.33 -43.86
CA TYR C 363 -5.31 -1.57 -44.44
C TYR C 363 -4.53 -2.78 -43.92
N ILE C 364 -3.23 -2.63 -43.67
CA ILE C 364 -2.47 -3.72 -43.08
C ILE C 364 -2.97 -4.01 -41.67
N LEU C 365 -3.25 -2.96 -40.90
CA LEU C 365 -3.81 -3.13 -39.57
C LEU C 365 -5.15 -3.84 -39.61
N LEU C 366 -6.01 -3.44 -40.54
CA LEU C 366 -7.32 -4.08 -40.68
C LEU C 366 -7.19 -5.53 -41.10
N VAL C 367 -6.27 -5.83 -42.02
CA VAL C 367 -6.04 -7.21 -42.44
C VAL C 367 -5.61 -8.07 -41.27
N THR C 368 -4.67 -7.55 -40.46
CA THR C 368 -4.23 -8.29 -39.28
C THR C 368 -5.38 -8.49 -38.30
N SER C 369 -6.22 -7.46 -38.13
CA SER C 369 -7.37 -7.58 -37.25
C SER C 369 -8.31 -8.69 -37.71
N ASP C 370 -8.60 -8.72 -39.01
CA ASP C 370 -9.48 -9.77 -39.55
C ASP C 370 -8.88 -11.15 -39.35
N VAL C 371 -7.57 -11.30 -39.63
CA VAL C 371 -6.92 -12.59 -39.49
C VAL C 371 -7.01 -13.07 -38.05
N LEU C 372 -6.72 -12.18 -37.09
CA LEU C 372 -6.74 -12.59 -35.69
C LEU C 372 -8.17 -12.83 -35.20
N THR C 373 -9.14 -12.08 -35.71
CA THR C 373 -10.53 -12.32 -35.30
C THR C 373 -11.04 -13.64 -35.84
N ILE C 374 -10.67 -14.00 -37.06
CA ILE C 374 -11.12 -15.28 -37.61
C ILE C 374 -10.47 -16.45 -36.89
N SER C 375 -9.15 -16.36 -36.64
CA SER C 375 -8.49 -17.41 -35.89
C SER C 375 -9.08 -17.56 -34.49
N GLY C 376 -9.27 -16.43 -33.80
CA GLY C 376 -9.82 -16.48 -32.46
C GLY C 376 -11.24 -17.01 -32.42
N THR C 377 -12.07 -16.65 -33.41
CA THR C 377 -13.44 -17.13 -33.40
C THR C 377 -13.54 -18.60 -33.77
N ILE C 378 -12.66 -19.10 -34.63
CA ILE C 378 -12.62 -20.55 -34.89
C ILE C 378 -12.19 -21.28 -33.62
N MET C 379 -11.18 -20.76 -32.94
CA MET C 379 -10.71 -21.37 -31.70
C MET C 379 -11.81 -21.35 -30.64
N LYS C 380 -12.58 -20.26 -30.57
CA LYS C 380 -13.68 -20.17 -29.62
C LYS C 380 -14.82 -21.11 -29.99
N ILE C 381 -15.08 -21.31 -31.28
CA ILE C 381 -16.04 -22.31 -31.72
C ILE C 381 -15.64 -23.68 -31.17
N GLY C 382 -14.35 -24.02 -31.34
CA GLY C 382 -13.88 -25.29 -30.82
C GLY C 382 -13.96 -25.39 -29.31
N ILE C 383 -13.65 -24.29 -28.62
CA ILE C 383 -13.69 -24.28 -27.16
C ILE C 383 -15.12 -24.50 -26.66
N GLU C 384 -16.08 -23.79 -27.25
CA GLU C 384 -17.48 -23.97 -26.84
C GLU C 384 -17.97 -25.37 -27.18
N ALA C 385 -17.52 -25.93 -28.31
CA ALA C 385 -17.89 -27.30 -28.65
C ALA C 385 -17.20 -28.34 -27.77
N LYS C 386 -16.23 -27.92 -26.96
CA LYS C 386 -15.45 -28.75 -26.02
C LYS C 386 -14.43 -29.64 -26.71
N ASN C 387 -14.21 -29.48 -28.02
CA ASN C 387 -13.25 -30.33 -28.72
C ASN C 387 -11.80 -29.97 -28.41
N LEU C 388 -11.53 -28.73 -27.99
CA LEU C 388 -10.20 -28.34 -27.55
C LEU C 388 -10.34 -27.40 -26.35
N ALA C 389 -9.31 -27.42 -25.50
CA ALA C 389 -9.31 -26.66 -24.25
C ALA C 389 -8.01 -25.87 -24.16
N SER C 390 -8.01 -24.67 -24.74
CA SER C 390 -6.89 -23.74 -24.61
C SER C 390 -7.47 -22.32 -24.66
N TYR C 391 -7.72 -21.77 -23.48
CA TYR C 391 -8.39 -20.48 -23.35
C TYR C 391 -7.40 -19.31 -23.29
N ASP C 392 -6.11 -19.57 -23.44
CA ASP C 392 -5.10 -18.51 -23.42
C ASP C 392 -4.89 -17.91 -24.81
N VAL C 393 -4.71 -18.76 -25.82
CA VAL C 393 -4.48 -18.28 -27.18
C VAL C 393 -5.71 -17.55 -27.71
N CYS C 394 -6.90 -18.14 -27.51
CA CYS C 394 -8.12 -17.57 -28.06
C CYS C 394 -8.40 -16.18 -27.47
N SER C 395 -8.27 -16.06 -26.16
CA SER C 395 -8.52 -14.77 -25.51
C SER C 395 -7.52 -13.72 -25.96
N ILE C 396 -6.25 -14.10 -26.08
CA ILE C 396 -5.22 -13.16 -26.54
C ILE C 396 -5.53 -12.69 -27.96
N LEU C 397 -5.89 -13.62 -28.83
CA LEU C 397 -6.20 -13.27 -30.21
C LEU C 397 -7.40 -12.32 -30.27
N LEU C 398 -8.45 -12.63 -29.52
CA LEU C 398 -9.65 -11.80 -29.55
C LEU C 398 -9.38 -10.41 -28.99
N GLY C 399 -8.60 -10.31 -27.91
CA GLY C 399 -8.29 -9.01 -27.35
C GLY C 399 -7.44 -8.16 -28.27
N THR C 400 -6.41 -8.76 -28.87
CA THR C 400 -5.59 -8.02 -29.83
C THR C 400 -6.42 -7.56 -31.01
N SER C 401 -7.34 -8.42 -31.49
CA SER C 401 -8.22 -8.03 -32.58
C SER C 401 -9.10 -6.84 -32.18
N THR C 402 -9.66 -6.87 -30.98
CA THR C 402 -10.51 -5.78 -30.53
C THR C 402 -9.74 -4.47 -30.44
N LEU C 403 -8.52 -4.52 -29.91
CA LEU C 403 -7.71 -3.30 -29.79
C LEU C 403 -7.36 -2.73 -31.17
N LEU C 404 -6.87 -3.61 -32.07
CA LEU C 404 -6.52 -3.17 -33.41
C LEU C 404 -7.74 -2.70 -34.19
N VAL C 405 -8.94 -3.15 -33.81
CA VAL C 405 -10.15 -2.66 -34.45
C VAL C 405 -10.57 -1.31 -33.89
N TRP C 406 -10.32 -1.06 -32.60
CA TRP C 406 -10.64 0.24 -32.02
C TRP C 406 -9.62 1.31 -32.41
N VAL C 407 -8.49 0.94 -33.02
CA VAL C 407 -7.63 1.95 -33.63
C VAL C 407 -8.16 2.44 -34.98
N GLY C 408 -9.06 1.68 -35.62
CA GLY C 408 -9.68 2.17 -36.83
C GLY C 408 -10.59 3.37 -36.60
N VAL C 409 -11.05 3.57 -35.37
CA VAL C 409 -11.80 4.78 -35.07
C VAL C 409 -10.89 6.00 -35.17
N ILE C 410 -9.64 5.88 -34.71
CA ILE C 410 -8.66 6.93 -34.95
C ILE C 410 -8.45 7.13 -36.45
N ARG C 411 -8.38 6.04 -37.20
CA ARG C 411 -8.29 6.16 -38.65
C ARG C 411 -9.39 7.07 -39.18
N TYR C 412 -10.64 6.78 -38.80
CA TYR C 412 -11.77 7.59 -39.25
C TYR C 412 -11.77 9.00 -38.68
N LEU C 413 -11.11 9.22 -37.54
CA LEU C 413 -11.02 10.57 -36.99
C LEU C 413 -10.03 11.44 -37.77
N THR C 414 -8.95 10.84 -38.26
CA THR C 414 -7.95 11.55 -39.05
C THR C 414 -8.57 12.45 -40.11
N PHE C 415 -9.66 11.99 -40.74
CA PHE C 415 -10.29 12.70 -41.85
C PHE C 415 -10.47 14.19 -41.57
N PHE C 416 -11.09 14.52 -40.45
CA PHE C 416 -11.32 15.92 -40.10
C PHE C 416 -10.00 16.64 -39.82
N HIS C 417 -9.92 17.90 -40.25
CA HIS C 417 -8.67 18.65 -40.16
C HIS C 417 -8.23 18.84 -38.73
N ASN C 418 -9.17 19.19 -37.84
CA ASN C 418 -8.84 19.49 -36.45
C ASN C 418 -8.14 18.32 -35.78
N TYR C 419 -8.69 17.12 -35.91
CA TYR C 419 -8.04 15.93 -35.36
C TYR C 419 -6.75 15.60 -36.11
N ASN C 420 -6.73 15.88 -37.42
CA ASN C 420 -5.58 15.55 -38.24
C ASN C 420 -4.34 16.32 -37.82
N ILE C 421 -4.51 17.58 -37.42
CA ILE C 421 -3.37 18.39 -37.00
C ILE C 421 -2.70 17.78 -35.77
N LEU C 422 -3.51 17.41 -34.77
CA LEU C 422 -2.97 16.80 -33.57
C LEU C 422 -2.33 15.44 -33.88
N ILE C 423 -2.96 14.65 -34.74
CA ILE C 423 -2.40 13.35 -35.09
C ILE C 423 -1.06 13.52 -35.80
N ALA C 424 -0.95 14.51 -36.68
CA ALA C 424 0.32 14.79 -37.34
C ALA C 424 1.38 15.24 -36.35
N THR C 425 0.98 16.01 -35.34
CA THR C 425 1.93 16.40 -34.30
C THR C 425 2.46 15.18 -33.55
N LEU C 426 1.56 14.24 -33.20
CA LEU C 426 1.99 12.99 -32.59
C LEU C 426 3.00 12.25 -33.47
N ARG C 427 2.67 12.13 -34.76
CA ARG C 427 3.49 11.36 -35.68
C ARG C 427 4.87 11.99 -35.84
N VAL C 428 4.94 13.32 -35.90
CA VAL C 428 6.22 13.98 -36.06
C VAL C 428 7.02 13.94 -34.74
N ALA C 429 6.34 13.85 -33.60
CA ALA C 429 7.05 13.77 -32.33
C ALA C 429 7.65 12.40 -32.08
N LEU C 430 7.06 11.34 -32.66
CA LEU C 430 7.51 9.98 -32.38
C LEU C 430 9.01 9.71 -32.58
N PRO C 431 9.65 10.09 -33.70
CA PRO C 431 11.03 9.61 -33.94
C PRO C 431 12.04 10.08 -32.91
N SER C 432 11.98 11.34 -32.49
CA SER C 432 12.90 11.81 -31.47
C SER C 432 12.66 11.11 -30.14
N VAL C 433 11.41 10.74 -29.85
CA VAL C 433 11.11 9.98 -28.65
C VAL C 433 11.80 8.61 -28.70
N MET C 434 11.73 7.93 -29.85
CA MET C 434 12.44 6.66 -29.98
C MET C 434 13.95 6.85 -29.84
N ARG C 435 14.48 7.90 -30.45
CA ARG C 435 15.91 8.16 -30.42
C ARG C 435 16.41 8.39 -29.00
N PHE C 436 15.67 9.17 -28.22
CA PHE C 436 15.99 9.34 -26.81
C PHE C 436 15.83 8.04 -26.03
N CYS C 437 14.80 7.26 -26.38
CA CYS C 437 14.53 6.01 -25.70
C CYS C 437 15.69 5.04 -25.82
N CYS C 438 16.43 5.09 -26.92
CA CYS C 438 17.60 4.21 -27.06
C CYS C 438 18.63 4.47 -25.95
N CYS C 439 19.06 5.72 -25.80
CA CYS C 439 20.06 6.05 -24.79
C CYS C 439 19.52 5.85 -23.38
N ALA C 440 18.28 6.29 -23.12
CA ALA C 440 17.69 6.02 -21.82
C ALA C 440 17.62 4.53 -21.54
N GLY C 441 17.40 3.72 -22.58
CA GLY C 441 17.34 2.29 -22.40
C GLY C 441 18.68 1.68 -22.03
N VAL C 442 19.76 2.15 -22.66
CA VAL C 442 21.04 1.56 -22.28
C VAL C 442 21.44 1.98 -20.87
N ILE C 443 21.13 3.22 -20.47
CA ILE C 443 21.37 3.56 -19.06
C ILE C 443 20.48 2.74 -18.13
N TYR C 444 19.26 2.44 -18.56
CA TYR C 444 18.31 1.72 -17.71
C TYR C 444 18.72 0.26 -17.57
N LEU C 445 19.18 -0.35 -18.66
CA LEU C 445 19.72 -1.70 -18.59
C LEU C 445 20.94 -1.78 -17.68
N GLY C 446 21.85 -0.81 -17.78
CA GLY C 446 22.98 -0.79 -16.87
C GLY C 446 22.55 -0.73 -15.42
N TYR C 447 21.61 0.18 -15.11
CA TYR C 447 21.12 0.30 -13.75
C TYR C 447 20.41 -0.97 -13.30
N CYS C 448 19.67 -1.62 -14.19
CA CYS C 448 18.99 -2.86 -13.85
C CYS C 448 19.97 -3.94 -13.46
N PHE C 449 21.03 -4.11 -14.26
CA PHE C 449 22.03 -5.13 -13.95
C PHE C 449 22.71 -4.83 -12.61
N CYS C 450 23.09 -3.57 -12.40
CA CYS C 450 23.75 -3.22 -11.14
C CYS C 450 22.84 -3.48 -9.95
N GLY C 451 21.58 -3.06 -10.05
CA GLY C 451 20.66 -3.25 -8.94
C GLY C 451 20.39 -4.71 -8.65
N TRP C 452 20.22 -5.52 -9.70
CA TRP C 452 20.00 -6.95 -9.50
C TRP C 452 21.20 -7.60 -8.83
N ILE C 453 22.41 -7.26 -9.29
CA ILE C 453 23.59 -7.94 -8.75
C ILE C 453 23.88 -7.49 -7.32
N VAL C 454 23.57 -6.26 -6.96
CA VAL C 454 23.93 -5.77 -5.63
C VAL C 454 22.81 -5.98 -4.62
N LEU C 455 21.60 -5.54 -4.93
CA LEU C 455 20.49 -5.58 -3.97
C LEU C 455 19.65 -6.83 -4.06
N GLY C 456 20.02 -7.78 -4.91
CA GLY C 456 19.29 -9.02 -5.03
C GLY C 456 19.23 -9.85 -3.76
N PRO C 457 20.39 -10.07 -3.12
CA PRO C 457 20.37 -10.84 -1.87
C PRO C 457 19.55 -10.22 -0.76
N TYR C 458 19.50 -8.89 -0.68
CA TYR C 458 18.93 -8.21 0.49
C TYR C 458 17.53 -7.67 0.26
N HIS C 459 17.20 -7.22 -0.95
CA HIS C 459 15.95 -6.53 -1.20
C HIS C 459 14.95 -7.48 -1.85
N VAL C 460 13.72 -7.47 -1.33
CA VAL C 460 12.69 -8.38 -1.83
C VAL C 460 12.22 -8.00 -3.24
N LYS C 461 12.42 -6.75 -3.63
CA LYS C 461 11.95 -6.27 -4.92
C LYS C 461 12.97 -6.43 -6.04
N PHE C 462 14.13 -7.02 -5.75
CA PHE C 462 15.21 -7.17 -6.71
C PHE C 462 15.61 -8.62 -6.88
N ARG C 463 14.65 -9.53 -6.81
CA ARG C 463 14.96 -10.96 -6.84
C ARG C 463 15.32 -11.43 -8.25
N SER C 464 14.62 -10.94 -9.27
CA SER C 464 14.86 -11.33 -10.64
C SER C 464 15.03 -10.10 -11.52
N LEU C 465 15.60 -10.32 -12.70
CA LEU C 465 15.84 -9.21 -13.63
C LEU C 465 14.53 -8.56 -14.06
N SER C 466 13.51 -9.37 -14.32
CA SER C 466 12.20 -8.81 -14.68
C SER C 466 11.62 -8.01 -13.52
N MET C 467 11.76 -8.53 -12.29
CA MET C 467 11.30 -7.77 -11.13
C MET C 467 12.07 -6.47 -10.96
N VAL C 468 13.38 -6.50 -11.20
CA VAL C 468 14.18 -5.29 -11.12
C VAL C 468 13.72 -4.26 -12.14
N SER C 469 13.48 -4.73 -13.38
CA SER C 469 13.01 -3.82 -14.42
C SER C 469 11.64 -3.22 -14.07
N GLU C 470 10.75 -4.05 -13.54
CA GLU C 470 9.42 -3.55 -13.14
C GLU C 470 9.55 -2.53 -12.02
N CYS C 471 10.40 -2.81 -11.03
CA CYS C 471 10.60 -1.88 -9.93
C CYS C 471 11.15 -0.55 -10.41
N LEU C 472 12.14 -0.59 -11.30
CA LEU C 472 12.72 0.65 -11.81
C LEU C 472 11.71 1.42 -12.66
N PHE C 473 10.94 0.72 -13.50
CA PHE C 473 9.95 1.39 -14.32
C PHE C 473 8.88 2.06 -13.47
N SER C 474 8.41 1.37 -12.43
CA SER C 474 7.43 1.99 -11.53
C SER C 474 8.05 3.12 -10.71
N LEU C 475 9.35 3.03 -10.42
CA LEU C 475 10.03 4.08 -9.69
C LEU C 475 10.19 5.35 -10.53
N ILE C 476 10.35 5.19 -11.84
CA ILE C 476 10.44 6.34 -12.73
C ILE C 476 9.16 7.16 -12.67
N ASN C 477 8.01 6.49 -12.66
CA ASN C 477 6.71 7.16 -12.64
C ASN C 477 6.27 7.59 -11.26
N GLY C 478 7.06 7.31 -10.22
CA GLY C 478 6.74 7.74 -8.89
C GLY C 478 5.81 6.80 -8.14
N ASP C 479 6.17 5.53 -8.08
CA ASP C 479 5.37 4.52 -7.38
C ASP C 479 6.29 3.63 -6.56
N ASP C 480 5.86 3.34 -5.33
CA ASP C 480 6.55 2.41 -4.44
C ASP C 480 7.98 2.87 -4.12
N MET C 481 8.20 4.18 -4.11
CA MET C 481 9.52 4.70 -3.77
C MET C 481 9.83 4.51 -2.28
N PHE C 482 8.89 4.90 -1.42
CA PHE C 482 9.16 4.83 0.01
C PHE C 482 9.20 3.40 0.52
N VAL C 483 8.42 2.49 -0.10
CA VAL C 483 8.50 1.10 0.32
C VAL C 483 9.86 0.51 -0.03
N THR C 484 10.44 0.92 -1.16
CA THR C 484 11.80 0.51 -1.51
C THR C 484 12.81 1.05 -0.49
N PHE C 485 12.70 2.34 -0.17
CA PHE C 485 13.61 2.94 0.79
C PHE C 485 13.49 2.29 2.16
N ALA C 486 12.27 1.97 2.59
CA ALA C 486 12.07 1.36 3.90
C ALA C 486 12.54 -0.08 3.92
N ALA C 487 12.33 -0.82 2.83
CA ALA C 487 12.84 -2.18 2.76
C ALA C 487 14.36 -2.19 2.82
N MET C 488 15.01 -1.18 2.25
CA MET C 488 16.46 -1.11 2.39
C MET C 488 16.88 -0.64 3.79
N GLN C 489 16.08 0.25 4.40
CA GLN C 489 16.37 0.72 5.75
C GLN C 489 16.26 -0.41 6.76
N ALA C 490 15.42 -1.41 6.48
CA ALA C 490 15.23 -2.51 7.43
C ALA C 490 16.50 -3.33 7.63
N GLN C 491 17.50 -3.18 6.75
CA GLN C 491 18.75 -3.90 6.85
C GLN C 491 19.94 -2.94 6.98
N GLN C 492 19.75 -1.85 7.74
CA GLN C 492 20.84 -0.92 7.96
C GLN C 492 21.84 -1.45 8.98
N GLY C 493 21.38 -2.27 9.92
CA GLY C 493 22.29 -2.78 10.95
C GLY C 493 23.38 -3.67 10.39
N ARG C 494 23.03 -4.52 9.43
CA ARG C 494 23.99 -5.40 8.78
C ARG C 494 24.39 -4.84 7.43
N SER C 495 25.70 -4.86 7.14
CA SER C 495 26.26 -4.37 5.88
C SER C 495 25.84 -2.93 5.61
N SER C 496 26.34 -2.03 6.46
CA SER C 496 26.06 -0.60 6.28
C SER C 496 26.59 -0.09 4.95
N LEU C 497 27.66 -0.69 4.43
CA LEU C 497 28.17 -0.32 3.12
C LEU C 497 27.13 -0.59 2.04
N VAL C 498 26.43 -1.72 2.14
CA VAL C 498 25.37 -2.05 1.19
C VAL C 498 24.25 -1.02 1.29
N TRP C 499 23.90 -0.61 2.50
CA TRP C 499 22.85 0.39 2.69
C TRP C 499 23.25 1.73 2.06
N LEU C 500 24.50 2.15 2.27
CA LEU C 500 24.97 3.40 1.67
C LEU C 500 24.95 3.32 0.16
N PHE C 501 25.41 2.18 -0.40
CA PHE C 501 25.38 2.02 -1.84
C PHE C 501 23.95 2.06 -2.37
N SER C 502 23.03 1.42 -1.66
CA SER C 502 21.63 1.44 -2.09
C SER C 502 21.06 2.85 -2.08
N GLN C 503 21.39 3.63 -1.04
CA GLN C 503 20.95 5.02 -0.99
C GLN C 503 21.45 5.79 -2.20
N LEU C 504 22.77 5.70 -2.46
CA LEU C 504 23.34 6.41 -3.59
C LEU C 504 22.71 5.95 -4.91
N TYR C 505 22.54 4.65 -5.06
CA TYR C 505 22.01 4.07 -6.29
C TYR C 505 20.59 4.57 -6.56
N LEU C 506 19.72 4.50 -5.56
CA LEU C 506 18.33 4.90 -5.75
C LEU C 506 18.22 6.39 -6.01
N TYR C 507 18.91 7.22 -5.21
CA TYR C 507 18.84 8.65 -5.41
C TYR C 507 19.36 9.04 -6.78
N SER C 508 20.50 8.48 -7.18
CA SER C 508 21.07 8.81 -8.49
C SER C 508 20.15 8.38 -9.62
N PHE C 509 19.57 7.18 -9.53
CA PHE C 509 18.68 6.72 -10.59
C PHE C 509 17.49 7.66 -10.74
N ILE C 510 16.82 7.96 -9.63
CA ILE C 510 15.61 8.78 -9.72
C ILE C 510 15.92 10.17 -10.23
N SER C 511 16.95 10.82 -9.65
CA SER C 511 17.27 12.18 -10.07
C SER C 511 17.72 12.21 -11.52
N LEU C 512 18.58 11.27 -11.92
CA LEU C 512 19.08 11.26 -13.29
C LEU C 512 17.96 11.06 -14.29
N PHE C 513 17.03 10.15 -14.01
CA PHE C 513 16.00 9.88 -15.02
C PHE C 513 14.95 10.99 -15.09
N ILE C 514 14.59 11.60 -13.96
CA ILE C 514 13.64 12.74 -14.07
C ILE C 514 14.32 13.85 -14.89
N TYR C 515 15.59 14.12 -14.61
CA TYR C 515 16.34 15.19 -15.33
C TYR C 515 16.31 14.90 -16.82
N MET C 516 16.61 13.66 -17.22
CA MET C 516 16.66 13.31 -18.66
C MET C 516 15.29 13.58 -19.30
N VAL C 517 14.16 13.19 -18.71
CA VAL C 517 12.87 13.48 -19.43
C VAL C 517 12.72 15.00 -19.73
N LEU C 518 12.92 15.84 -18.72
CA LEU C 518 12.77 17.30 -18.91
C LEU C 518 13.70 17.82 -20.01
N SER C 519 14.95 17.34 -20.05
CA SER C 519 15.92 17.82 -21.07
C SER C 519 15.44 17.36 -22.45
N LEU C 520 15.01 16.11 -22.55
CA LEU C 520 14.43 15.62 -23.81
C LEU C 520 13.40 16.64 -24.28
N PHE C 521 12.51 17.07 -23.40
CA PHE C 521 11.46 17.99 -23.95
C PHE C 521 11.92 19.38 -24.21
N ILE C 522 12.75 19.96 -23.36
CA ILE C 522 13.10 21.38 -23.68
C ILE C 522 13.72 21.33 -25.09
N ALA C 523 14.28 20.19 -25.52
CA ALA C 523 14.72 20.06 -26.92
C ALA C 523 13.48 20.06 -27.79
N LEU C 524 12.40 19.43 -27.32
CA LEU C 524 11.19 19.27 -28.17
C LEU C 524 10.39 20.58 -28.16
N ILE C 525 10.79 21.53 -27.32
CA ILE C 525 10.09 22.85 -27.33
C ILE C 525 11.00 23.83 -28.09
N THR C 526 12.28 23.50 -28.24
CA THR C 526 13.16 24.35 -29.07
C THR C 526 12.92 24.00 -30.54
N GLY C 527 13.23 22.78 -30.99
CA GLY C 527 13.01 22.34 -32.38
C GLY C 527 11.77 22.98 -32.94
N ALA C 528 10.69 23.03 -32.15
CA ALA C 528 9.45 23.69 -32.59
C ALA C 528 9.72 25.17 -32.86
N GLY D 68 45.23 0.28 -46.76
CA GLY D 68 44.12 1.21 -46.63
C GLY D 68 43.81 1.59 -45.21
N ARG D 69 42.67 2.25 -44.99
CA ARG D 69 42.27 2.68 -43.66
C ARG D 69 41.80 1.47 -42.87
N LYS D 70 42.57 1.09 -41.85
CA LYS D 70 42.21 -0.05 -41.02
C LYS D 70 40.94 0.25 -40.24
N PRO D 71 40.11 -0.76 -40.00
CA PRO D 71 38.89 -0.54 -39.21
C PRO D 71 39.21 -0.32 -37.75
N CYS D 72 38.27 0.31 -37.05
CA CYS D 72 38.46 0.65 -35.65
C CYS D 72 38.48 -0.61 -34.80
N LYS D 73 39.42 -0.69 -33.86
CA LYS D 73 39.50 -1.79 -32.91
C LYS D 73 38.48 -1.67 -31.79
N LEU D 74 37.58 -0.69 -31.89
CA LEU D 74 36.55 -0.46 -30.88
C LEU D 74 35.60 -1.64 -30.74
N MET D 75 35.59 -2.55 -31.73
CA MET D 75 34.83 -3.79 -31.58
C MET D 75 35.23 -4.56 -30.33
N LEU D 76 36.49 -4.40 -29.90
CA LEU D 76 36.91 -5.03 -28.64
C LEU D 76 36.00 -4.62 -27.50
N GLN D 77 35.65 -3.33 -27.42
CA GLN D 77 34.73 -2.90 -26.38
C GLN D 77 33.35 -3.54 -26.54
N VAL D 78 32.93 -3.74 -27.80
CA VAL D 78 31.67 -4.45 -28.03
C VAL D 78 31.75 -5.86 -27.46
N VAL D 79 32.94 -6.45 -27.45
CA VAL D 79 33.14 -7.72 -26.76
C VAL D 79 32.90 -7.55 -25.27
N LYS D 80 33.51 -6.52 -24.68
CA LYS D 80 33.39 -6.28 -23.24
C LYS D 80 31.93 -6.26 -22.80
N ILE D 81 31.15 -5.36 -23.40
CA ILE D 81 29.73 -5.22 -23.05
C ILE D 81 29.04 -6.58 -23.03
N LEU D 82 29.41 -7.45 -23.96
CA LEU D 82 28.91 -8.83 -23.90
C LEU D 82 29.56 -9.59 -22.76
N VAL D 83 30.88 -9.78 -22.84
CA VAL D 83 31.55 -10.76 -22.00
C VAL D 83 31.34 -10.43 -20.52
N VAL D 84 31.65 -9.19 -20.14
CA VAL D 84 31.49 -8.78 -18.75
C VAL D 84 30.07 -9.05 -18.29
N THR D 85 29.09 -8.64 -19.10
CA THR D 85 27.69 -8.85 -18.71
C THR D 85 27.43 -10.31 -18.42
N VAL D 86 27.88 -11.20 -19.31
CA VAL D 86 27.64 -12.62 -19.11
C VAL D 86 28.19 -13.04 -17.76
N GLN D 87 29.42 -12.64 -17.46
CA GLN D 87 30.02 -12.99 -16.18
C GLN D 87 29.10 -12.59 -15.04
N LEU D 88 28.65 -11.33 -15.05
CA LEU D 88 27.77 -10.85 -13.99
C LEU D 88 26.59 -11.78 -13.83
N ILE D 89 25.90 -12.07 -14.95
CA ILE D 89 24.70 -12.90 -14.87
C ILE D 89 25.04 -14.23 -14.21
N LEU D 90 26.11 -14.88 -14.69
CA LEU D 90 26.49 -16.15 -14.09
C LEU D 90 26.68 -16.00 -12.60
N PHE D 91 27.51 -15.03 -12.20
CA PHE D 91 27.76 -14.82 -10.78
C PHE D 91 26.44 -14.62 -10.06
N GLY D 92 25.59 -13.74 -10.60
CA GLY D 92 24.35 -13.43 -9.94
C GLY D 92 23.56 -14.69 -9.65
N LEU D 93 23.40 -15.54 -10.66
CA LEU D 93 22.61 -16.75 -10.47
C LEU D 93 23.15 -17.56 -9.30
N SER D 94 24.45 -17.84 -9.32
CA SER D 94 25.05 -18.61 -8.24
C SER D 94 24.77 -17.95 -6.91
N ASN D 95 25.02 -16.64 -6.83
CA ASN D 95 24.87 -15.95 -5.56
C ASN D 95 23.45 -16.10 -5.04
N GLN D 96 22.46 -15.99 -5.94
CA GLN D 96 21.08 -16.09 -5.49
C GLN D 96 20.85 -17.39 -4.74
N LEU D 97 21.31 -18.51 -5.33
CA LEU D 97 21.09 -19.80 -4.68
C LEU D 97 21.61 -19.76 -3.26
N ALA D 98 22.84 -19.26 -3.08
CA ALA D 98 23.45 -19.28 -1.76
C ALA D 98 22.59 -18.52 -0.76
N VAL D 99 22.13 -17.33 -1.14
CA VAL D 99 21.40 -16.52 -0.17
C VAL D 99 20.10 -17.22 0.19
N THR D 100 19.46 -17.89 -0.79
CA THR D 100 18.25 -18.64 -0.47
C THR D 100 18.55 -19.70 0.57
N PHE D 101 19.62 -20.47 0.36
CA PHE D 101 19.95 -21.52 1.32
C PHE D 101 20.21 -20.92 2.69
N ARG D 102 20.72 -19.68 2.72
CA ARG D 102 20.97 -19.04 4.00
C ARG D 102 19.68 -18.50 4.62
N GLU D 103 18.75 -18.00 3.79
CA GLU D 103 17.54 -17.41 4.36
C GLU D 103 16.57 -18.50 4.82
N GLU D 104 16.36 -19.53 4.00
CA GLU D 104 15.40 -20.58 4.34
C GLU D 104 15.78 -21.23 5.67
N ASN D 105 17.05 -21.62 5.79
CA ASN D 105 17.53 -22.19 7.03
C ASN D 105 17.22 -21.28 8.21
N THR D 106 17.50 -19.98 8.07
CA THR D 106 17.23 -19.05 9.16
C THR D 106 15.76 -19.11 9.55
N ILE D 107 14.87 -19.09 8.56
CA ILE D 107 13.44 -19.16 8.86
C ILE D 107 13.16 -20.41 9.69
N ALA D 108 13.68 -21.55 9.24
CA ALA D 108 13.47 -22.79 9.97
C ALA D 108 13.95 -22.66 11.40
N PHE D 109 15.14 -22.08 11.58
CA PHE D 109 15.68 -21.94 12.92
C PHE D 109 14.72 -21.16 13.81
N ARG D 110 14.16 -20.07 13.29
CA ARG D 110 13.17 -19.33 14.07
C ARG D 110 12.03 -20.24 14.47
N HIS D 111 11.43 -20.92 13.48
CA HIS D 111 10.31 -21.80 13.77
C HIS D 111 10.72 -22.94 14.68
N LEU D 112 12.01 -23.26 14.73
CA LEU D 112 12.47 -24.33 15.61
C LEU D 112 12.73 -23.82 17.02
N PHE D 113 13.17 -22.58 17.16
CA PHE D 113 13.74 -22.14 18.44
C PHE D 113 12.98 -21.03 19.13
N LEU D 114 12.10 -20.32 18.43
CA LEU D 114 11.33 -19.24 19.03
C LEU D 114 9.95 -19.75 19.39
N LEU D 115 9.60 -19.69 20.67
CA LEU D 115 8.35 -20.25 21.14
C LEU D 115 7.17 -19.39 20.72
N GLY D 116 6.18 -20.02 20.09
CA GLY D 116 5.01 -19.29 19.62
C GLY D 116 5.32 -18.30 18.52
N TYR D 117 6.27 -18.61 17.65
CA TYR D 117 6.64 -17.71 16.57
C TYR D 117 5.82 -18.00 15.33
N SER D 118 5.43 -16.93 14.64
CA SER D 118 4.69 -17.03 13.39
C SER D 118 5.32 -16.11 12.36
N ASP D 119 5.12 -16.45 11.09
CA ASP D 119 5.70 -15.67 10.00
C ASP D 119 5.16 -14.24 10.02
N GLY D 120 6.06 -13.28 9.83
CA GLY D 120 5.70 -11.88 9.82
C GLY D 120 5.80 -11.19 11.17
N ALA D 121 5.91 -11.94 12.25
CA ALA D 121 6.05 -11.36 13.59
C ALA D 121 7.52 -11.35 13.99
N ASP D 122 8.27 -10.46 13.32
CA ASP D 122 9.70 -10.32 13.56
C ASP D 122 10.04 -9.11 14.41
N ASP D 123 9.44 -7.96 14.13
CA ASP D 123 9.72 -6.75 14.89
C ASP D 123 8.87 -6.62 16.14
N THR D 124 7.68 -7.22 16.15
CA THR D 124 6.78 -7.15 17.30
C THR D 124 6.90 -8.36 18.22
N PHE D 125 7.81 -9.28 17.94
CA PHE D 125 7.98 -10.47 18.77
C PHE D 125 8.75 -10.10 20.03
N ALA D 126 8.10 -10.28 21.19
CA ALA D 126 8.71 -9.91 22.45
C ALA D 126 8.03 -10.67 23.59
N ALA D 127 8.65 -10.62 24.76
CA ALA D 127 8.13 -11.22 25.97
C ALA D 127 7.75 -10.13 26.97
N TYR D 128 6.69 -10.37 27.72
CA TYR D 128 6.15 -9.36 28.62
C TYR D 128 6.01 -9.80 30.07
N THR D 129 6.18 -11.08 30.37
CA THR D 129 6.13 -11.58 31.73
C THR D 129 7.36 -12.45 31.98
N ARG D 130 7.69 -12.62 33.26
CA ARG D 130 8.83 -13.46 33.62
C ARG D 130 8.63 -14.91 33.20
N GLU D 131 7.40 -15.41 33.36
CA GLU D 131 7.10 -16.77 32.94
C GLU D 131 7.28 -16.94 31.43
N GLN D 132 6.87 -15.93 30.66
CA GLN D 132 7.05 -15.98 29.21
C GLN D 132 8.53 -16.09 28.85
N LEU D 133 9.37 -15.27 29.51
CA LEU D 133 10.81 -15.32 29.25
C LEU D 133 11.40 -16.67 29.61
N TYR D 134 11.01 -17.21 30.77
CA TYR D 134 11.53 -18.49 31.20
C TYR D 134 11.14 -19.61 30.23
N GLN D 135 9.87 -19.61 29.80
CA GLN D 135 9.42 -20.63 28.85
C GLN D 135 10.12 -20.49 27.51
N ALA D 136 10.34 -19.25 27.04
CA ALA D 136 11.05 -19.05 25.78
C ALA D 136 12.47 -19.60 25.86
N ILE D 137 13.19 -19.28 26.94
CA ILE D 137 14.57 -19.74 27.06
C ILE D 137 14.62 -21.26 27.15
N PHE D 138 13.76 -21.84 27.98
CA PHE D 138 13.77 -23.28 28.16
C PHE D 138 13.35 -24.00 26.89
N HIS D 139 12.39 -23.45 26.15
CA HIS D 139 12.00 -24.03 24.88
C HIS D 139 13.13 -23.99 23.87
N ALA D 140 13.86 -22.88 23.81
CA ALA D 140 15.00 -22.79 22.90
C ALA D 140 16.04 -23.87 23.24
N VAL D 141 16.38 -24.00 24.52
CA VAL D 141 17.41 -24.98 24.89
C VAL D 141 16.93 -26.40 24.64
N ASP D 142 15.66 -26.70 24.97
CA ASP D 142 15.14 -28.04 24.76
C ASP D 142 15.08 -28.39 23.29
N GLN D 143 14.68 -27.44 22.44
CA GLN D 143 14.66 -27.69 21.00
C GLN D 143 16.06 -27.88 20.46
N TYR D 144 17.06 -27.19 21.02
CA TYR D 144 18.43 -27.49 20.66
C TYR D 144 18.81 -28.92 21.06
N LEU D 145 18.40 -29.35 22.26
CA LEU D 145 18.76 -30.68 22.72
C LEU D 145 18.06 -31.78 21.93
N ALA D 146 16.85 -31.52 21.43
CA ALA D 146 16.06 -32.50 20.71
C ALA D 146 16.09 -32.29 19.20
N LEU D 147 17.12 -31.61 18.70
CA LEU D 147 17.17 -31.30 17.27
C LEU D 147 17.24 -32.53 16.37
N PRO D 148 18.13 -33.51 16.60
CA PRO D 148 18.22 -34.64 15.66
C PRO D 148 16.95 -35.48 15.57
N ASP D 149 16.08 -35.41 16.57
CA ASP D 149 14.87 -36.22 16.58
C ASP D 149 13.68 -35.50 15.96
N VAL D 150 13.55 -34.20 16.18
CA VAL D 150 12.38 -33.46 15.74
C VAL D 150 12.61 -32.64 14.48
N SER D 151 13.86 -32.32 14.15
CA SER D 151 14.16 -31.43 13.03
C SER D 151 14.50 -32.25 11.79
N LEU D 152 13.91 -31.87 10.66
CA LEU D 152 14.26 -32.42 9.36
C LEU D 152 15.23 -31.48 8.67
N GLY D 153 16.32 -32.02 8.13
CA GLY D 153 17.33 -31.19 7.51
C GLY D 153 18.75 -31.64 7.75
N ARG D 154 18.95 -32.57 8.70
CA ARG D 154 20.25 -33.19 8.95
C ARG D 154 21.30 -32.14 9.33
N TYR D 155 21.09 -31.53 10.49
CA TYR D 155 22.08 -30.64 11.09
C TYR D 155 23.00 -31.45 12.00
N ALA D 156 24.15 -30.87 12.30
CA ALA D 156 25.16 -31.52 13.12
C ALA D 156 25.64 -30.58 14.22
N TYR D 157 25.93 -31.15 15.38
CA TYR D 157 26.52 -30.38 16.47
C TYR D 157 28.00 -30.10 16.19
N VAL D 158 28.52 -29.06 16.83
CA VAL D 158 29.88 -28.60 16.59
C VAL D 158 30.81 -28.84 17.76
N ARG D 159 30.26 -29.08 18.97
CA ARG D 159 31.07 -29.30 20.16
C ARG D 159 32.03 -28.13 20.37
N GLY D 160 31.47 -26.92 20.29
CA GLY D 160 32.20 -25.67 20.20
C GLY D 160 33.45 -25.54 21.05
N GLY D 161 34.56 -25.16 20.41
CA GLY D 161 35.81 -24.92 21.11
C GLY D 161 36.31 -23.51 20.92
N GLY D 162 35.39 -22.55 20.89
CA GLY D 162 35.71 -21.15 20.74
C GLY D 162 35.83 -20.42 22.05
N ASP D 163 35.59 -19.11 22.02
CA ASP D 163 35.67 -18.30 23.23
C ASP D 163 34.41 -18.51 24.09
N PRO D 164 33.20 -18.25 23.57
CA PRO D 164 32.01 -18.39 24.45
C PRO D 164 31.78 -19.80 24.97
N TRP D 165 32.25 -20.82 24.25
CA TRP D 165 32.06 -22.20 24.65
C TRP D 165 33.35 -22.78 25.19
N THR D 166 33.24 -23.59 26.23
CA THR D 166 34.40 -24.30 26.76
C THR D 166 34.70 -25.51 25.88
N ASN D 167 35.81 -26.17 26.16
CA ASN D 167 36.24 -27.32 25.35
C ASN D 167 35.30 -28.49 25.64
N GLY D 168 34.29 -28.66 24.79
CA GLY D 168 33.36 -29.76 24.94
C GLY D 168 31.95 -29.35 25.26
N SER D 169 31.57 -28.13 24.90
CA SER D 169 30.22 -27.62 25.11
C SER D 169 29.65 -27.12 23.81
N GLY D 170 28.36 -27.41 23.58
CA GLY D 170 27.71 -27.03 22.34
C GLY D 170 26.98 -25.71 22.41
N LEU D 171 26.19 -25.50 23.45
CA LEU D 171 25.36 -24.31 23.59
C LEU D 171 25.83 -23.50 24.79
N ALA D 172 25.68 -22.18 24.69
CA ALA D 172 26.11 -21.26 25.75
C ALA D 172 24.96 -20.30 26.05
N LEU D 173 24.36 -20.46 27.23
CA LEU D 173 23.33 -19.55 27.71
C LEU D 173 23.98 -18.54 28.65
N CYS D 174 24.07 -17.28 28.23
CA CYS D 174 24.82 -16.26 28.96
C CYS D 174 23.86 -15.15 29.35
N GLN D 175 23.70 -14.94 30.65
CA GLN D 175 22.90 -13.84 31.19
C GLN D 175 23.84 -12.71 31.58
N ARG D 176 23.53 -11.51 31.11
CA ARG D 176 24.43 -10.37 31.19
C ARG D 176 23.73 -9.26 31.94
N TYR D 177 24.30 -8.85 33.08
CA TYR D 177 23.62 -7.98 34.03
C TYR D 177 24.65 -7.14 34.76
N TYR D 178 24.19 -6.04 35.38
CA TYR D 178 25.09 -5.14 36.09
C TYR D 178 25.69 -5.82 37.32
N HIS D 179 26.75 -5.20 37.84
CA HIS D 179 27.47 -5.72 39.00
C HIS D 179 26.82 -5.30 40.32
N ARG D 180 26.66 -4.00 40.53
CA ARG D 180 25.97 -3.47 41.70
C ARG D 180 24.76 -2.69 41.20
N GLY D 181 23.58 -3.27 41.32
CA GLY D 181 22.39 -2.56 40.91
C GLY D 181 21.32 -2.62 41.97
N HIS D 182 20.92 -1.46 42.51
CA HIS D 182 19.85 -1.40 43.49
C HIS D 182 18.83 -0.36 43.00
N VAL D 183 17.94 -0.81 42.11
CA VAL D 183 16.87 0.03 41.64
C VAL D 183 15.69 -0.08 42.59
N ASP D 184 15.25 1.05 43.13
CA ASP D 184 14.25 1.08 44.19
C ASP D 184 13.33 2.28 44.00
N PRO D 185 12.35 2.19 43.10
CA PRO D 185 11.25 3.15 43.13
C PRO D 185 10.41 2.97 44.38
N ALA D 186 9.51 3.93 44.59
CA ALA D 186 8.68 4.17 45.78
C ALA D 186 9.50 4.81 46.89
N ASN D 187 10.82 4.92 46.71
CA ASN D 187 11.69 5.76 47.53
C ASN D 187 12.51 6.73 46.70
N ASP D 188 12.66 6.49 45.40
CA ASP D 188 13.32 7.33 44.41
C ASP D 188 14.84 7.26 44.49
N THR D 189 15.39 6.38 45.33
CA THR D 189 16.83 6.22 45.42
C THR D 189 17.31 5.11 44.49
N PHE D 190 18.59 5.14 44.15
CA PHE D 190 19.20 4.13 43.29
C PHE D 190 20.72 4.27 43.27
N ASP D 191 21.45 3.16 43.32
CA ASP D 191 22.86 3.14 42.99
C ASP D 191 23.15 2.02 41.99
N ILE D 192 23.84 2.37 40.91
CA ILE D 192 24.15 1.46 39.81
C ILE D 192 25.62 1.61 39.46
N ASP D 193 26.27 0.47 39.24
CA ASP D 193 27.63 0.41 38.72
C ASP D 193 27.55 -0.08 37.28
N PRO D 194 27.81 0.77 36.29
CA PRO D 194 27.62 0.36 34.89
C PRO D 194 28.45 -0.84 34.46
N MET D 195 29.44 -1.26 35.25
CA MET D 195 30.20 -2.45 34.89
C MET D 195 29.28 -3.65 34.81
N VAL D 196 29.42 -4.43 33.74
CA VAL D 196 28.47 -5.48 33.40
C VAL D 196 29.17 -6.83 33.60
N VAL D 197 28.66 -7.62 34.54
CA VAL D 197 29.09 -9.01 34.70
C VAL D 197 28.28 -9.90 33.75
N THR D 198 28.86 -11.06 33.43
CA THR D 198 28.25 -12.05 32.55
C THR D 198 28.39 -13.42 33.16
N ASP D 199 27.27 -14.13 33.30
CA ASP D 199 27.25 -15.49 33.85
C ASP D 199 26.80 -16.44 32.76
N CYS D 200 27.65 -17.41 32.43
CA CYS D 200 27.39 -18.33 31.32
C CYS D 200 27.22 -19.74 31.83
N ILE D 201 26.18 -20.41 31.34
CA ILE D 201 25.92 -21.83 31.59
C ILE D 201 26.16 -22.58 30.28
N GLN D 202 27.06 -23.54 30.31
CA GLN D 202 27.41 -24.32 29.13
C GLN D 202 26.59 -25.61 29.11
N VAL D 203 26.00 -25.92 27.95
CA VAL D 203 25.22 -27.13 27.76
C VAL D 203 25.88 -27.97 26.69
N ASP D 204 26.05 -29.25 26.96
CA ASP D 204 26.67 -30.14 25.99
C ASP D 204 25.61 -30.82 25.13
N PRO D 205 25.92 -31.03 23.86
CA PRO D 205 24.97 -31.69 22.96
C PRO D 205 24.61 -33.07 23.46
N PRO D 206 23.44 -33.58 23.09
CA PRO D 206 23.03 -34.92 23.54
C PRO D 206 24.02 -35.97 23.10
N GLU D 207 24.21 -36.97 23.97
CA GLU D 207 25.15 -38.06 23.68
C GLU D 207 24.77 -38.76 22.39
N ARG D 208 23.67 -39.50 22.39
CA ARG D 208 23.13 -40.19 21.23
C ARG D 208 24.17 -41.01 20.48
N SER D 224 21.99 -29.98 31.35
CA SER D 224 21.25 -30.69 32.39
C SER D 224 20.83 -29.74 33.50
N SER D 225 21.73 -28.83 33.86
CA SER D 225 21.49 -27.87 34.94
C SER D 225 21.04 -26.51 34.43
N TYR D 226 20.72 -26.39 33.14
CA TYR D 226 20.22 -25.13 32.62
C TYR D 226 18.87 -24.75 33.21
N LYS D 227 18.08 -25.74 33.64
CA LYS D 227 16.76 -25.45 34.20
C LYS D 227 16.86 -24.62 35.47
N ASN D 228 17.88 -24.86 36.28
CA ASN D 228 18.09 -24.10 37.52
C ASN D 228 18.81 -22.80 37.20
N LEU D 229 18.07 -21.87 36.60
CA LEU D 229 18.63 -20.59 36.15
C LEU D 229 17.75 -19.46 36.67
N THR D 230 18.29 -18.66 37.57
CA THR D 230 17.66 -17.40 37.94
C THR D 230 18.07 -16.32 36.94
N LEU D 231 17.29 -15.24 36.90
CA LEU D 231 17.49 -14.23 35.88
C LEU D 231 17.88 -12.86 36.41
N LYS D 232 17.49 -12.49 37.63
CA LYS D 232 17.80 -11.17 38.20
C LYS D 232 17.26 -10.06 37.29
N PHE D 233 15.93 -10.02 37.19
CA PHE D 233 15.27 -9.15 36.22
C PHE D 233 15.53 -7.67 36.52
N HIS D 234 15.79 -7.32 37.77
CA HIS D 234 16.04 -5.91 38.10
C HIS D 234 17.39 -5.45 37.59
N LYS D 235 18.39 -6.34 37.56
CA LYS D 235 19.73 -6.00 37.08
C LYS D 235 19.95 -6.41 35.63
N LEU D 236 18.97 -7.02 34.98
CA LEU D 236 19.19 -7.65 33.68
C LEU D 236 19.52 -6.62 32.61
N VAL D 237 20.50 -6.95 31.79
CA VAL D 237 20.80 -6.21 30.56
C VAL D 237 20.36 -6.99 29.33
N ASN D 238 20.79 -8.25 29.21
CA ASN D 238 20.26 -9.11 28.16
C ASN D 238 20.53 -10.57 28.49
N VAL D 239 19.91 -11.44 27.69
CA VAL D 239 20.17 -12.88 27.74
C VAL D 239 20.49 -13.33 26.32
N THR D 240 21.55 -14.12 26.17
CA THR D 240 21.96 -14.58 24.84
C THR D 240 22.18 -16.08 24.84
N ILE D 241 21.77 -16.72 23.74
CA ILE D 241 22.00 -18.14 23.52
C ILE D 241 22.85 -18.27 22.25
N HIS D 242 24.01 -18.91 22.39
CA HIS D 242 24.93 -19.08 21.28
C HIS D 242 25.11 -20.56 20.98
N PHE D 243 25.01 -20.93 19.70
CA PHE D 243 25.40 -22.27 19.30
C PHE D 243 25.73 -22.29 17.82
N ARG D 244 26.17 -23.45 17.32
CA ARG D 244 26.50 -23.63 15.92
C ARG D 244 25.93 -24.94 15.41
N LEU D 245 25.70 -25.00 14.10
CA LEU D 245 25.13 -26.19 13.45
C LEU D 245 25.79 -26.35 12.09
N LYS D 246 26.36 -27.53 11.83
CA LYS D 246 26.96 -27.82 10.54
C LYS D 246 25.98 -28.53 9.62
N THR D 247 25.95 -28.12 8.36
CA THR D 247 25.05 -28.71 7.39
C THR D 247 25.72 -28.79 6.03
N ILE D 248 25.12 -29.56 5.13
CA ILE D 248 25.60 -29.75 3.77
C ILE D 248 24.61 -29.13 2.81
N ASN D 249 25.10 -28.24 1.95
CA ASN D 249 24.27 -27.61 0.93
C ASN D 249 24.09 -28.59 -0.22
N LEU D 250 22.90 -29.16 -0.34
CA LEU D 250 22.59 -30.11 -1.40
C LEU D 250 21.95 -29.46 -2.62
N GLN D 251 21.72 -28.14 -2.59
CA GLN D 251 21.13 -27.46 -3.74
C GLN D 251 22.07 -27.37 -4.94
N SER D 252 23.36 -27.66 -4.75
CA SER D 252 24.31 -27.51 -5.84
C SER D 252 23.99 -28.44 -7.00
N LEU D 253 23.51 -29.65 -6.69
CA LEU D 253 23.26 -30.65 -7.72
C LEU D 253 22.35 -30.11 -8.82
N ILE D 254 21.42 -29.23 -8.45
CA ILE D 254 20.60 -28.55 -9.45
C ILE D 254 21.48 -27.74 -10.39
N ASN D 255 22.47 -27.03 -9.84
CA ASN D 255 23.39 -26.22 -10.62
C ASN D 255 24.64 -27.00 -11.05
N ASN D 256 24.61 -28.33 -10.90
CA ASN D 256 25.72 -29.21 -11.29
C ASN D 256 27.02 -28.87 -10.58
N GLU D 257 26.95 -28.23 -9.41
CA GLU D 257 28.13 -27.98 -8.61
C GLU D 257 28.38 -29.14 -7.65
N ILE D 258 29.52 -29.10 -6.98
CA ILE D 258 29.82 -30.05 -5.91
C ILE D 258 29.16 -29.54 -4.63
N PRO D 259 28.31 -30.34 -3.97
CA PRO D 259 27.55 -29.85 -2.81
C PRO D 259 28.38 -29.02 -1.84
N ASP D 260 27.93 -27.78 -1.65
CA ASP D 260 28.62 -26.83 -0.80
C ASP D 260 28.36 -27.22 0.65
N CYS D 261 28.86 -26.42 1.59
CA CYS D 261 29.10 -27.00 2.92
C CYS D 261 29.15 -25.88 3.93
N TYR D 262 28.16 -25.82 4.83
CA TYR D 262 27.93 -24.64 5.65
C TYR D 262 28.07 -24.96 7.14
N THR D 263 28.32 -23.90 7.89
CA THR D 263 28.27 -23.90 9.34
C THR D 263 27.59 -22.62 9.79
N PHE D 264 26.44 -22.75 10.44
CA PHE D 264 25.64 -21.62 10.86
C PHE D 264 25.88 -21.36 12.34
N SER D 265 26.27 -20.14 12.67
CA SER D 265 26.36 -19.69 14.05
C SER D 265 25.08 -18.95 14.36
N VAL D 266 24.33 -19.43 15.35
CA VAL D 266 23.02 -18.93 15.70
C VAL D 266 23.12 -18.25 17.06
N LEU D 267 22.61 -17.03 17.14
CA LEU D 267 22.56 -16.24 18.35
C LEU D 267 21.14 -15.76 18.57
N ILE D 268 20.57 -16.14 19.72
CA ILE D 268 19.22 -15.71 20.11
C ILE D 268 19.38 -14.71 21.24
N THR D 269 18.87 -13.50 21.05
CA THR D 269 19.01 -12.44 22.04
C THR D 269 17.64 -12.02 22.57
N PHE D 270 17.50 -12.05 23.89
CA PHE D 270 16.41 -11.41 24.61
C PHE D 270 16.97 -10.12 25.19
N ASP D 271 16.58 -9.00 24.59
CA ASP D 271 17.22 -7.70 24.86
C ASP D 271 16.39 -6.90 25.85
N ASN D 272 17.00 -6.56 26.99
CA ASN D 272 16.36 -5.76 28.03
C ASN D 272 17.11 -4.45 28.24
N LYS D 273 17.63 -3.86 27.16
CA LYS D 273 18.37 -2.61 27.28
C LYS D 273 17.47 -1.46 27.72
N ALA D 274 16.24 -1.42 27.22
CA ALA D 274 15.34 -0.31 27.53
C ALA D 274 14.79 -0.35 28.94
N HIS D 275 14.75 -1.52 29.57
CA HIS D 275 14.18 -1.70 30.91
C HIS D 275 12.75 -1.15 30.97
N SER D 276 12.00 -1.35 29.89
CA SER D 276 10.67 -0.79 29.75
C SER D 276 9.56 -1.82 29.98
N GLY D 277 9.90 -3.01 30.44
CA GLY D 277 8.92 -4.06 30.62
C GLY D 277 8.63 -4.89 29.39
N ARG D 278 9.24 -4.55 28.26
CA ARG D 278 9.06 -5.29 27.01
C ARG D 278 10.43 -5.74 26.54
N ILE D 279 10.63 -7.05 26.46
CA ILE D 279 11.93 -7.61 26.10
C ILE D 279 11.84 -8.21 24.69
N PRO D 280 12.34 -7.52 23.66
CA PRO D 280 12.34 -8.10 22.32
C PRO D 280 13.19 -9.36 22.25
N ILE D 281 12.74 -10.32 21.44
CA ILE D 281 13.42 -11.58 21.23
C ILE D 281 13.71 -11.70 19.74
N SER D 282 14.97 -11.99 19.41
CA SER D 282 15.34 -12.11 18.00
C SER D 282 16.38 -13.21 17.83
N LEU D 283 16.49 -13.71 16.60
CA LEU D 283 17.43 -14.75 16.24
C LEU D 283 18.22 -14.30 15.01
N GLU D 284 19.54 -14.34 15.10
CA GLU D 284 20.41 -13.98 14.01
C GLU D 284 21.37 -15.13 13.71
N THR D 285 21.83 -15.19 12.46
CA THR D 285 22.71 -16.26 12.01
C THR D 285 23.87 -15.69 11.22
N GLN D 286 24.96 -16.45 11.20
CA GLN D 286 26.13 -16.13 10.39
C GLN D 286 26.70 -17.43 9.82
N ALA D 287 26.77 -17.52 8.50
CA ALA D 287 27.24 -18.73 7.84
C ALA D 287 28.72 -18.60 7.47
N HIS D 288 29.42 -19.72 7.53
CA HIS D 288 30.84 -19.81 7.20
C HIS D 288 31.01 -20.92 6.17
N ILE D 289 30.96 -20.56 4.90
CA ILE D 289 31.05 -21.55 3.83
C ILE D 289 32.48 -22.04 3.71
N GLN D 290 32.65 -23.36 3.65
CA GLN D 290 33.97 -23.94 3.52
C GLN D 290 33.85 -25.29 2.82
N GLU D 291 34.83 -25.60 1.96
CA GLU D 291 34.86 -26.91 1.32
C GLU D 291 35.05 -28.01 2.37
N CYS D 292 34.17 -29.00 2.33
CA CYS D 292 34.31 -30.11 3.26
C CYS D 292 35.12 -31.27 2.67
N LYS D 293 35.42 -32.23 3.54
CA LYS D 293 36.62 -33.04 3.42
C LYS D 293 36.60 -33.93 2.18
N HIS D 294 35.63 -34.83 2.08
CA HIS D 294 35.61 -35.86 1.05
C HIS D 294 34.30 -35.82 0.28
N PRO D 295 34.24 -35.08 -0.83
CA PRO D 295 33.01 -35.04 -1.63
C PRO D 295 32.92 -36.15 -2.67
N SER D 296 32.49 -37.35 -2.26
CA SER D 296 32.43 -38.48 -3.18
C SER D 296 31.18 -38.45 -4.05
N VAL D 297 30.96 -37.33 -4.74
CA VAL D 297 29.80 -37.18 -5.60
C VAL D 297 30.07 -37.79 -6.97
N PHE D 298 29.01 -38.29 -7.61
CA PHE D 298 29.10 -38.88 -8.94
C PHE D 298 29.03 -37.81 -10.01
N GLN D 299 29.91 -37.93 -11.02
CA GLN D 299 29.98 -37.07 -12.19
C GLN D 299 30.55 -35.70 -11.84
N HIS D 300 30.79 -35.46 -10.54
CA HIS D 300 31.44 -34.25 -10.04
C HIS D 300 30.87 -32.96 -10.64
N SER D 304 35.57 -25.94 -15.02
CA SER D 304 36.57 -25.65 -16.03
C SER D 304 36.07 -24.60 -17.01
N PHE D 305 34.87 -24.07 -16.75
CA PHE D 305 34.29 -23.01 -17.56
C PHE D 305 34.27 -21.66 -16.87
N ARG D 306 33.90 -21.62 -15.59
CA ARG D 306 33.95 -20.36 -14.85
C ARG D 306 35.38 -19.87 -14.70
N LEU D 307 36.32 -20.76 -14.40
CA LEU D 307 37.71 -20.36 -14.19
C LEU D 307 38.30 -19.78 -15.47
N LEU D 308 38.01 -20.40 -16.62
CA LEU D 308 38.48 -19.86 -17.89
C LEU D 308 37.76 -18.56 -18.24
N PHE D 309 36.50 -18.41 -17.85
CA PHE D 309 35.76 -17.20 -18.21
C PHE D 309 36.33 -15.97 -17.52
N ASP D 310 36.68 -16.07 -16.23
CA ASP D 310 37.17 -14.90 -15.53
C ASP D 310 38.54 -14.45 -16.06
N VAL D 311 39.41 -15.39 -16.43
CA VAL D 311 40.70 -14.99 -17.00
C VAL D 311 40.49 -14.35 -18.38
N VAL D 312 39.45 -14.77 -19.10
CA VAL D 312 39.10 -14.08 -20.35
C VAL D 312 38.69 -12.64 -20.06
N VAL D 313 37.91 -12.43 -19.00
CA VAL D 313 37.54 -11.08 -18.59
C VAL D 313 38.80 -10.28 -18.25
N ILE D 314 39.74 -10.91 -17.54
CA ILE D 314 40.98 -10.23 -17.15
C ILE D 314 41.75 -9.79 -18.40
N LEU D 315 41.91 -10.70 -19.36
CA LEU D 315 42.64 -10.39 -20.58
C LEU D 315 42.01 -9.22 -21.32
N THR D 316 40.69 -9.29 -21.54
CA THR D 316 40.00 -8.23 -22.29
C THR D 316 40.10 -6.90 -21.57
N CYS D 317 39.87 -6.89 -20.26
CA CYS D 317 39.93 -5.65 -19.50
C CYS D 317 41.35 -5.10 -19.43
N SER D 318 42.35 -5.97 -19.31
CA SER D 318 43.74 -5.53 -19.35
C SER D 318 44.07 -4.91 -20.70
N LEU D 319 43.56 -5.50 -21.79
CA LEU D 319 43.77 -4.94 -23.12
C LEU D 319 43.21 -3.52 -23.21
N SER D 320 41.99 -3.33 -22.72
CA SER D 320 41.37 -2.01 -22.75
C SER D 320 42.17 -1.00 -21.96
N PHE D 321 42.66 -1.40 -20.78
CA PHE D 321 43.50 -0.52 -19.97
C PHE D 321 44.70 -0.03 -20.75
N LEU D 322 45.41 -0.95 -21.41
CA LEU D 322 46.58 -0.57 -22.20
C LEU D 322 46.20 0.37 -23.33
N LEU D 323 45.13 0.05 -24.07
CA LEU D 323 44.73 0.90 -25.19
C LEU D 323 44.28 2.27 -24.73
N CYS D 324 43.49 2.33 -23.66
CA CYS D 324 43.01 3.62 -23.16
C CYS D 324 44.16 4.44 -22.57
N ALA D 325 45.10 3.78 -21.90
CA ALA D 325 46.27 4.49 -21.38
C ALA D 325 47.12 5.05 -22.50
N ARG D 326 47.25 4.31 -23.61
CA ARG D 326 47.95 4.83 -24.78
C ARG D 326 47.26 6.08 -25.32
N SER D 327 45.92 6.04 -25.39
CA SER D 327 45.17 7.21 -25.85
C SER D 327 45.35 8.38 -24.90
N LEU D 328 45.32 8.12 -23.59
CA LEU D 328 45.51 9.17 -22.60
C LEU D 328 46.88 9.82 -22.76
N LEU D 329 47.92 9.01 -22.93
CA LEU D 329 49.26 9.55 -23.06
C LEU D 329 49.41 10.37 -24.35
N ARG D 330 48.92 9.83 -25.47
CA ARG D 330 49.04 10.55 -26.74
C ARG D 330 48.29 11.87 -26.71
N GLY D 331 47.08 11.86 -26.13
CA GLY D 331 46.35 13.11 -25.98
C GLY D 331 47.05 14.10 -25.09
N PHE D 332 47.69 13.62 -24.02
CA PHE D 332 48.39 14.52 -23.10
C PHE D 332 49.64 15.11 -23.75
N LEU D 333 50.33 14.34 -24.59
CA LEU D 333 51.47 14.88 -25.32
C LEU D 333 51.04 15.99 -26.28
N LEU D 334 49.95 15.76 -27.01
CA LEU D 334 49.42 16.79 -27.90
C LEU D 334 48.97 18.01 -27.10
N GLN D 335 48.37 17.80 -25.94
CA GLN D 335 48.00 18.92 -25.08
C GLN D 335 49.24 19.66 -24.59
N ASN D 336 50.31 18.94 -24.27
CA ASN D 336 51.52 19.58 -23.77
C ASN D 336 52.10 20.55 -24.79
N GLU D 337 52.12 20.15 -26.06
CA GLU D 337 52.56 21.07 -27.12
C GLU D 337 51.60 22.25 -27.24
N PHE D 338 50.29 21.98 -27.14
CA PHE D 338 49.30 23.04 -27.24
C PHE D 338 49.48 24.08 -26.14
N VAL D 339 50.01 23.67 -24.98
CA VAL D 339 50.23 24.61 -23.88
C VAL D 339 51.15 25.74 -24.32
N GLY D 340 52.29 25.38 -24.90
CA GLY D 340 53.20 26.39 -25.43
C GLY D 340 52.61 27.12 -26.63
N PHE D 341 51.91 26.39 -27.50
CA PHE D 341 51.29 26.99 -28.68
C PHE D 341 50.31 28.10 -28.29
N MET D 342 49.40 27.81 -27.36
CA MET D 342 48.45 28.82 -26.93
C MET D 342 49.10 29.87 -26.04
N TRP D 343 50.19 29.51 -25.36
CA TRP D 343 50.94 30.47 -24.55
C TRP D 343 51.43 31.65 -25.37
N GLU D 354 38.44 25.51 -20.47
CA GLU D 354 38.35 24.61 -21.61
C GLU D 354 39.73 24.10 -22.02
N ARG D 355 40.76 24.91 -21.75
CA ARG D 355 42.13 24.49 -22.04
C ARG D 355 42.55 23.35 -21.12
N LEU D 356 41.98 23.27 -19.91
CA LEU D 356 42.27 22.18 -19.01
C LEU D 356 41.57 20.88 -19.41
N GLU D 357 40.62 20.95 -20.34
CA GLU D 357 39.87 19.79 -20.80
C GLU D 357 40.24 19.52 -22.26
N PHE D 358 41.31 18.74 -22.44
CA PHE D 358 41.71 18.26 -23.75
C PHE D 358 41.64 16.75 -23.86
N VAL D 359 41.13 16.07 -22.82
CA VAL D 359 41.00 14.63 -22.81
C VAL D 359 39.53 14.28 -22.66
N ASN D 360 39.08 13.27 -23.42
CA ASN D 360 37.69 12.84 -23.35
C ASN D 360 37.49 11.97 -22.12
N GLY D 361 36.47 12.31 -21.32
CA GLY D 361 36.15 11.53 -20.14
C GLY D 361 35.71 10.11 -20.43
N TRP D 362 35.45 9.78 -21.70
CA TRP D 362 35.05 8.43 -22.06
C TRP D 362 36.17 7.44 -21.75
N TYR D 363 37.42 7.81 -22.04
CA TYR D 363 38.54 6.92 -21.73
C TYR D 363 38.76 6.79 -20.23
N ILE D 364 38.53 7.86 -19.48
CA ILE D 364 38.60 7.76 -18.02
C ILE D 364 37.53 6.81 -17.49
N LEU D 365 36.32 6.91 -18.03
CA LEU D 365 35.25 6.02 -17.64
C LEU D 365 35.60 4.57 -17.96
N LEU D 366 36.16 4.33 -19.14
CA LEU D 366 36.54 2.97 -19.53
C LEU D 366 37.66 2.45 -18.64
N VAL D 367 38.64 3.29 -18.31
CA VAL D 367 39.73 2.88 -17.42
C VAL D 367 39.18 2.48 -16.06
N THR D 368 38.27 3.29 -15.51
CA THR D 368 37.66 2.95 -14.23
C THR D 368 36.89 1.64 -14.33
N SER D 369 36.17 1.44 -15.44
CA SER D 369 35.42 0.20 -15.64
C SER D 369 36.35 -1.00 -15.62
N ASP D 370 37.47 -0.91 -16.35
CA ASP D 370 38.43 -2.01 -16.38
C ASP D 370 39.01 -2.28 -14.99
N VAL D 371 39.38 -1.22 -14.28
CA VAL D 371 39.96 -1.40 -12.94
C VAL D 371 38.97 -2.11 -12.03
N LEU D 372 37.70 -1.67 -12.04
CA LEU D 372 36.71 -2.28 -11.16
C LEU D 372 36.37 -3.70 -11.60
N THR D 373 36.36 -3.97 -12.90
CA THR D 373 36.08 -5.33 -13.36
C THR D 373 37.20 -6.29 -12.99
N ILE D 374 38.45 -5.83 -13.07
CA ILE D 374 39.56 -6.71 -12.71
C ILE D 374 39.58 -6.97 -11.21
N SER D 375 39.38 -5.92 -10.40
CA SER D 375 39.32 -6.13 -8.96
C SER D 375 38.17 -7.05 -8.58
N GLY D 376 36.99 -6.83 -9.16
CA GLY D 376 35.84 -7.66 -8.85
C GLY D 376 36.03 -9.10 -9.29
N THR D 377 36.65 -9.32 -10.45
CA THR D 377 36.83 -10.69 -10.92
C THR D 377 37.91 -11.42 -10.12
N ILE D 378 38.94 -10.73 -9.66
CA ILE D 378 39.91 -11.37 -8.76
C ILE D 378 39.23 -11.74 -7.45
N MET D 379 38.42 -10.83 -6.91
CA MET D 379 37.69 -11.11 -5.68
C MET D 379 36.73 -12.28 -5.85
N LYS D 380 36.08 -12.35 -7.01
CA LYS D 380 35.17 -13.47 -7.29
C LYS D 380 35.92 -14.78 -7.48
N ILE D 381 37.13 -14.73 -8.06
CA ILE D 381 37.97 -15.93 -8.13
C ILE D 381 38.22 -16.44 -6.72
N GLY D 382 38.60 -15.53 -5.82
CA GLY D 382 38.84 -15.94 -4.44
C GLY D 382 37.60 -16.46 -3.76
N ILE D 383 36.45 -15.83 -4.02
CA ILE D 383 35.20 -16.26 -3.40
C ILE D 383 34.83 -17.66 -3.85
N GLU D 384 34.92 -17.93 -5.16
CA GLU D 384 34.61 -19.26 -5.67
C GLU D 384 35.60 -20.29 -5.15
N ALA D 385 36.88 -19.91 -5.00
CA ALA D 385 37.85 -20.81 -4.43
C ALA D 385 37.67 -21.03 -2.93
N LYS D 386 36.81 -20.24 -2.29
CA LYS D 386 36.47 -20.29 -0.85
C LYS D 386 37.57 -19.74 0.04
N ASN D 387 38.61 -19.12 -0.52
CA ASN D 387 39.69 -18.58 0.30
C ASN D 387 39.30 -17.30 1.03
N LEU D 388 38.31 -16.56 0.53
CA LEU D 388 37.79 -15.40 1.23
C LEU D 388 36.28 -15.35 1.04
N ALA D 389 35.60 -14.76 2.03
CA ALA D 389 34.14 -14.70 2.06
C ALA D 389 33.70 -13.25 2.31
N SER D 390 33.57 -12.49 1.22
CA SER D 390 33.03 -11.13 1.30
C SER D 390 32.32 -10.86 -0.02
N TYR D 391 31.01 -11.10 -0.04
CA TYR D 391 30.20 -11.01 -1.24
C TYR D 391 29.59 -9.63 -1.43
N ASP D 392 29.90 -8.67 -0.57
CA ASP D 392 29.40 -7.32 -0.71
C ASP D 392 30.27 -6.47 -1.61
N VAL D 393 31.58 -6.47 -1.37
CA VAL D 393 32.50 -5.67 -2.17
C VAL D 393 32.53 -6.16 -3.62
N CYS D 394 32.61 -7.48 -3.81
CA CYS D 394 32.73 -8.02 -5.17
C CYS D 394 31.50 -7.71 -6.01
N SER D 395 30.31 -7.89 -5.44
CA SER D 395 29.08 -7.61 -6.17
C SER D 395 28.96 -6.13 -6.51
N ILE D 396 29.32 -5.26 -5.56
CA ILE D 396 29.27 -3.82 -5.82
C ILE D 396 30.22 -3.44 -6.95
N LEU D 397 31.44 -3.97 -6.90
CA LEU D 397 32.42 -3.68 -7.95
C LEU D 397 31.92 -4.14 -9.31
N LEU D 398 31.40 -5.37 -9.38
CA LEU D 398 30.94 -5.91 -10.65
C LEU D 398 29.76 -5.12 -11.19
N GLY D 399 28.81 -4.74 -10.33
CA GLY D 399 27.67 -3.97 -10.79
C GLY D 399 28.05 -2.58 -11.29
N THR D 400 28.93 -1.90 -10.55
CA THR D 400 29.39 -0.59 -11.01
C THR D 400 30.14 -0.71 -12.33
N SER D 401 30.94 -1.76 -12.48
CA SER D 401 31.63 -1.99 -13.74
C SER D 401 30.65 -2.19 -14.89
N THR D 402 29.61 -2.99 -14.66
CA THR D 402 28.62 -3.25 -15.70
C THR D 402 27.90 -1.97 -16.11
N LEU D 403 27.51 -1.14 -15.13
CA LEU D 403 26.82 0.10 -15.44
C LEU D 403 27.73 1.06 -16.24
N LEU D 404 28.96 1.25 -15.76
CA LEU D 404 29.89 2.12 -16.45
C LEU D 404 30.28 1.57 -17.82
N VAL D 405 30.13 0.27 -18.04
CA VAL D 405 30.36 -0.30 -19.36
C VAL D 405 29.17 -0.08 -20.28
N TRP D 406 27.95 -0.11 -19.74
CA TRP D 406 26.77 0.15 -20.55
C TRP D 406 26.58 1.62 -20.87
N VAL D 407 27.35 2.52 -20.23
CA VAL D 407 27.38 3.91 -20.69
C VAL D 407 28.27 4.09 -21.93
N GLY D 408 29.16 3.15 -22.22
CA GLY D 408 29.91 3.21 -23.45
C GLY D 408 29.06 3.03 -24.69
N VAL D 409 27.88 2.43 -24.55
CA VAL D 409 26.96 2.36 -25.69
C VAL D 409 26.46 3.75 -26.03
N ILE D 410 26.18 4.58 -25.02
CA ILE D 410 25.88 5.99 -25.29
C ILE D 410 27.06 6.67 -25.96
N ARG D 411 28.28 6.36 -25.50
CA ARG D 411 29.46 6.90 -26.18
C ARG D 411 29.39 6.61 -27.68
N TYR D 412 29.16 5.34 -28.03
CA TYR D 412 29.08 4.96 -29.44
C TYR D 412 27.85 5.52 -30.15
N LEU D 413 26.80 5.86 -29.41
CA LEU D 413 25.64 6.48 -30.04
C LEU D 413 25.89 7.94 -30.40
N THR D 414 26.67 8.66 -29.57
CA THR D 414 27.02 10.06 -29.85
C THR D 414 27.43 10.29 -31.30
N PHE D 415 28.16 9.34 -31.88
CA PHE D 415 28.71 9.49 -33.23
C PHE D 415 27.69 10.04 -34.23
N PHE D 416 26.53 9.40 -34.31
CA PHE D 416 25.50 9.84 -35.25
C PHE D 416 24.95 11.20 -34.85
N HIS D 417 24.67 12.03 -35.86
CA HIS D 417 24.26 13.42 -35.62
C HIS D 417 22.95 13.48 -34.84
N ASN D 418 21.98 12.66 -35.23
CA ASN D 418 20.65 12.71 -34.63
C ASN D 418 20.71 12.49 -33.12
N TYR D 419 21.42 11.45 -32.68
CA TYR D 419 21.59 11.22 -31.25
C TYR D 419 22.46 12.31 -30.62
N ASN D 420 23.43 12.82 -31.37
CA ASN D 420 24.36 13.81 -30.84
C ASN D 420 23.64 15.10 -30.47
N ILE D 421 22.64 15.50 -31.26
CA ILE D 421 21.92 16.74 -30.96
C ILE D 421 21.21 16.63 -29.60
N LEU D 422 20.53 15.51 -29.38
CA LEU D 422 19.83 15.32 -28.11
C LEU D 422 20.83 15.23 -26.95
N ILE D 423 21.95 14.53 -27.15
CA ILE D 423 22.95 14.42 -26.10
C ILE D 423 23.52 15.79 -25.74
N ALA D 424 23.76 16.63 -26.76
CA ALA D 424 24.23 17.98 -26.51
C ALA D 424 23.20 18.80 -25.76
N THR D 425 21.92 18.60 -26.07
CA THR D 425 20.87 19.29 -25.32
C THR D 425 20.90 18.89 -23.85
N LEU D 426 21.04 17.59 -23.57
CA LEU D 426 21.18 17.13 -22.20
C LEU D 426 22.36 17.81 -21.50
N ARG D 427 23.51 17.82 -22.19
CA ARG D 427 24.73 18.35 -21.59
C ARG D 427 24.61 19.84 -21.30
N VAL D 428 23.96 20.59 -22.19
CA VAL D 428 23.81 22.02 -21.96
C VAL D 428 22.75 22.29 -20.90
N ALA D 429 21.78 21.38 -20.72
CA ALA D 429 20.77 21.59 -19.69
C ALA D 429 21.30 21.29 -18.28
N LEU D 430 22.31 20.43 -18.17
CA LEU D 430 22.81 20.02 -16.85
C LEU D 430 23.18 21.16 -15.89
N PRO D 431 23.97 22.17 -16.27
CA PRO D 431 24.47 23.11 -15.26
C PRO D 431 23.40 23.89 -14.53
N SER D 432 22.38 24.39 -15.25
CA SER D 432 21.30 25.11 -14.58
C SER D 432 20.53 24.18 -13.65
N VAL D 433 20.42 22.90 -14.00
CA VAL D 433 19.77 21.93 -13.11
C VAL D 433 20.55 21.82 -11.80
N MET D 434 21.88 21.71 -11.88
CA MET D 434 22.68 21.67 -10.66
C MET D 434 22.53 22.95 -9.85
N ARG D 435 22.53 24.10 -10.54
CA ARG D 435 22.44 25.39 -9.87
C ARG D 435 21.12 25.53 -9.11
N PHE D 436 20.02 25.10 -9.72
CA PHE D 436 18.73 25.09 -9.03
C PHE D 436 18.74 24.07 -7.90
N CYS D 437 19.41 22.93 -8.11
CA CYS D 437 19.45 21.88 -7.11
C CYS D 437 20.11 22.36 -5.83
N CYS D 438 21.06 23.29 -5.92
CA CYS D 438 21.68 23.82 -4.71
C CYS D 438 20.65 24.50 -3.79
N CYS D 439 19.88 25.45 -4.34
CA CYS D 439 18.89 26.16 -3.54
C CYS D 439 17.77 25.24 -3.07
N ALA D 440 17.27 24.39 -3.97
CA ALA D 440 16.28 23.41 -3.56
C ALA D 440 16.81 22.51 -2.46
N GLY D 441 18.10 22.20 -2.49
CA GLY D 441 18.69 21.37 -1.47
C GLY D 441 18.75 22.04 -0.11
N VAL D 442 19.09 23.34 -0.10
CA VAL D 442 19.13 23.98 1.22
C VAL D 442 17.73 24.12 1.80
N ILE D 443 16.71 24.41 0.95
CA ILE D 443 15.35 24.40 1.48
C ILE D 443 14.94 22.99 1.94
N TYR D 444 15.41 21.96 1.24
CA TYR D 444 15.03 20.60 1.55
C TYR D 444 15.67 20.13 2.86
N LEU D 445 16.94 20.49 3.06
CA LEU D 445 17.62 20.22 4.34
C LEU D 445 16.92 20.92 5.49
N GLY D 446 16.54 22.20 5.31
CA GLY D 446 15.81 22.88 6.37
C GLY D 446 14.51 22.17 6.71
N TYR D 447 13.74 21.78 5.69
CA TYR D 447 12.49 21.07 5.92
C TYR D 447 12.73 19.72 6.58
N CYS D 448 13.81 19.03 6.20
CA CYS D 448 14.12 17.74 6.80
C CYS D 448 14.40 17.88 8.29
N PHE D 449 15.21 18.87 8.66
CA PHE D 449 15.52 19.08 10.07
C PHE D 449 14.26 19.43 10.85
N CYS D 450 13.43 20.32 10.31
CA CYS D 450 12.21 20.70 11.01
C CYS D 450 11.28 19.50 11.19
N GLY D 451 11.09 18.72 10.13
CA GLY D 451 10.21 17.56 10.22
C GLY D 451 10.71 16.52 11.19
N TRP D 452 12.02 16.26 11.18
CA TRP D 452 12.57 15.29 12.12
C TRP D 452 12.40 15.75 13.55
N ILE D 453 12.66 17.02 13.82
CA ILE D 453 12.61 17.50 15.20
C ILE D 453 11.17 17.57 15.70
N VAL D 454 10.21 17.86 14.83
CA VAL D 454 8.83 18.04 15.31
C VAL D 454 8.03 16.75 15.26
N LEU D 455 8.01 16.06 14.11
CA LEU D 455 7.16 14.89 13.92
C LEU D 455 7.86 13.58 14.25
N GLY D 456 9.09 13.62 14.73
CA GLY D 456 9.81 12.42 15.10
C GLY D 456 9.15 11.61 16.20
N PRO D 457 8.77 12.26 17.31
CA PRO D 457 8.10 11.51 18.38
C PRO D 457 6.79 10.87 17.98
N TYR D 458 6.02 11.49 17.07
CA TYR D 458 4.66 11.05 16.79
C TYR D 458 4.51 10.25 15.51
N HIS D 459 5.29 10.55 14.48
CA HIS D 459 5.10 9.95 13.16
C HIS D 459 6.10 8.82 12.95
N VAL D 460 5.61 7.69 12.46
CA VAL D 460 6.46 6.52 12.26
C VAL D 460 7.44 6.72 11.11
N LYS D 461 7.14 7.63 10.19
CA LYS D 461 7.97 7.84 9.02
C LYS D 461 9.04 8.89 9.23
N PHE D 462 9.16 9.45 10.43
CA PHE D 462 10.10 10.52 10.73
C PHE D 462 11.01 10.15 11.89
N ARG D 463 11.38 8.87 11.98
CA ARG D 463 12.17 8.41 13.12
C ARG D 463 13.64 8.83 13.02
N SER D 464 14.22 8.80 11.83
CA SER D 464 15.61 9.16 11.63
C SER D 464 15.72 10.16 10.49
N LEU D 465 16.87 10.84 10.45
CA LEU D 465 17.09 11.86 9.42
C LEU D 465 17.07 11.25 8.03
N SER D 466 17.68 10.06 7.87
CA SER D 466 17.63 9.39 6.57
C SER D 466 16.21 9.01 6.20
N MET D 467 15.42 8.53 7.18
CA MET D 467 14.02 8.22 6.92
C MET D 467 13.25 9.47 6.54
N VAL D 468 13.52 10.59 7.22
CA VAL D 468 12.84 11.84 6.89
C VAL D 468 13.18 12.27 5.47
N SER D 469 14.45 12.18 5.09
CA SER D 469 14.85 12.54 3.74
C SER D 469 14.19 11.64 2.70
N GLU D 470 14.13 10.33 2.97
CA GLU D 470 13.47 9.41 2.06
C GLU D 470 11.99 9.73 1.92
N CYS D 471 11.32 10.02 3.05
CA CYS D 471 9.91 10.35 3.02
C CYS D 471 9.65 11.62 2.21
N LEU D 472 10.48 12.65 2.41
CA LEU D 472 10.30 13.89 1.68
C LEU D 472 10.58 13.70 0.19
N PHE D 473 11.62 12.94 -0.15
CA PHE D 473 11.94 12.70 -1.55
C PHE D 473 10.82 11.94 -2.25
N SER D 474 10.26 10.92 -1.59
CA SER D 474 9.13 10.19 -2.17
C SER D 474 7.88 11.06 -2.22
N LEU D 475 7.73 11.99 -1.29
CA LEU D 475 6.59 12.89 -1.28
C LEU D 475 6.67 13.90 -2.42
N ILE D 476 7.87 14.31 -2.81
CA ILE D 476 8.03 15.20 -3.94
C ILE D 476 7.50 14.57 -5.22
N ASN D 477 7.79 13.29 -5.42
CA ASN D 477 7.38 12.58 -6.63
C ASN D 477 5.95 12.06 -6.55
N GLY D 478 5.25 12.28 -5.44
CA GLY D 478 3.85 11.87 -5.33
C GLY D 478 3.67 10.43 -4.90
N ASP D 479 4.31 10.05 -3.79
CA ASP D 479 4.20 8.70 -3.25
C ASP D 479 3.99 8.76 -1.75
N ASP D 480 3.07 7.93 -1.26
CA ASP D 480 2.83 7.78 0.18
C ASP D 480 2.38 9.08 0.83
N MET D 481 1.70 9.94 0.07
CA MET D 481 1.19 11.19 0.63
C MET D 481 0.04 10.94 1.59
N PHE D 482 -0.94 10.14 1.17
CA PHE D 482 -2.12 9.94 2.01
C PHE D 482 -1.81 9.10 3.23
N VAL D 483 -0.84 8.17 3.13
CA VAL D 483 -0.48 7.40 4.32
C VAL D 483 0.18 8.30 5.35
N THR D 484 0.97 9.29 4.91
CA THR D 484 1.53 10.28 5.82
C THR D 484 0.42 11.09 6.49
N PHE D 485 -0.52 11.59 5.68
CA PHE D 485 -1.61 12.38 6.22
C PHE D 485 -2.45 11.58 7.21
N ALA D 486 -2.71 10.30 6.91
CA ALA D 486 -3.51 9.47 7.79
C ALA D 486 -2.77 9.10 9.06
N ALA D 487 -1.46 8.85 8.96
CA ALA D 487 -0.67 8.59 10.15
C ALA D 487 -0.66 9.80 11.07
N MET D 488 -0.66 11.01 10.51
CA MET D 488 -0.75 12.19 11.36
C MET D 488 -2.17 12.38 11.89
N GLN D 489 -3.19 12.03 11.10
CA GLN D 489 -4.58 12.14 11.56
C GLN D 489 -4.86 11.19 12.71
N ALA D 490 -4.15 10.06 12.78
CA ALA D 490 -4.38 9.10 13.84
C ALA D 490 -4.08 9.65 15.23
N GLN D 491 -3.37 10.78 15.30
CA GLN D 491 -3.02 11.41 16.57
C GLN D 491 -3.58 12.82 16.66
N GLN D 492 -4.79 13.03 16.15
CA GLN D 492 -5.42 14.33 16.24
C GLN D 492 -5.98 14.60 17.63
N GLY D 493 -6.38 13.55 18.35
CA GLY D 493 -6.95 13.75 19.67
C GLY D 493 -5.96 14.33 20.66
N ARG D 494 -4.71 13.88 20.61
CA ARG D 494 -3.67 14.38 21.49
C ARG D 494 -2.78 15.36 20.73
N SER D 495 -2.48 16.48 21.37
CA SER D 495 -1.62 17.53 20.81
C SER D 495 -2.16 18.01 19.45
N SER D 496 -3.33 18.65 19.51
CA SER D 496 -3.93 19.20 18.30
C SER D 496 -3.04 20.26 17.66
N LEU D 497 -2.23 20.95 18.47
CA LEU D 497 -1.28 21.92 17.92
C LEU D 497 -0.26 21.23 17.02
N VAL D 498 0.21 20.05 17.44
CA VAL D 498 1.13 19.28 16.62
C VAL D 498 0.48 18.86 15.32
N TRP D 499 -0.80 18.46 15.38
CA TRP D 499 -1.51 18.08 14.16
C TRP D 499 -1.66 19.26 13.20
N LEU D 500 -2.01 20.43 13.73
CA LEU D 500 -2.12 21.62 12.88
C LEU D 500 -0.77 21.98 12.26
N PHE D 501 0.30 21.92 13.04
CA PHE D 501 1.62 22.20 12.49
C PHE D 501 2.00 21.21 11.42
N SER D 502 1.68 19.92 11.62
CA SER D 502 1.96 18.91 10.62
C SER D 502 1.20 19.17 9.33
N GLN D 503 -0.08 19.56 9.44
CA GLN D 503 -0.86 19.90 8.26
C GLN D 503 -0.20 21.04 7.49
N LEU D 504 0.13 22.13 8.20
CA LEU D 504 0.75 23.27 7.54
C LEU D 504 2.08 22.88 6.91
N TYR D 505 2.89 22.10 7.63
CA TYR D 505 4.21 21.71 7.17
C TYR D 505 4.13 20.89 5.89
N LEU D 506 3.26 19.87 5.88
CA LEU D 506 3.16 19.00 4.72
C LEU D 506 2.61 19.75 3.52
N TYR D 507 1.52 20.51 3.72
CA TYR D 507 0.94 21.25 2.60
C TYR D 507 1.93 22.24 2.02
N SER D 508 2.63 22.99 2.89
CA SER D 508 3.59 23.98 2.42
C SER D 508 4.74 23.32 1.68
N PHE D 509 5.26 22.21 2.20
CA PHE D 509 6.37 21.53 1.53
C PHE D 509 5.96 21.08 0.12
N ILE D 510 4.82 20.39 0.02
CA ILE D 510 4.42 19.85 -1.27
C ILE D 510 4.16 20.96 -2.27
N SER D 511 3.36 21.97 -1.87
CA SER D 511 3.04 23.05 -2.79
C SER D 511 4.28 23.82 -3.20
N LEU D 512 5.14 24.15 -2.24
CA LEU D 512 6.34 24.91 -2.54
C LEU D 512 7.24 24.18 -3.51
N PHE D 513 7.45 22.87 -3.30
CA PHE D 513 8.39 22.17 -4.15
C PHE D 513 7.83 21.90 -5.55
N ILE D 514 6.53 21.62 -5.68
CA ILE D 514 6.00 21.46 -7.06
C ILE D 514 6.15 22.81 -7.79
N TYR D 515 5.83 23.91 -7.11
CA TYR D 515 5.93 25.26 -7.73
C TYR D 515 7.35 25.49 -8.21
N MET D 516 8.33 25.20 -7.37
CA MET D 516 9.75 25.47 -7.74
C MET D 516 10.10 24.65 -8.99
N VAL D 517 9.76 23.38 -9.13
CA VAL D 517 10.15 22.67 -10.38
C VAL D 517 9.63 23.40 -11.64
N LEU D 518 8.33 23.73 -11.65
CA LEU D 518 7.72 24.41 -12.82
C LEU D 518 8.43 25.74 -13.12
N SER D 519 8.77 26.52 -12.10
CA SER D 519 9.44 27.82 -12.31
C SER D 519 10.83 27.57 -12.90
N LEU D 520 11.54 26.60 -12.32
CA LEU D 520 12.85 26.22 -12.90
C LEU D 520 12.68 26.05 -14.40
N PHE D 521 11.67 25.30 -14.82
CA PHE D 521 11.62 25.06 -16.29
C PHE D 521 11.14 26.22 -17.09
N ILE D 522 10.14 26.96 -16.63
CA ILE D 522 9.71 28.07 -17.54
C ILE D 522 10.96 28.93 -17.77
N ALA D 523 11.93 28.91 -16.86
CA ALA D 523 13.22 29.58 -17.14
C ALA D 523 13.91 28.80 -18.25
N LEU D 524 13.79 27.48 -18.23
CA LEU D 524 14.55 26.64 -19.20
C LEU D 524 13.82 26.66 -20.55
N ILE D 525 12.63 27.25 -20.60
CA ILE D 525 11.93 27.36 -21.91
C ILE D 525 12.10 28.81 -22.39
N THR D 526 12.45 29.72 -21.49
CA THR D 526 12.77 31.10 -21.94
C THR D 526 14.19 31.12 -22.48
N GLY D 527 15.22 30.87 -21.66
CA GLY D 527 16.62 30.85 -22.11
C GLY D 527 16.73 30.31 -23.53
N ALA D 528 15.97 29.25 -23.82
CA ALA D 528 15.96 28.70 -25.21
C ALA D 528 15.42 29.75 -26.17
C16 ZB4 E . -3.65 25.33 -4.94
C17 ZB4 E . -4.88 23.59 -2.11
C18 ZB4 E . -3.79 24.05 -1.37
C19 ZB4 E . -3.70 23.74 -0.02
C20 ZB4 E . -4.66 22.97 0.58
C21 ZB4 E . -5.74 22.52 -0.15
C22 ZB4 E . -5.84 22.83 -1.49
C01 ZB4 E . 1.53 27.46 -2.41
C02 ZB4 E . 1.18 27.44 -3.76
C03 ZB4 E . 2.10 27.83 -4.72
C05 ZB4 E . 3.71 28.28 -2.99
C06 ZB4 E . 2.80 27.88 -2.03
C07 ZB4 E . -1.08 24.61 -5.78
C08 ZB4 E . 0.10 23.91 -6.41
C09 ZB4 E . 0.22 22.44 -5.91
C23 ZB4 E . -1.77 25.15 -1.02
C04 ZB4 E . 3.36 28.25 -4.32
C10 ZB4 E . -0.98 21.60 -6.39
C11 ZB4 E . -2.21 22.45 -6.58
C12 ZB4 E . -2.28 23.66 -5.59
C13 ZB4 E . -4.51 23.47 -5.94
C14 ZB4 E . -4.97 22.90 -4.59
C15 ZB4 E . -4.95 25.20 -4.13
N01 ZB4 E . -0.62 25.16 -4.46
N02 ZB4 E . -3.46 24.33 -5.84
N03 ZB4 E . -5.05 23.88 -3.55
O01 ZB4 E . -0.94 27.56 -5.47
O02 ZB4 E . -1.50 27.37 -3.33
O03 ZB4 E . -2.80 24.82 -1.93
S01 ZB4 E . -0.51 26.88 -4.27
C16 ZB4 F . -9.04 11.34 -21.59
C17 ZB4 F . -10.60 8.68 -19.86
C18 ZB4 F . -11.44 9.59 -19.21
C19 ZB4 F . -12.41 9.15 -18.35
C20 ZB4 F . -12.58 7.81 -18.11
C21 ZB4 F . -11.76 6.90 -18.74
C22 ZB4 F . -10.77 7.34 -19.61
C01 ZB4 F . -12.07 15.97 -18.94
C02 ZB4 F . -10.92 16.04 -19.71
C03 ZB4 F . -10.27 17.25 -19.88
C05 ZB4 F . -11.91 18.33 -18.49
C06 ZB4 F . -12.56 17.12 -18.32
C07 ZB4 F . -7.84 13.29 -19.98
C08 ZB4 F . -6.88 14.06 -19.09
C09 ZB4 F . -6.55 13.26 -17.81
C23 ZB4 F . -12.21 11.71 -18.64
C04 ZB4 F . -10.77 18.39 -19.27
C10 ZB4 F . -5.74 11.99 -18.13
C11 ZB4 F . -6.08 11.48 -19.52
C12 ZB4 F . -7.54 11.77 -19.94
C13 ZB4 F . -7.25 9.95 -21.26
C14 ZB4 F . -8.13 8.91 -20.53
C15 ZB4 F . -9.71 9.99 -21.90
N01 ZB4 F . -9.23 13.58 -19.51
N02 ZB4 F . -7.74 11.23 -21.19
N03 ZB4 F . -9.54 9.08 -20.80
O01 ZB4 F . -9.61 14.83 -21.79
O02 ZB4 F . -11.37 13.70 -21.03
O03 ZB4 F . -11.31 10.96 -19.42
S01 ZB4 F . -10.27 14.51 -20.54
C16 ZB4 G . 12.18 4.33 -22.59
C17 ZB4 G . 12.00 1.22 -20.90
C18 ZB4 G . 10.95 0.84 -21.72
C19 ZB4 G . 10.40 -0.43 -21.60
C20 ZB4 G . 10.89 -1.31 -20.67
C21 ZB4 G . 11.94 -0.94 -19.86
C22 ZB4 G . 12.49 0.33 -19.99
C01 ZB4 G . 7.38 3.51 -26.33
C02 ZB4 G . 8.06 4.69 -26.06
C03 ZB4 G . 7.60 5.89 -26.58
C05 ZB4 G . 5.78 4.73 -27.65
C06 ZB4 G . 6.24 3.54 -27.13
C07 ZB4 G . 9.84 5.87 -22.51
C08 ZB4 G . 8.73 6.80 -22.09
C09 ZB4 G . 8.05 6.31 -20.77
C23 ZB4 G . 9.33 1.13 -23.36
C04 ZB4 G . 6.46 5.90 -27.38
C10 ZB4 G . 9.02 6.40 -19.58
C11 ZB4 G . 10.46 6.24 -20.04
C12 ZB4 G . 10.62 5.31 -21.28
C13 ZB4 G . 12.69 4.97 -20.44
C14 ZB4 G . 12.57 3.53 -19.93
C15 ZB4 G . 13.10 3.17 -22.19
N01 ZB4 G . 9.23 4.76 -23.31
N02 ZB4 G . 11.95 5.21 -21.58
N03 ZB4 G . 12.66 2.55 -20.97
O01 ZB4 G . 10.52 5.71 -25.39
O02 ZB4 G . 10.37 3.48 -25.30
O03 ZB4 G . 10.42 1.69 -22.67
S01 ZB4 G . 9.58 4.67 -25.01
C16 ZB4 H . 17.56 18.26 -5.93
C17 ZB4 H . 17.73 16.07 -3.16
C18 ZB4 H . 18.59 15.23 -3.87
C19 ZB4 H . 19.12 14.11 -3.28
C20 ZB4 H . 18.81 13.79 -1.98
C21 ZB4 H . 17.97 14.62 -1.27
C22 ZB4 H . 17.43 15.75 -1.87
C01 ZB4 H . 20.98 14.94 -9.82
C02 ZB4 H . 20.17 16.04 -10.11
C03 ZB4 H . 19.97 16.42 -11.42
C05 ZB4 H . 21.40 14.63 -12.16
C06 ZB4 H . 21.60 14.25 -10.84
C07 ZB4 H . 16.61 17.13 -8.30
C08 ZB4 H . 15.71 16.58 -9.40
C09 ZB4 H . 14.82 15.43 -8.88
C23 ZB4 H . 19.77 14.50 -5.75
C04 ZB4 H . 20.59 15.71 -12.45
C10 ZB4 H . 13.80 15.94 -7.85
C11 ZB4 H . 14.33 17.16 -7.11
C12 ZB4 H . 15.88 17.14 -6.94
C13 ZB4 H . 15.43 18.42 -5.13
C14 ZB4 H . 15.74 17.45 -3.99
C15 ZB4 H . 17.88 18.31 -4.43
N01 ZB4 H . 17.83 16.27 -8.25
N02 ZB4 H . 16.24 18.26 -6.22
N03 ZB4 H . 17.14 17.29 -3.72
O01 ZB4 H . 19.18 18.38 -9.09
O02 ZB4 H . 20.25 17.10 -7.61
O03 ZB4 H . 18.93 15.50 -5.19
S01 ZB4 H . 19.34 16.98 -8.74
#